data_1MZB
# 
_entry.id   1MZB 
# 
_audit_conform.dict_name       mmcif_pdbx.dic 
_audit_conform.dict_version    5.386 
_audit_conform.dict_location   http://mmcif.pdb.org/dictionaries/ascii/mmcif_pdbx.dic 
# 
loop_
_database_2.database_id 
_database_2.database_code 
_database_2.pdbx_database_accession 
_database_2.pdbx_DOI 
PDB   1MZB         pdb_00001mzb 10.2210/pdb1mzb/pdb 
RCSB  RCSB017325   ?            ?                   
WWPDB D_1000017325 ?            ?                   
# 
loop_
_pdbx_audit_revision_history.ordinal 
_pdbx_audit_revision_history.data_content_type 
_pdbx_audit_revision_history.major_revision 
_pdbx_audit_revision_history.minor_revision 
_pdbx_audit_revision_history.revision_date 
1 'Structure model' 1 0 2003-10-07 
2 'Structure model' 1 1 2008-04-28 
3 'Structure model' 1 2 2011-07-13 
4 'Structure model' 1 3 2017-10-11 
5 'Structure model' 1 4 2024-02-14 
# 
_pdbx_audit_revision_details.ordinal             1 
_pdbx_audit_revision_details.revision_ordinal    1 
_pdbx_audit_revision_details.data_content_type   'Structure model' 
_pdbx_audit_revision_details.provider            repository 
_pdbx_audit_revision_details.type                'Initial release' 
_pdbx_audit_revision_details.description         ? 
_pdbx_audit_revision_details.details             ? 
# 
loop_
_pdbx_audit_revision_group.ordinal 
_pdbx_audit_revision_group.revision_ordinal 
_pdbx_audit_revision_group.data_content_type 
_pdbx_audit_revision_group.group 
1 2 'Structure model' 'Version format compliance' 
2 3 'Structure model' 'Derived calculations'      
3 3 'Structure model' 'Version format compliance' 
4 4 'Structure model' 'Refinement description'    
5 5 'Structure model' 'Data collection'           
6 5 'Structure model' 'Database references'       
7 5 'Structure model' 'Derived calculations'      
# 
loop_
_pdbx_audit_revision_category.ordinal 
_pdbx_audit_revision_category.revision_ordinal 
_pdbx_audit_revision_category.data_content_type 
_pdbx_audit_revision_category.category 
1 4 'Structure model' software               
2 5 'Structure model' chem_comp_atom         
3 5 'Structure model' chem_comp_bond         
4 5 'Structure model' database_2             
5 5 'Structure model' diffrn_source          
6 5 'Structure model' pdbx_struct_conn_angle 
7 5 'Structure model' struct_conn            
8 5 'Structure model' struct_ref_seq_dif     
9 5 'Structure model' struct_site            
# 
loop_
_pdbx_audit_revision_item.ordinal 
_pdbx_audit_revision_item.revision_ordinal 
_pdbx_audit_revision_item.data_content_type 
_pdbx_audit_revision_item.item 
1  5 'Structure model' '_database_2.pdbx_DOI'                        
2  5 'Structure model' '_database_2.pdbx_database_accession'         
3  5 'Structure model' '_diffrn_source.pdbx_synchrotron_site'        
4  5 'Structure model' '_pdbx_struct_conn_angle.ptnr1_auth_comp_id'  
5  5 'Structure model' '_pdbx_struct_conn_angle.ptnr1_auth_seq_id'   
6  5 'Structure model' '_pdbx_struct_conn_angle.ptnr1_label_asym_id' 
7  5 'Structure model' '_pdbx_struct_conn_angle.ptnr1_label_atom_id' 
8  5 'Structure model' '_pdbx_struct_conn_angle.ptnr1_label_comp_id' 
9  5 'Structure model' '_pdbx_struct_conn_angle.ptnr1_label_seq_id'  
10 5 'Structure model' '_pdbx_struct_conn_angle.ptnr1_symmetry'      
11 5 'Structure model' '_pdbx_struct_conn_angle.ptnr2_auth_seq_id'   
12 5 'Structure model' '_pdbx_struct_conn_angle.ptnr2_label_asym_id' 
13 5 'Structure model' '_pdbx_struct_conn_angle.ptnr3_auth_comp_id'  
14 5 'Structure model' '_pdbx_struct_conn_angle.ptnr3_auth_seq_id'   
15 5 'Structure model' '_pdbx_struct_conn_angle.ptnr3_label_asym_id' 
16 5 'Structure model' '_pdbx_struct_conn_angle.ptnr3_label_atom_id' 
17 5 'Structure model' '_pdbx_struct_conn_angle.ptnr3_label_comp_id' 
18 5 'Structure model' '_pdbx_struct_conn_angle.ptnr3_label_seq_id'  
19 5 'Structure model' '_pdbx_struct_conn_angle.ptnr3_symmetry'      
20 5 'Structure model' '_pdbx_struct_conn_angle.value'               
21 5 'Structure model' '_struct_conn.pdbx_dist_value'                
22 5 'Structure model' '_struct_conn.ptnr1_auth_comp_id'             
23 5 'Structure model' '_struct_conn.ptnr1_auth_seq_id'              
24 5 'Structure model' '_struct_conn.ptnr1_label_asym_id'            
25 5 'Structure model' '_struct_conn.ptnr1_label_atom_id'            
26 5 'Structure model' '_struct_conn.ptnr1_label_comp_id'            
27 5 'Structure model' '_struct_conn.ptnr1_label_seq_id'             
28 5 'Structure model' '_struct_conn.ptnr1_symmetry'                 
29 5 'Structure model' '_struct_conn.ptnr2_auth_comp_id'             
30 5 'Structure model' '_struct_conn.ptnr2_auth_seq_id'              
31 5 'Structure model' '_struct_conn.ptnr2_label_asym_id'            
32 5 'Structure model' '_struct_conn.ptnr2_label_atom_id'            
33 5 'Structure model' '_struct_conn.ptnr2_label_comp_id'            
34 5 'Structure model' '_struct_conn.ptnr2_label_seq_id'             
35 5 'Structure model' '_struct_conn.ptnr2_symmetry'                 
36 5 'Structure model' '_struct_ref_seq_dif.details'                 
37 5 'Structure model' '_struct_site.pdbx_auth_asym_id'              
38 5 'Structure model' '_struct_site.pdbx_auth_comp_id'              
39 5 'Structure model' '_struct_site.pdbx_auth_seq_id'               
# 
_pdbx_database_status.status_code                     REL 
_pdbx_database_status.entry_id                        1MZB 
_pdbx_database_status.recvd_initial_deposition_date   2002-10-07 
_pdbx_database_status.deposit_site                    RCSB 
_pdbx_database_status.process_site                    RCSB 
_pdbx_database_status.status_code_sf                  REL 
_pdbx_database_status.SG_entry                        . 
_pdbx_database_status.pdb_format_compatible           Y 
_pdbx_database_status.status_code_mr                  ? 
_pdbx_database_status.status_code_cs                  ? 
_pdbx_database_status.methods_development_category    ? 
_pdbx_database_status.status_code_nmr_data            ? 
# 
loop_
_audit_author.name 
_audit_author.pdbx_ordinal 
'Pohl, E.'     1 
'Vasil, M.L.'  2 
'Haller, J.C.' 3 
# 
_citation.id                        primary 
_citation.title                     
'Architecture of a protein central to iron homeostatis: Crystal structure and spectroscopic analysis of the Ferric uptake regulator' 
_citation.journal_abbrev            Mol.Microbiol. 
_citation.journal_volume            47 
_citation.page_first                903 
_citation.page_last                 915 
_citation.year                      2003 
_citation.journal_id_ASTM           MOMIEE 
_citation.country                   UK 
_citation.journal_id_ISSN           0950-382X 
_citation.journal_id_CSD            2007 
_citation.book_publisher            ? 
_citation.pdbx_database_id_PubMed   12581348 
_citation.pdbx_database_id_DOI      10.1046/j.1365-2958.2003.03337.x 
# 
loop_
_citation_author.citation_id 
_citation_author.name 
_citation_author.ordinal 
_citation_author.identifier_ORCID 
primary 'Pohl, E.'          1 ? 
primary 'Haller, J.C.'      2 ? 
primary 'Mijovilovich, A.'  3 ? 
primary 'Meyer-Klaucke, W.' 4 ? 
primary 'Garman, E.'        5 ? 
primary 'Vasil, M.L.'       6 ? 
# 
loop_
_entity.id 
_entity.type 
_entity.src_method 
_entity.pdbx_description 
_entity.formula_weight 
_entity.pdbx_number_of_molecules 
_entity.pdbx_ec 
_entity.pdbx_mutation 
_entity.pdbx_fragment 
_entity.details 
1 polymer     man 'ferric uptake regulation protein' 15403.638 1   ? ? ? ? 
2 non-polymer syn 'ZINC ION'                         65.409    4   ? ? ? ? 
3 water       nat water                              18.015    126 ? ? ? ? 
# 
_entity_name_com.entity_id   1 
_entity_name_com.name        'ferric uptake regulator' 
# 
_entity_poly.entity_id                      1 
_entity_poly.type                           'polypeptide(L)' 
_entity_poly.nstd_linkage                   no 
_entity_poly.nstd_monomer                   no 
_entity_poly.pdbx_seq_one_letter_code       
;GSMVENSELRKAGLKVTLPRVKILQMLDSAEQRHMSAEDVYKALMEAGEDVGLATVYRVLTQFEAAGLVVRHNFDGGHAV
FELADSGHHDHMVCVDTGEVIEFMDAEIEKRQKEIVRERGFELVDHNLVLYVRKKK
;
_entity_poly.pdbx_seq_one_letter_code_can   
;GSMVENSELRKAGLKVTLPRVKILQMLDSAEQRHMSAEDVYKALMEAGEDVGLATVYRVLTQFEAAGLVVRHNFDGGHAV
FELADSGHHDHMVCVDTGEVIEFMDAEIEKRQKEIVRERGFELVDHNLVLYVRKKK
;
_entity_poly.pdbx_strand_id                 A 
_entity_poly.pdbx_target_identifier         ? 
# 
loop_
_pdbx_entity_nonpoly.entity_id 
_pdbx_entity_nonpoly.name 
_pdbx_entity_nonpoly.comp_id 
2 'ZINC ION' ZN  
3 water      HOH 
# 
loop_
_entity_poly_seq.entity_id 
_entity_poly_seq.num 
_entity_poly_seq.mon_id 
_entity_poly_seq.hetero 
1 1   GLY n 
1 2   SER n 
1 3   MET n 
1 4   VAL n 
1 5   GLU n 
1 6   ASN n 
1 7   SER n 
1 8   GLU n 
1 9   LEU n 
1 10  ARG n 
1 11  LYS n 
1 12  ALA n 
1 13  GLY n 
1 14  LEU n 
1 15  LYS n 
1 16  VAL n 
1 17  THR n 
1 18  LEU n 
1 19  PRO n 
1 20  ARG n 
1 21  VAL n 
1 22  LYS n 
1 23  ILE n 
1 24  LEU n 
1 25  GLN n 
1 26  MET n 
1 27  LEU n 
1 28  ASP n 
1 29  SER n 
1 30  ALA n 
1 31  GLU n 
1 32  GLN n 
1 33  ARG n 
1 34  HIS n 
1 35  MET n 
1 36  SER n 
1 37  ALA n 
1 38  GLU n 
1 39  ASP n 
1 40  VAL n 
1 41  TYR n 
1 42  LYS n 
1 43  ALA n 
1 44  LEU n 
1 45  MET n 
1 46  GLU n 
1 47  ALA n 
1 48  GLY n 
1 49  GLU n 
1 50  ASP n 
1 51  VAL n 
1 52  GLY n 
1 53  LEU n 
1 54  ALA n 
1 55  THR n 
1 56  VAL n 
1 57  TYR n 
1 58  ARG n 
1 59  VAL n 
1 60  LEU n 
1 61  THR n 
1 62  GLN n 
1 63  PHE n 
1 64  GLU n 
1 65  ALA n 
1 66  ALA n 
1 67  GLY n 
1 68  LEU n 
1 69  VAL n 
1 70  VAL n 
1 71  ARG n 
1 72  HIS n 
1 73  ASN n 
1 74  PHE n 
1 75  ASP n 
1 76  GLY n 
1 77  GLY n 
1 78  HIS n 
1 79  ALA n 
1 80  VAL n 
1 81  PHE n 
1 82  GLU n 
1 83  LEU n 
1 84  ALA n 
1 85  ASP n 
1 86  SER n 
1 87  GLY n 
1 88  HIS n 
1 89  HIS n 
1 90  ASP n 
1 91  HIS n 
1 92  MET n 
1 93  VAL n 
1 94  CYS n 
1 95  VAL n 
1 96  ASP n 
1 97  THR n 
1 98  GLY n 
1 99  GLU n 
1 100 VAL n 
1 101 ILE n 
1 102 GLU n 
1 103 PHE n 
1 104 MET n 
1 105 ASP n 
1 106 ALA n 
1 107 GLU n 
1 108 ILE n 
1 109 GLU n 
1 110 LYS n 
1 111 ARG n 
1 112 GLN n 
1 113 LYS n 
1 114 GLU n 
1 115 ILE n 
1 116 VAL n 
1 117 ARG n 
1 118 GLU n 
1 119 ARG n 
1 120 GLY n 
1 121 PHE n 
1 122 GLU n 
1 123 LEU n 
1 124 VAL n 
1 125 ASP n 
1 126 HIS n 
1 127 ASN n 
1 128 LEU n 
1 129 VAL n 
1 130 LEU n 
1 131 TYR n 
1 132 VAL n 
1 133 ARG n 
1 134 LYS n 
1 135 LYS n 
1 136 LYS n 
# 
_entity_src_gen.entity_id                          1 
_entity_src_gen.pdbx_src_id                        1 
_entity_src_gen.pdbx_alt_source_flag               sample 
_entity_src_gen.pdbx_seq_type                      ? 
_entity_src_gen.pdbx_beg_seq_num                   ? 
_entity_src_gen.pdbx_end_seq_num                   ? 
_entity_src_gen.gene_src_common_name               ? 
_entity_src_gen.gene_src_genus                     Pseudomonas 
_entity_src_gen.pdbx_gene_src_gene                 ? 
_entity_src_gen.gene_src_species                   ? 
_entity_src_gen.gene_src_strain                    ? 
_entity_src_gen.gene_src_tissue                    ? 
_entity_src_gen.gene_src_tissue_fraction           ? 
_entity_src_gen.gene_src_details                   ? 
_entity_src_gen.pdbx_gene_src_fragment             ? 
_entity_src_gen.pdbx_gene_src_scientific_name      'Pseudomonas aeruginosa' 
_entity_src_gen.pdbx_gene_src_ncbi_taxonomy_id     287 
_entity_src_gen.pdbx_gene_src_variant              ? 
_entity_src_gen.pdbx_gene_src_cell_line            ? 
_entity_src_gen.pdbx_gene_src_atcc                 ? 
_entity_src_gen.pdbx_gene_src_organ                ? 
_entity_src_gen.pdbx_gene_src_organelle            ? 
_entity_src_gen.pdbx_gene_src_cell                 ? 
_entity_src_gen.pdbx_gene_src_cellular_location    ? 
_entity_src_gen.host_org_common_name               ? 
_entity_src_gen.pdbx_host_org_scientific_name      'Escherichia coli' 
_entity_src_gen.pdbx_host_org_ncbi_taxonomy_id     562 
_entity_src_gen.host_org_genus                     Escherichia 
_entity_src_gen.pdbx_host_org_gene                 ? 
_entity_src_gen.pdbx_host_org_organ                ? 
_entity_src_gen.host_org_species                   ? 
_entity_src_gen.pdbx_host_org_tissue               ? 
_entity_src_gen.pdbx_host_org_tissue_fraction      ? 
_entity_src_gen.pdbx_host_org_strain               ? 
_entity_src_gen.pdbx_host_org_variant              ? 
_entity_src_gen.pdbx_host_org_cell_line            ? 
_entity_src_gen.pdbx_host_org_atcc                 ? 
_entity_src_gen.pdbx_host_org_culture_collection   ? 
_entity_src_gen.pdbx_host_org_cell                 ? 
_entity_src_gen.pdbx_host_org_organelle            ? 
_entity_src_gen.pdbx_host_org_cellular_location    ? 
_entity_src_gen.pdbx_host_org_vector_type          ? 
_entity_src_gen.pdbx_host_org_vector               ? 
_entity_src_gen.host_org_details                   ? 
_entity_src_gen.expression_system_id               ? 
_entity_src_gen.plasmid_name                       ? 
_entity_src_gen.plasmid_details                    ? 
_entity_src_gen.pdbx_description                   ? 
# 
loop_
_chem_comp.id 
_chem_comp.type 
_chem_comp.mon_nstd_flag 
_chem_comp.name 
_chem_comp.pdbx_synonyms 
_chem_comp.formula 
_chem_comp.formula_weight 
ALA 'L-peptide linking' y ALANINE         ? 'C3 H7 N O2'     89.093  
ARG 'L-peptide linking' y ARGININE        ? 'C6 H15 N4 O2 1' 175.209 
ASN 'L-peptide linking' y ASPARAGINE      ? 'C4 H8 N2 O3'    132.118 
ASP 'L-peptide linking' y 'ASPARTIC ACID' ? 'C4 H7 N O4'     133.103 
CYS 'L-peptide linking' y CYSTEINE        ? 'C3 H7 N O2 S'   121.158 
GLN 'L-peptide linking' y GLUTAMINE       ? 'C5 H10 N2 O3'   146.144 
GLU 'L-peptide linking' y 'GLUTAMIC ACID' ? 'C5 H9 N O4'     147.129 
GLY 'peptide linking'   y GLYCINE         ? 'C2 H5 N O2'     75.067  
HIS 'L-peptide linking' y HISTIDINE       ? 'C6 H10 N3 O2 1' 156.162 
HOH non-polymer         . WATER           ? 'H2 O'           18.015  
ILE 'L-peptide linking' y ISOLEUCINE      ? 'C6 H13 N O2'    131.173 
LEU 'L-peptide linking' y LEUCINE         ? 'C6 H13 N O2'    131.173 
LYS 'L-peptide linking' y LYSINE          ? 'C6 H15 N2 O2 1' 147.195 
MET 'L-peptide linking' y METHIONINE      ? 'C5 H11 N O2 S'  149.211 
PHE 'L-peptide linking' y PHENYLALANINE   ? 'C9 H11 N O2'    165.189 
PRO 'L-peptide linking' y PROLINE         ? 'C5 H9 N O2'     115.130 
SER 'L-peptide linking' y SERINE          ? 'C3 H7 N O3'     105.093 
THR 'L-peptide linking' y THREONINE       ? 'C4 H9 N O3'     119.119 
TYR 'L-peptide linking' y TYROSINE        ? 'C9 H11 N O3'    181.189 
VAL 'L-peptide linking' y VALINE          ? 'C5 H11 N O2'    117.146 
ZN  non-polymer         . 'ZINC ION'      ? 'Zn 2'           65.409  
# 
loop_
_pdbx_poly_seq_scheme.asym_id 
_pdbx_poly_seq_scheme.entity_id 
_pdbx_poly_seq_scheme.seq_id 
_pdbx_poly_seq_scheme.mon_id 
_pdbx_poly_seq_scheme.ndb_seq_num 
_pdbx_poly_seq_scheme.pdb_seq_num 
_pdbx_poly_seq_scheme.auth_seq_num 
_pdbx_poly_seq_scheme.pdb_mon_id 
_pdbx_poly_seq_scheme.auth_mon_id 
_pdbx_poly_seq_scheme.pdb_strand_id 
_pdbx_poly_seq_scheme.pdb_ins_code 
_pdbx_poly_seq_scheme.hetero 
A 1 1   GLY 1   -1  ?   ?   ?   A . n 
A 1 2   SER 2   0   ?   ?   ?   A . n 
A 1 3   MET 3   1   1   MET MET A . n 
A 1 4   VAL 4   2   2   VAL VAL A . n 
A 1 5   GLU 5   3   3   GLU GLU A . n 
A 1 6   ASN 6   4   4   ASN ASN A . n 
A 1 7   SER 7   5   5   SER SER A . n 
A 1 8   GLU 8   6   6   GLU GLU A . n 
A 1 9   LEU 9   7   7   LEU LEU A . n 
A 1 10  ARG 10  8   8   ARG ARG A . n 
A 1 11  LYS 11  9   9   LYS LYS A . n 
A 1 12  ALA 12  10  10  ALA ALA A . n 
A 1 13  GLY 13  11  11  GLY GLY A . n 
A 1 14  LEU 14  12  12  LEU LEU A . n 
A 1 15  LYS 15  13  13  LYS ALA A . n 
A 1 16  VAL 16  14  14  VAL VAL A . n 
A 1 17  THR 17  15  15  THR THR A . n 
A 1 18  LEU 18  16  16  LEU LEU A . n 
A 1 19  PRO 19  17  17  PRO PRO A . n 
A 1 20  ARG 20  18  18  ARG ARG A . n 
A 1 21  VAL 21  19  19  VAL VAL A . n 
A 1 22  LYS 22  20  20  LYS LYS A . n 
A 1 23  ILE 23  21  21  ILE ILE A . n 
A 1 24  LEU 24  22  22  LEU LEU A . n 
A 1 25  GLN 25  23  23  GLN GLN A . n 
A 1 26  MET 26  24  24  MET MET A . n 
A 1 27  LEU 27  25  25  LEU LEU A . n 
A 1 28  ASP 28  26  26  ASP ASP A . n 
A 1 29  SER 29  27  27  SER SER A . n 
A 1 30  ALA 30  28  28  ALA ALA A . n 
A 1 31  GLU 31  29  ?   ?   ?   A . n 
A 1 32  GLN 32  30  30  GLN GLN A . n 
A 1 33  ARG 33  31  31  ARG ARG A . n 
A 1 34  HIS 34  32  32  HIS HIS A . n 
A 1 35  MET 35  33  33  MET MET A . n 
A 1 36  SER 36  34  34  SER SER A . n 
A 1 37  ALA 37  35  35  ALA ALA A . n 
A 1 38  GLU 38  36  36  GLU GLU A . n 
A 1 39  ASP 39  37  37  ASP ASP A . n 
A 1 40  VAL 40  38  38  VAL VAL A . n 
A 1 41  TYR 41  39  39  TYR TYR A . n 
A 1 42  LYS 42  40  40  LYS LYS A . n 
A 1 43  ALA 43  41  41  ALA ALA A . n 
A 1 44  LEU 44  42  42  LEU LEU A . n 
A 1 45  MET 45  43  43  MET MET A . n 
A 1 46  GLU 46  44  44  GLU GLU A . n 
A 1 47  ALA 47  45  45  ALA ALA A . n 
A 1 48  GLY 48  46  46  GLY GLY A . n 
A 1 49  GLU 49  47  47  GLU GLU A . n 
A 1 50  ASP 50  48  48  ASP ASP A . n 
A 1 51  VAL 51  49  49  VAL VAL A . n 
A 1 52  GLY 52  50  50  GLY GLY A . n 
A 1 53  LEU 53  51  51  LEU LEU A . n 
A 1 54  ALA 54  52  52  ALA ALA A . n 
A 1 55  THR 55  53  53  THR THR A . n 
A 1 56  VAL 56  54  54  VAL VAL A . n 
A 1 57  TYR 57  55  55  TYR TYR A . n 
A 1 58  ARG 58  56  56  ARG ARG A . n 
A 1 59  VAL 59  57  57  VAL VAL A . n 
A 1 60  LEU 60  58  58  LEU LEU A . n 
A 1 61  THR 61  59  59  THR THR A . n 
A 1 62  GLN 62  60  60  GLN GLN A . n 
A 1 63  PHE 63  61  61  PHE PHE A . n 
A 1 64  GLU 64  62  62  GLU GLU A . n 
A 1 65  ALA 65  63  63  ALA ALA A . n 
A 1 66  ALA 66  64  64  ALA ALA A . n 
A 1 67  GLY 67  65  65  GLY GLY A . n 
A 1 68  LEU 68  66  66  LEU LEU A . n 
A 1 69  VAL 69  67  67  VAL VAL A . n 
A 1 70  VAL 70  68  68  VAL VAL A . n 
A 1 71  ARG 71  69  69  ARG ARG A . n 
A 1 72  HIS 72  70  70  HIS HIS A . n 
A 1 73  ASN 73  71  71  ASN ASN A . n 
A 1 74  PHE 74  72  72  PHE PHE A . n 
A 1 75  ASP 75  73  73  ASP ASP A . n 
A 1 76  GLY 76  74  74  GLY GLY A . n 
A 1 77  GLY 77  75  75  GLY GLY A . n 
A 1 78  HIS 78  76  76  HIS HIS A . n 
A 1 79  ALA 79  77  77  ALA ALA A . n 
A 1 80  VAL 80  78  78  VAL VAL A . n 
A 1 81  PHE 81  79  79  PHE PHE A . n 
A 1 82  GLU 82  80  80  GLU GLU A . n 
A 1 83  LEU 83  81  81  LEU LEU A . n 
A 1 84  ALA 84  82  82  ALA ALA A . n 
A 1 85  ASP 85  83  83  ASP ASP A . n 
A 1 86  SER 86  84  84  SER SER A . n 
A 1 87  GLY 87  85  85  GLY GLY A . n 
A 1 88  HIS 88  86  86  HIS HIS A . n 
A 1 89  HIS 89  87  87  HIS ALA A . n 
A 1 90  ASP 90  88  88  ASP ASP A . n 
A 1 91  HIS 91  89  89  HIS HIS A . n 
A 1 92  MET 92  90  90  MET MET A . n 
A 1 93  VAL 93  91  91  VAL VAL A . n 
A 1 94  CYS 94  92  92  CYS CYS A . n 
A 1 95  VAL 95  93  93  VAL VAL A . n 
A 1 96  ASP 96  94  94  ASP ASP A . n 
A 1 97  THR 97  95  95  THR THR A . n 
A 1 98  GLY 98  96  96  GLY GLY A . n 
A 1 99  GLU 99  97  97  GLU GLU A . n 
A 1 100 VAL 100 98  98  VAL VAL A . n 
A 1 101 ILE 101 99  99  ILE ILE A . n 
A 1 102 GLU 102 100 100 GLU GLU A . n 
A 1 103 PHE 103 101 101 PHE PHE A . n 
A 1 104 MET 104 102 102 MET MET A . n 
A 1 105 ASP 105 103 103 ASP ASP A . n 
A 1 106 ALA 106 104 104 ALA ALA A . n 
A 1 107 GLU 107 105 105 GLU GLU A . n 
A 1 108 ILE 108 106 106 ILE ILE A . n 
A 1 109 GLU 109 107 107 GLU GLU A . n 
A 1 110 LYS 110 108 108 LYS LYS A . n 
A 1 111 ARG 111 109 109 ARG ARG A . n 
A 1 112 GLN 112 110 110 GLN GLN A . n 
A 1 113 LYS 113 111 111 LYS LYS A . n 
A 1 114 GLU 114 112 112 GLU GLU A . n 
A 1 115 ILE 115 113 113 ILE ILE A . n 
A 1 116 VAL 116 114 114 VAL VAL A . n 
A 1 117 ARG 117 115 115 ARG ARG A . n 
A 1 118 GLU 118 116 116 GLU GLU A . n 
A 1 119 ARG 119 117 117 ARG ARG A . n 
A 1 120 GLY 120 118 118 GLY GLY A . n 
A 1 121 PHE 121 119 119 PHE PHE A . n 
A 1 122 GLU 122 120 120 GLU GLU A . n 
A 1 123 LEU 123 121 121 LEU LEU A . n 
A 1 124 VAL 124 122 122 VAL VAL A . n 
A 1 125 ASP 125 123 123 ASP ASP A . n 
A 1 126 HIS 126 124 124 HIS HIS A . n 
A 1 127 ASN 127 125 125 ASN ASN A . n 
A 1 128 LEU 128 126 126 LEU LEU A . n 
A 1 129 VAL 129 127 127 VAL VAL A . n 
A 1 130 LEU 130 128 128 LEU LEU A . n 
A 1 131 TYR 131 129 129 TYR TYR A . n 
A 1 132 VAL 132 130 130 VAL VAL A . n 
A 1 133 ARG 133 131 131 ARG ARG A . n 
A 1 134 LYS 134 132 132 LYS ALA A . n 
A 1 135 LYS 135 133 133 LYS ALA A . n 
A 1 136 LYS 136 134 134 LYS ALA A . n 
# 
loop_
_pdbx_nonpoly_scheme.asym_id 
_pdbx_nonpoly_scheme.entity_id 
_pdbx_nonpoly_scheme.mon_id 
_pdbx_nonpoly_scheme.ndb_seq_num 
_pdbx_nonpoly_scheme.pdb_seq_num 
_pdbx_nonpoly_scheme.auth_seq_num 
_pdbx_nonpoly_scheme.pdb_mon_id 
_pdbx_nonpoly_scheme.auth_mon_id 
_pdbx_nonpoly_scheme.pdb_strand_id 
_pdbx_nonpoly_scheme.pdb_ins_code 
B 2 ZN  1   201  201  ZN  ZN  A . 
C 2 ZN  1   202  202  ZN  ZN  A . 
D 2 ZN  1   203  203  ZN  ZN  A . 
E 2 ZN  1   204  204  ZN  ZN  A . 
F 3 HOH 1   1001 1001 HOH TIP A . 
F 3 HOH 2   1002 1002 HOH TIP A . 
F 3 HOH 3   1003 1003 HOH TIP A . 
F 3 HOH 4   1004 1004 HOH TIP A . 
F 3 HOH 5   1005 1005 HOH TIP A . 
F 3 HOH 6   1006 1006 HOH TIP A . 
F 3 HOH 7   1007 1007 HOH TIP A . 
F 3 HOH 8   1008 1008 HOH TIP A . 
F 3 HOH 9   1009 1009 HOH TIP A . 
F 3 HOH 10  1010 1010 HOH TIP A . 
F 3 HOH 11  1011 1011 HOH TIP A . 
F 3 HOH 12  1012 1012 HOH TIP A . 
F 3 HOH 13  1013 1013 HOH TIP A . 
F 3 HOH 14  1014 1014 HOH TIP A . 
F 3 HOH 15  1015 1015 HOH TIP A . 
F 3 HOH 16  1016 1016 HOH TIP A . 
F 3 HOH 17  1017 1017 HOH TIP A . 
F 3 HOH 18  1018 1018 HOH TIP A . 
F 3 HOH 19  1019 1019 HOH TIP A . 
F 3 HOH 20  1020 1020 HOH TIP A . 
F 3 HOH 21  1021 1021 HOH TIP A . 
F 3 HOH 22  1022 1022 HOH TIP A . 
F 3 HOH 23  1023 1023 HOH TIP A . 
F 3 HOH 24  1024 1024 HOH TIP A . 
F 3 HOH 25  1025 1025 HOH TIP A . 
F 3 HOH 26  1026 1026 HOH TIP A . 
F 3 HOH 27  1027 1027 HOH TIP A . 
F 3 HOH 28  1028 1028 HOH TIP A . 
F 3 HOH 29  1029 1029 HOH TIP A . 
F 3 HOH 30  1030 1030 HOH TIP A . 
F 3 HOH 31  1031 1031 HOH TIP A . 
F 3 HOH 32  1032 1032 HOH TIP A . 
F 3 HOH 33  1033 1033 HOH TIP A . 
F 3 HOH 34  1034 1034 HOH TIP A . 
F 3 HOH 35  1035 1035 HOH TIP A . 
F 3 HOH 36  1036 1036 HOH TIP A . 
F 3 HOH 37  1037 1037 HOH TIP A . 
F 3 HOH 38  1038 1038 HOH TIP A . 
F 3 HOH 39  1039 1039 HOH TIP A . 
F 3 HOH 40  1040 1040 HOH TIP A . 
F 3 HOH 41  1041 1041 HOH TIP A . 
F 3 HOH 42  1042 1042 HOH TIP A . 
F 3 HOH 43  1043 1043 HOH TIP A . 
F 3 HOH 44  1044 1044 HOH TIP A . 
F 3 HOH 45  1045 1045 HOH TIP A . 
F 3 HOH 46  1046 1046 HOH TIP A . 
F 3 HOH 47  1047 1047 HOH TIP A . 
F 3 HOH 48  1048 1048 HOH TIP A . 
F 3 HOH 49  1049 1049 HOH TIP A . 
F 3 HOH 50  1050 1050 HOH TIP A . 
F 3 HOH 51  1051 1051 HOH TIP A . 
F 3 HOH 52  1052 1052 HOH TIP A . 
F 3 HOH 53  1053 1053 HOH TIP A . 
F 3 HOH 54  1054 1054 HOH TIP A . 
F 3 HOH 55  1055 1055 HOH TIP A . 
F 3 HOH 56  1056 1056 HOH TIP A . 
F 3 HOH 57  1057 1057 HOH TIP A . 
F 3 HOH 58  1058 1058 HOH TIP A . 
F 3 HOH 59  1059 1059 HOH TIP A . 
F 3 HOH 60  1060 1060 HOH TIP A . 
F 3 HOH 61  1061 1061 HOH TIP A . 
F 3 HOH 62  1062 1062 HOH TIP A . 
F 3 HOH 63  1063 1063 HOH TIP A . 
F 3 HOH 64  1064 1064 HOH TIP A . 
F 3 HOH 65  1065 1065 HOH TIP A . 
F 3 HOH 66  1066 1066 HOH TIP A . 
F 3 HOH 67  1067 1067 HOH TIP A . 
F 3 HOH 68  1068 1068 HOH TIP A . 
F 3 HOH 69  1069 1069 HOH TIP A . 
F 3 HOH 70  1070 1070 HOH TIP A . 
F 3 HOH 71  1071 1071 HOH TIP A . 
F 3 HOH 72  1072 1072 HOH TIP A . 
F 3 HOH 73  1073 1073 HOH TIP A . 
F 3 HOH 74  1074 1074 HOH TIP A . 
F 3 HOH 75  1075 1075 HOH TIP A . 
F 3 HOH 76  1076 1076 HOH TIP A . 
F 3 HOH 77  1077 1077 HOH TIP A . 
F 3 HOH 78  1078 1078 HOH TIP A . 
F 3 HOH 79  1079 1079 HOH TIP A . 
F 3 HOH 80  1080 1080 HOH TIP A . 
F 3 HOH 81  1081 1081 HOH TIP A . 
F 3 HOH 82  1082 1082 HOH TIP A . 
F 3 HOH 83  1083 1083 HOH TIP A . 
F 3 HOH 84  1084 1084 HOH TIP A . 
F 3 HOH 85  1085 1085 HOH TIP A . 
F 3 HOH 86  1086 1086 HOH TIP A . 
F 3 HOH 87  1087 1087 HOH TIP A . 
F 3 HOH 88  1088 1088 HOH TIP A . 
F 3 HOH 89  1089 1089 HOH TIP A . 
F 3 HOH 90  1090 1090 HOH TIP A . 
F 3 HOH 91  1091 1091 HOH TIP A . 
F 3 HOH 92  1092 1092 HOH TIP A . 
F 3 HOH 93  1093 1093 HOH TIP A . 
F 3 HOH 94  1094 1094 HOH TIP A . 
F 3 HOH 95  1095 1095 HOH TIP A . 
F 3 HOH 96  1096 1096 HOH TIP A . 
F 3 HOH 97  1097 1097 HOH TIP A . 
F 3 HOH 98  1098 1098 HOH TIP A . 
F 3 HOH 99  1099 1099 HOH TIP A . 
F 3 HOH 100 1100 1100 HOH TIP A . 
F 3 HOH 101 1101 1101 HOH TIP A . 
F 3 HOH 102 1102 1102 HOH TIP A . 
F 3 HOH 103 1103 1103 HOH TIP A . 
F 3 HOH 104 1104 1104 HOH TIP A . 
F 3 HOH 105 1105 1105 HOH TIP A . 
F 3 HOH 106 1106 1106 HOH TIP A . 
F 3 HOH 107 1107 1107 HOH TIP A . 
F 3 HOH 108 1108 1108 HOH TIP A . 
F 3 HOH 109 1109 1109 HOH TIP A . 
F 3 HOH 110 1110 1110 HOH TIP A . 
F 3 HOH 111 1111 1111 HOH TIP A . 
F 3 HOH 112 1112 1112 HOH TIP A . 
F 3 HOH 113 1113 1113 HOH TIP A . 
F 3 HOH 114 1114 1114 HOH TIP A . 
F 3 HOH 115 1115 1115 HOH TIP A . 
F 3 HOH 116 1116 1116 HOH TIP A . 
F 3 HOH 117 1117 1117 HOH TIP A . 
F 3 HOH 118 1118 1118 HOH TIP A . 
F 3 HOH 119 1119 1119 HOH TIP A . 
F 3 HOH 120 1120 1120 HOH TIP A . 
F 3 HOH 121 1121 1121 HOH TIP A . 
F 3 HOH 122 1122 1122 HOH TIP A . 
F 3 HOH 123 1123 1123 HOH TIP A . 
F 3 HOH 124 1124 1124 HOH TIP A . 
F 3 HOH 125 1125 1125 HOH TIP A . 
F 3 HOH 126 1136 1136 HOH TIP A . 
# 
loop_
_pdbx_unobs_or_zero_occ_atoms.id 
_pdbx_unobs_or_zero_occ_atoms.PDB_model_num 
_pdbx_unobs_or_zero_occ_atoms.polymer_flag 
_pdbx_unobs_or_zero_occ_atoms.occupancy_flag 
_pdbx_unobs_or_zero_occ_atoms.auth_asym_id 
_pdbx_unobs_or_zero_occ_atoms.auth_comp_id 
_pdbx_unobs_or_zero_occ_atoms.auth_seq_id 
_pdbx_unobs_or_zero_occ_atoms.PDB_ins_code 
_pdbx_unobs_or_zero_occ_atoms.auth_atom_id 
_pdbx_unobs_or_zero_occ_atoms.label_alt_id 
_pdbx_unobs_or_zero_occ_atoms.label_asym_id 
_pdbx_unobs_or_zero_occ_atoms.label_comp_id 
_pdbx_unobs_or_zero_occ_atoms.label_seq_id 
_pdbx_unobs_or_zero_occ_atoms.label_atom_id 
1  1 Y 1 A LYS 13  ? CG  ? A LYS 15  CG  
2  1 Y 1 A LYS 13  ? CD  ? A LYS 15  CD  
3  1 Y 1 A LYS 13  ? CE  ? A LYS 15  CE  
4  1 Y 1 A LYS 13  ? NZ  ? A LYS 15  NZ  
5  1 Y 1 A HIS 87  ? CG  ? A HIS 89  CG  
6  1 Y 1 A HIS 87  ? ND1 ? A HIS 89  ND1 
7  1 Y 1 A HIS 87  ? CD2 ? A HIS 89  CD2 
8  1 Y 1 A HIS 87  ? CE1 ? A HIS 89  CE1 
9  1 Y 1 A HIS 87  ? NE2 ? A HIS 89  NE2 
10 1 Y 1 A LYS 132 ? CG  ? A LYS 134 CG  
11 1 Y 1 A LYS 132 ? CD  ? A LYS 134 CD  
12 1 Y 1 A LYS 132 ? CE  ? A LYS 134 CE  
13 1 Y 1 A LYS 132 ? NZ  ? A LYS 134 NZ  
14 1 Y 1 A LYS 133 ? CG  ? A LYS 135 CG  
15 1 Y 1 A LYS 133 ? CD  ? A LYS 135 CD  
16 1 Y 1 A LYS 133 ? CE  ? A LYS 135 CE  
17 1 Y 1 A LYS 133 ? NZ  ? A LYS 135 NZ  
18 1 Y 1 A LYS 134 ? CG  ? A LYS 136 CG  
19 1 Y 1 A LYS 134 ? CD  ? A LYS 136 CD  
20 1 Y 1 A LYS 134 ? CE  ? A LYS 136 CE  
21 1 Y 1 A LYS 134 ? NZ  ? A LYS 136 NZ  
# 
loop_
_software.name 
_software.classification 
_software.version 
_software.citation_id 
_software.pdbx_ordinal 
MAR345    'data collection' . ? 1 
DENZO     'data reduction'  . ? 2 
SHELXS    phasing           . ? 3 
CNS       refinement        . ? 4 
SCALEPACK 'data scaling'    . ? 5 
# 
_cell.entry_id           1MZB 
_cell.length_a           63.300 
_cell.length_b           63.300 
_cell.length_c           180.100 
_cell.angle_alpha        90.00 
_cell.angle_beta         90.00 
_cell.angle_gamma        90.00 
_cell.Z_PDB              16 
_cell.pdbx_unique_axis   ? 
# 
_symmetry.entry_id                         1MZB 
_symmetry.space_group_name_H-M             'I 41 2 2' 
_symmetry.pdbx_full_space_group_name_H-M   ? 
_symmetry.cell_setting                     ? 
_symmetry.Int_Tables_number                98 
# 
_exptl.entry_id          1MZB 
_exptl.method            'X-RAY DIFFRACTION' 
_exptl.crystals_number   2 
# 
_exptl_crystal.id                    1 
_exptl_crystal.density_meas          ? 
_exptl_crystal.density_Matthews      2.93 
_exptl_crystal.density_percent_sol   57.99 
_exptl_crystal.description           ? 
# 
_exptl_crystal_grow.crystal_id      1 
_exptl_crystal_grow.method          'VAPOR DIFFUSION, HANGING DROP' 
_exptl_crystal_grow.temp            298 
_exptl_crystal_grow.temp_details    ? 
_exptl_crystal_grow.pH              7 
_exptl_crystal_grow.pdbx_details    'ethyleneglycol, ZnSO4, pH 7, VAPOR DIFFUSION, HANGING DROP, temperature 298K' 
_exptl_crystal_grow.pdbx_pH_range   . 
# 
loop_
_diffrn.id 
_diffrn.ambient_temp 
_diffrn.ambient_temp_details 
_diffrn.crystal_id 
1   100 ? 1 
2   100 ? 1 
1,2 ?   ? 1 
# 
loop_
_diffrn_detector.diffrn_id 
_diffrn_detector.detector 
_diffrn_detector.type 
_diffrn_detector.pdbx_collection_date 
_diffrn_detector.details 
1 CCD           MARRESEARCH 2001-11-20 ? 
2 'IMAGE PLATE' MARRESEARCH 2001-11-11 ? 
# 
loop_
_diffrn_radiation.diffrn_id 
_diffrn_radiation.wavelength_id 
_diffrn_radiation.pdbx_monochromatic_or_laue_m_l 
_diffrn_radiation.monochromator 
_diffrn_radiation.pdbx_diffrn_protocol 
_diffrn_radiation.pdbx_scattering_type 
1 1 M 'focusing double crystals' MAD                 x-ray 
2 1 M 'S channel cut'            'SINGLE WAVELENGTH' x-ray 
# 
loop_
_diffrn_radiation_wavelength.id 
_diffrn_radiation_wavelength.wavelength 
_diffrn_radiation_wavelength.wt 
1 1.2837 1.0 
2 1.2828 1.0 
3 1.1310 1.0 
4 0.8459 1.0 
# 
loop_
_diffrn_source.diffrn_id 
_diffrn_source.source 
_diffrn_source.type 
_diffrn_source.pdbx_synchrotron_site 
_diffrn_source.pdbx_synchrotron_beamline 
_diffrn_source.pdbx_wavelength 
_diffrn_source.pdbx_wavelength_list 
1 SYNCHROTRON 'EMBL/DESY, HAMBURG BEAMLINE BW7A' 'EMBL/DESY, HAMBURG' BW7A ? '1.2837, 1.2828, 1.1310' 
2 SYNCHROTRON 'EMBL/DESY, HAMBURG BEAMLINE BW7B' 'EMBL/DESY, HAMBURG' BW7B ? 0.8459                   
# 
_reflns.entry_id                     1MZB 
_reflns.observed_criterion_sigma_F   0 
_reflns.observed_criterion_sigma_I   0 
_reflns.d_resolution_high            1.8 
_reflns.d_resolution_low             12 
_reflns.number_all                   17412 
_reflns.number_obs                   17153 
_reflns.percent_possible_obs         98.5 
_reflns.pdbx_Rmerge_I_obs            ? 
_reflns.pdbx_Rsym_value              ? 
_reflns.pdbx_netI_over_sigmaI        ? 
_reflns.B_iso_Wilson_estimate        ? 
_reflns.pdbx_redundancy              ? 
_reflns.R_free_details               ? 
_reflns.limit_h_max                  ? 
_reflns.limit_h_min                  ? 
_reflns.limit_k_max                  ? 
_reflns.limit_k_min                  ? 
_reflns.limit_l_max                  ? 
_reflns.limit_l_min                  ? 
_reflns.observed_criterion_F_max     ? 
_reflns.observed_criterion_F_min     ? 
_reflns.pdbx_ordinal                 1 
_reflns.pdbx_diffrn_id               1,2 
# 
_reflns_shell.d_res_high             1.8 
_reflns_shell.d_res_low              1.86 
_reflns_shell.percent_possible_all   99.9 
_reflns_shell.Rmerge_I_obs           ? 
_reflns_shell.pdbx_Rsym_value        ? 
_reflns_shell.meanI_over_sigI_obs    ? 
_reflns_shell.pdbx_redundancy        ? 
_reflns_shell.percent_possible_obs   ? 
_reflns_shell.number_unique_all      ? 
_reflns_shell.pdbx_ordinal           1 
_reflns_shell.pdbx_diffrn_id         1,2 
# 
_refine.entry_id                                 1MZB 
_refine.ls_d_res_high                            1.8 
_refine.ls_d_res_low                             12 
_refine.pdbx_ls_sigma_F                          0 
_refine.pdbx_ls_sigma_I                          ? 
_refine.ls_number_reflns_all                     17412 
_refine.ls_number_reflns_obs                     17153 
_refine.ls_number_reflns_R_free                  828 
_refine.ls_percent_reflns_obs                    ? 
_refine.ls_R_factor_all                          ? 
_refine.ls_R_factor_obs                          ? 
_refine.ls_R_factor_R_work                       0.2257 
_refine.ls_R_factor_R_free                       0.2536 
_refine.ls_redundancy_reflns_obs                 ? 
_refine.pdbx_data_cutoff_high_absF               ? 
_refine.pdbx_data_cutoff_low_absF                ? 
_refine.ls_number_parameters                     ? 
_refine.ls_number_restraints                     ? 
_refine.ls_percent_reflns_R_free                 ? 
_refine.ls_R_factor_R_free_error                 ? 
_refine.ls_R_factor_R_free_error_details         ? 
_refine.pdbx_method_to_determine_struct          MAD 
_refine.pdbx_starting_model                      ? 
_refine.pdbx_ls_cross_valid_method               THROUGHOUT 
_refine.pdbx_R_Free_selection_details            random 
_refine.pdbx_stereochem_target_val_spec_case     ? 
_refine.pdbx_stereochemistry_target_values       'Engh & Huber' 
_refine.solvent_model_details                    ? 
_refine.solvent_model_param_bsol                 ? 
_refine.solvent_model_param_ksol                 ? 
_refine.occupancy_max                            ? 
_refine.occupancy_min                            ? 
_refine.pdbx_isotropic_thermal_model             ? 
_refine.B_iso_mean                               ? 
_refine.aniso_B[1][1]                            ? 
_refine.aniso_B[1][2]                            ? 
_refine.aniso_B[1][3]                            ? 
_refine.aniso_B[2][2]                            ? 
_refine.aniso_B[2][3]                            ? 
_refine.aniso_B[3][3]                            ? 
_refine.details                                  ? 
_refine.B_iso_min                                ? 
_refine.B_iso_max                                ? 
_refine.correlation_coeff_Fo_to_Fc               ? 
_refine.correlation_coeff_Fo_to_Fc_free          ? 
_refine.pdbx_solvent_vdw_probe_radii             ? 
_refine.pdbx_solvent_ion_probe_radii             ? 
_refine.pdbx_solvent_shrinkage_radii             ? 
_refine.overall_SU_R_Cruickshank_DPI             ? 
_refine.overall_SU_R_free                        ? 
_refine.overall_SU_B                             ? 
_refine.overall_SU_ML                            ? 
_refine.pdbx_overall_ESU_R                       ? 
_refine.pdbx_overall_ESU_R_Free                  ? 
_refine.pdbx_data_cutoff_high_rms_absF           ? 
_refine.pdbx_refine_id                           'X-RAY DIFFRACTION' 
_refine.pdbx_diffrn_id                           1 
_refine.pdbx_TLS_residual_ADP_flag               ? 
_refine.pdbx_overall_phase_error                 ? 
_refine.pdbx_overall_SU_R_free_Cruickshank_DPI   ? 
_refine.pdbx_overall_SU_R_Blow_DPI               ? 
_refine.pdbx_overall_SU_R_free_Blow_DPI          ? 
# 
_refine_hist.pdbx_refine_id                   'X-RAY DIFFRACTION' 
_refine_hist.cycle_id                         LAST 
_refine_hist.pdbx_number_atoms_protein        1038 
_refine_hist.pdbx_number_atoms_nucleic_acid   0 
_refine_hist.pdbx_number_atoms_ligand         4 
_refine_hist.number_atoms_solvent             126 
_refine_hist.number_atoms_total               1168 
_refine_hist.d_res_high                       1.8 
_refine_hist.d_res_low                        12 
# 
loop_
_refine_ls_restr.type 
_refine_ls_restr.dev_ideal 
_refine_ls_restr.dev_ideal_target 
_refine_ls_restr.weight 
_refine_ls_restr.number 
_refine_ls_restr.pdbx_refine_id 
_refine_ls_restr.pdbx_restraint_function 
c_angle_deg 1.49415  ? ? ? 'X-RAY DIFFRACTION' ? 
c_bond_d    0.013765 ? ? ? 'X-RAY DIFFRACTION' ? 
# 
_struct.entry_id                  1MZB 
_struct.title                     'Ferric uptake regulator' 
_struct.pdbx_model_details        ? 
_struct.pdbx_CASP_flag            ? 
_struct.pdbx_model_type_details   ? 
# 
_struct_keywords.entry_id        1MZB 
_struct_keywords.pdbx_keywords   'GENE REGULATION' 
_struct_keywords.text            'ferric uptake regulator, iron, dtxr, GENE REGULATION' 
# 
loop_
_struct_asym.id 
_struct_asym.pdbx_blank_PDB_chainid_flag 
_struct_asym.pdbx_modified 
_struct_asym.entity_id 
_struct_asym.details 
A N N 1 ? 
B N N 2 ? 
C N N 2 ? 
D N N 2 ? 
E N N 2 ? 
F N N 3 ? 
# 
_struct_ref.id                         1 
_struct_ref.db_name                    UNP 
_struct_ref.db_code                    FUR_PSEAE 
_struct_ref.entity_id                  1 
_struct_ref.pdbx_seq_one_letter_code   
;MVENSELRKAGLKVTLPRVKILQMLDSAEQRHMSAEDVYKALMEAGEDVGLATVYRVLTQFEAAGLVVRHNFDGGHAVFE
LADSGHHDHMVCVDTGEVIEFMDAEIEKRQKEIVRERGFELVDHNLVLYVRKKK
;
_struct_ref.pdbx_align_begin           1 
_struct_ref.pdbx_db_accession          Q03456 
_struct_ref.pdbx_db_isoform            ? 
# 
_struct_ref_seq.align_id                      1 
_struct_ref_seq.ref_id                        1 
_struct_ref_seq.pdbx_PDB_id_code              1MZB 
_struct_ref_seq.pdbx_strand_id                A 
_struct_ref_seq.seq_align_beg                 3 
_struct_ref_seq.pdbx_seq_align_beg_ins_code   ? 
_struct_ref_seq.seq_align_end                 136 
_struct_ref_seq.pdbx_seq_align_end_ins_code   ? 
_struct_ref_seq.pdbx_db_accession             Q03456 
_struct_ref_seq.db_align_beg                  1 
_struct_ref_seq.pdbx_db_align_beg_ins_code    ? 
_struct_ref_seq.db_align_end                  134 
_struct_ref_seq.pdbx_db_align_end_ins_code    ? 
_struct_ref_seq.pdbx_auth_seq_align_beg       1 
_struct_ref_seq.pdbx_auth_seq_align_end       134 
# 
loop_
_struct_ref_seq_dif.align_id 
_struct_ref_seq_dif.pdbx_pdb_id_code 
_struct_ref_seq_dif.mon_id 
_struct_ref_seq_dif.pdbx_pdb_strand_id 
_struct_ref_seq_dif.seq_num 
_struct_ref_seq_dif.pdbx_pdb_ins_code 
_struct_ref_seq_dif.pdbx_seq_db_name 
_struct_ref_seq_dif.pdbx_seq_db_accession_code 
_struct_ref_seq_dif.db_mon_id 
_struct_ref_seq_dif.pdbx_seq_db_seq_num 
_struct_ref_seq_dif.details 
_struct_ref_seq_dif.pdbx_auth_seq_num 
_struct_ref_seq_dif.pdbx_ordinal 
1 1MZB GLY A 1 ? UNP Q03456 ? ? 'cloning artifact' -1 1 
1 1MZB SER A 2 ? UNP Q03456 ? ? 'cloning artifact' 0  2 
# 
loop_
_pdbx_struct_assembly.id 
_pdbx_struct_assembly.details 
_pdbx_struct_assembly.method_details 
_pdbx_struct_assembly.oligomeric_details 
_pdbx_struct_assembly.oligomeric_count 
1 author_defined_assembly   ?        dimeric    2 
2 software_defined_assembly PISA,PQS tetrameric 4 
# 
loop_
_pdbx_struct_assembly_prop.biol_id 
_pdbx_struct_assembly_prop.type 
_pdbx_struct_assembly_prop.value 
_pdbx_struct_assembly_prop.details 
2 'ABSA (A^2)' 10490 ? 
2 MORE         -304  ? 
2 'SSA (A^2)'  24990 ? 
# 
loop_
_pdbx_struct_assembly_gen.assembly_id 
_pdbx_struct_assembly_gen.oper_expression 
_pdbx_struct_assembly_gen.asym_id_list 
1 1,2     A,B,C,D,E,F 
2 1,3,4,5 A,B,C,D,E,F 
# 
loop_
_pdbx_struct_oper_list.id 
_pdbx_struct_oper_list.type 
_pdbx_struct_oper_list.name 
_pdbx_struct_oper_list.symmetry_operation 
_pdbx_struct_oper_list.matrix[1][1] 
_pdbx_struct_oper_list.matrix[1][2] 
_pdbx_struct_oper_list.matrix[1][3] 
_pdbx_struct_oper_list.vector[1] 
_pdbx_struct_oper_list.matrix[2][1] 
_pdbx_struct_oper_list.matrix[2][2] 
_pdbx_struct_oper_list.matrix[2][3] 
_pdbx_struct_oper_list.vector[2] 
_pdbx_struct_oper_list.matrix[3][1] 
_pdbx_struct_oper_list.matrix[3][2] 
_pdbx_struct_oper_list.matrix[3][3] 
_pdbx_struct_oper_list.vector[3] 
1 'identity operation'         1_555  x,y,z                1.0000000000  0.0000000000  0.0000000000  0.0000000000   0.0000000000  1.0000000000  0.0000000000  0.0000000000   0.0000000000  0.0000000000  1.0000000000  0.0000000000   
2 'crystal symmetry operation' 6_555  x,-y+1/2,-z+1/4      -0.6534448403 -0.3230427185 -0.6845825317 4.7636249941   -0.3230427185 -0.6988744936 0.6381362270  -21.6038201118 -0.6845825317 0.6381362270  0.3523193339  12.6059535550  
3 'crystal symmetry operation' 7_545  y+1/2,x-1/2,-z+1/2   -0.7577398020 0.2599461099  0.5985469175  -17.6288111340 0.2599461099  -0.7210768398 0.6422431091  21.9756624435  0.5985469175  0.6422431091  0.4788166417  -2.4087145808  
4 'crystal symmetry operation' 10_655 -x+1,-y,z            -0.9971745965 0.0684768560  -0.0308827506 -24.0541162473 0.0684768560  0.6596142153  -0.7484784613 -2.6316000027  -0.0308827506 -0.7484784613 -0.6624396188 -8.0357569913  
5 'crystal symmetry operation' 16_555 -y+1/2,-x+1/2,-z+1/2 0.7549143985  -0.3284229659 -0.5676641670 -4.8959016132  -0.3284229659 -0.9385373756 0.1062353523  12.4595647581  -0.5676641670 0.1062353523  -0.8163770229 -22.3440128584 
# 
_struct_biol.id                    1 
_struct_biol.details               'the functional unit is a dimer' 
_struct_biol.pdbx_parent_biol_id   ? 
# 
loop_
_struct_conf.conf_type_id 
_struct_conf.id 
_struct_conf.pdbx_PDB_helix_id 
_struct_conf.beg_label_comp_id 
_struct_conf.beg_label_asym_id 
_struct_conf.beg_label_seq_id 
_struct_conf.pdbx_beg_PDB_ins_code 
_struct_conf.end_label_comp_id 
_struct_conf.end_label_asym_id 
_struct_conf.end_label_seq_id 
_struct_conf.pdbx_end_PDB_ins_code 
_struct_conf.beg_auth_comp_id 
_struct_conf.beg_auth_asym_id 
_struct_conf.beg_auth_seq_id 
_struct_conf.end_auth_comp_id 
_struct_conf.end_auth_asym_id 
_struct_conf.end_auth_seq_id 
_struct_conf.pdbx_PDB_helix_class 
_struct_conf.details 
_struct_conf.pdbx_PDB_helix_length 
HELX_P HELX_P1 1 MET A 3   ? ALA A 12  ? MET A 1   ALA A 10  1 ? 10 
HELX_P HELX_P2 2 THR A 17  ? SER A 29  ? THR A 15  SER A 27  1 ? 13 
HELX_P HELX_P3 3 SER A 36  ? ALA A 47  ? SER A 34  ALA A 45  1 ? 12 
HELX_P HELX_P4 4 GLY A 52  ? ALA A 66  ? GLY A 50  ALA A 64  1 ? 15 
HELX_P HELX_P5 5 ASP A 105 ? GLU A 118 ? ASP A 103 GLU A 116 1 ? 14 
# 
_struct_conf_type.id          HELX_P 
_struct_conf_type.criteria    ? 
_struct_conf_type.reference   ? 
# 
loop_
_struct_conn.id 
_struct_conn.conn_type_id 
_struct_conn.pdbx_leaving_atom_flag 
_struct_conn.pdbx_PDB_id 
_struct_conn.ptnr1_label_asym_id 
_struct_conn.ptnr1_label_comp_id 
_struct_conn.ptnr1_label_seq_id 
_struct_conn.ptnr1_label_atom_id 
_struct_conn.pdbx_ptnr1_label_alt_id 
_struct_conn.pdbx_ptnr1_PDB_ins_code 
_struct_conn.pdbx_ptnr1_standard_comp_id 
_struct_conn.ptnr1_symmetry 
_struct_conn.ptnr2_label_asym_id 
_struct_conn.ptnr2_label_comp_id 
_struct_conn.ptnr2_label_seq_id 
_struct_conn.ptnr2_label_atom_id 
_struct_conn.pdbx_ptnr2_label_alt_id 
_struct_conn.pdbx_ptnr2_PDB_ins_code 
_struct_conn.ptnr1_auth_asym_id 
_struct_conn.ptnr1_auth_comp_id 
_struct_conn.ptnr1_auth_seq_id 
_struct_conn.ptnr2_auth_asym_id 
_struct_conn.ptnr2_auth_comp_id 
_struct_conn.ptnr2_auth_seq_id 
_struct_conn.ptnr2_symmetry 
_struct_conn.pdbx_ptnr3_label_atom_id 
_struct_conn.pdbx_ptnr3_label_seq_id 
_struct_conn.pdbx_ptnr3_label_comp_id 
_struct_conn.pdbx_ptnr3_label_asym_id 
_struct_conn.pdbx_ptnr3_label_alt_id 
_struct_conn.pdbx_ptnr3_PDB_ins_code 
_struct_conn.details 
_struct_conn.pdbx_dist_value 
_struct_conn.pdbx_value_order 
_struct_conn.pdbx_role 
metalc1  metalc ? ? A HIS 34  NE2 ? ? ? 1_555  C ZN  . ZN ? ? A HIS 32  A ZN  202  1_555  ? ? ? ? ? ? ? 2.000 ? ? 
metalc2  metalc ? ? A GLU 38  OE2 ? ? ? 7_545  D ZN  . ZN ? ? A GLU 36  A ZN  203  1_555  ? ? ? ? ? ? ? 2.124 ? ? 
metalc3  metalc ? ? A ASP 75  OD2 ? ? ? 1_555  D ZN  . ZN ? ? A ASP 73  A ZN  203  1_555  ? ? ? ? ? ? ? 1.923 ? ? 
metalc4  metalc ? ? A HIS 78  ND1 ? ? ? 1_555  D ZN  . ZN ? ? A HIS 76  A ZN  203  1_555  ? ? ? ? ? ? ? 2.112 ? ? 
metalc5  metalc ? ? A GLU 82  OE1 ? ? ? 1_555  C ZN  . ZN ? ? A GLU 80  A ZN  202  1_555  ? ? ? ? ? ? ? 2.040 ? ? 
metalc6  metalc ? ? A HIS 88  NE2 ? ? ? 1_555  B ZN  . ZN ? ? A HIS 86  A ZN  201  1_555  ? ? ? ? ? ? ? 1.978 ? ? 
metalc7  metalc ? ? A ASP 90  OD2 ? ? ? 1_555  B ZN  . ZN ? ? A ASP 88  A ZN  201  1_555  ? ? ? ? ? ? ? 2.169 ? ? 
metalc8  metalc ? ? A ASP 90  OD1 ? ? ? 1_555  B ZN  . ZN ? ? A ASP 88  A ZN  201  1_555  ? ? ? ? ? ? ? 2.419 ? ? 
metalc9  metalc ? ? A HIS 91  NE2 ? ? ? 1_555  C ZN  . ZN ? ? A HIS 89  A ZN  202  1_555  ? ? ? ? ? ? ? 2.041 ? ? 
metalc10 metalc ? ? A GLU 102 OE2 ? ? ? 1_555  C ZN  . ZN ? ? A GLU 100 A ZN  202  1_555  ? ? ? ? ? ? ? 2.159 ? ? 
metalc11 metalc ? ? A GLU 107 OE2 ? ? ? 1_555  E ZN  . ZN ? ? A GLU 105 A ZN  204  1_555  ? ? ? ? ? ? ? 2.012 ? ? 
metalc12 metalc ? ? A GLU 107 OE2 ? ? ? 10_655 E ZN  . ZN ? ? A GLU 105 A ZN  204  1_555  ? ? ? ? ? ? ? 2.072 ? ? 
metalc13 metalc ? ? A GLU 109 OE2 ? ? ? 1_555  B ZN  . ZN ? ? A GLU 107 A ZN  201  1_555  ? ? ? ? ? ? ? 2.006 ? ? 
metalc14 metalc ? ? A HIS 126 NE2 ? ? ? 1_555  B ZN  . ZN ? ? A HIS 124 A ZN  201  1_555  ? ? ? ? ? ? ? 2.161 ? ? 
metalc15 metalc ? ? B ZN  .   ZN  ? ? ? 1_555  F HOH . O  ? ? A ZN  201 A HOH 1086 1_555  ? ? ? ? ? ? ? 2.296 ? ? 
metalc16 metalc ? ? D ZN  .   ZN  ? ? ? 1_555  F HOH . O  ? ? A ZN  203 A HOH 1087 7_545  ? ? ? ? ? ? ? 2.203 ? ? 
metalc17 metalc ? ? E ZN  .   ZN  ? ? ? 1_555  F HOH . O  ? ? A ZN  204 A HOH 1088 1_555  ? ? ? ? ? ? ? 2.400 ? ? 
metalc18 metalc ? ? E ZN  .   ZN  ? ? ? 1_555  F HOH . O  ? ? A ZN  204 A HOH 1088 10_655 ? ? ? ? ? ? ? 2.402 ? ? 
# 
_struct_conn_type.id          metalc 
_struct_conn_type.criteria    ? 
_struct_conn_type.reference   ? 
# 
loop_
_pdbx_struct_conn_angle.id 
_pdbx_struct_conn_angle.ptnr1_label_atom_id 
_pdbx_struct_conn_angle.ptnr1_label_alt_id 
_pdbx_struct_conn_angle.ptnr1_label_asym_id 
_pdbx_struct_conn_angle.ptnr1_label_comp_id 
_pdbx_struct_conn_angle.ptnr1_label_seq_id 
_pdbx_struct_conn_angle.ptnr1_auth_atom_id 
_pdbx_struct_conn_angle.ptnr1_auth_asym_id 
_pdbx_struct_conn_angle.ptnr1_auth_comp_id 
_pdbx_struct_conn_angle.ptnr1_auth_seq_id 
_pdbx_struct_conn_angle.ptnr1_PDB_ins_code 
_pdbx_struct_conn_angle.ptnr1_symmetry 
_pdbx_struct_conn_angle.ptnr2_label_atom_id 
_pdbx_struct_conn_angle.ptnr2_label_alt_id 
_pdbx_struct_conn_angle.ptnr2_label_asym_id 
_pdbx_struct_conn_angle.ptnr2_label_comp_id 
_pdbx_struct_conn_angle.ptnr2_label_seq_id 
_pdbx_struct_conn_angle.ptnr2_auth_atom_id 
_pdbx_struct_conn_angle.ptnr2_auth_asym_id 
_pdbx_struct_conn_angle.ptnr2_auth_comp_id 
_pdbx_struct_conn_angle.ptnr2_auth_seq_id 
_pdbx_struct_conn_angle.ptnr2_PDB_ins_code 
_pdbx_struct_conn_angle.ptnr2_symmetry 
_pdbx_struct_conn_angle.ptnr3_label_atom_id 
_pdbx_struct_conn_angle.ptnr3_label_alt_id 
_pdbx_struct_conn_angle.ptnr3_label_asym_id 
_pdbx_struct_conn_angle.ptnr3_label_comp_id 
_pdbx_struct_conn_angle.ptnr3_label_seq_id 
_pdbx_struct_conn_angle.ptnr3_auth_atom_id 
_pdbx_struct_conn_angle.ptnr3_auth_asym_id 
_pdbx_struct_conn_angle.ptnr3_auth_comp_id 
_pdbx_struct_conn_angle.ptnr3_auth_seq_id 
_pdbx_struct_conn_angle.ptnr3_PDB_ins_code 
_pdbx_struct_conn_angle.ptnr3_symmetry 
_pdbx_struct_conn_angle.value 
_pdbx_struct_conn_angle.value_esd 
1  NE2 ? A HIS 34  ? A HIS 32   ? 1_555  ZN ? C ZN . ? A ZN 202 ? 1_555 OE1 ? A GLU 82  ? A GLU 80   ? 1_555  114.9 ? 
2  NE2 ? A HIS 34  ? A HIS 32   ? 1_555  ZN ? C ZN . ? A ZN 202 ? 1_555 NE2 ? A HIS 91  ? A HIS 89   ? 1_555  103.9 ? 
3  OE1 ? A GLU 82  ? A GLU 80   ? 1_555  ZN ? C ZN . ? A ZN 202 ? 1_555 NE2 ? A HIS 91  ? A HIS 89   ? 1_555  117.4 ? 
4  NE2 ? A HIS 34  ? A HIS 32   ? 1_555  ZN ? C ZN . ? A ZN 202 ? 1_555 OE2 ? A GLU 102 ? A GLU 100  ? 1_555  101.8 ? 
5  OE1 ? A GLU 82  ? A GLU 80   ? 1_555  ZN ? C ZN . ? A ZN 202 ? 1_555 OE2 ? A GLU 102 ? A GLU 100  ? 1_555  96.7  ? 
6  NE2 ? A HIS 91  ? A HIS 89   ? 1_555  ZN ? C ZN . ? A ZN 202 ? 1_555 OE2 ? A GLU 102 ? A GLU 100  ? 1_555  121.8 ? 
7  OE2 ? A GLU 38  ? A GLU 36   ? 7_545  ZN ? D ZN . ? A ZN 203 ? 1_555 OD2 ? A ASP 75  ? A ASP 73   ? 1_555  101.5 ? 
8  OE2 ? A GLU 38  ? A GLU 36   ? 7_545  ZN ? D ZN . ? A ZN 203 ? 1_555 ND1 ? A HIS 78  ? A HIS 76   ? 1_555  87.3  ? 
9  OD2 ? A ASP 75  ? A ASP 73   ? 1_555  ZN ? D ZN . ? A ZN 203 ? 1_555 ND1 ? A HIS 78  ? A HIS 76   ? 1_555  105.3 ? 
10 OE2 ? A GLU 38  ? A GLU 36   ? 7_545  ZN ? D ZN . ? A ZN 203 ? 1_555 O   ? F HOH .   ? A HOH 1087 ? 7_545  111.4 ? 
11 OD2 ? A ASP 75  ? A ASP 73   ? 1_555  ZN ? D ZN . ? A ZN 203 ? 1_555 O   ? F HOH .   ? A HOH 1087 ? 7_545  118.7 ? 
12 ND1 ? A HIS 78  ? A HIS 76   ? 1_555  ZN ? D ZN . ? A ZN 203 ? 1_555 O   ? F HOH .   ? A HOH 1087 ? 7_545  125.8 ? 
13 NE2 ? A HIS 88  ? A HIS 86   ? 1_555  ZN ? B ZN . ? A ZN 201 ? 1_555 OD2 ? A ASP 90  ? A ASP 88   ? 1_555  100.8 ? 
14 NE2 ? A HIS 88  ? A HIS 86   ? 1_555  ZN ? B ZN . ? A ZN 201 ? 1_555 OD1 ? A ASP 90  ? A ASP 88   ? 1_555  84.0  ? 
15 OD2 ? A ASP 90  ? A ASP 88   ? 1_555  ZN ? B ZN . ? A ZN 201 ? 1_555 OD1 ? A ASP 90  ? A ASP 88   ? 1_555  55.2  ? 
16 NE2 ? A HIS 88  ? A HIS 86   ? 1_555  ZN ? B ZN . ? A ZN 201 ? 1_555 OE2 ? A GLU 109 ? A GLU 107  ? 1_555  99.7  ? 
17 OD2 ? A ASP 90  ? A ASP 88   ? 1_555  ZN ? B ZN . ? A ZN 201 ? 1_555 OE2 ? A GLU 109 ? A GLU 107  ? 1_555  86.9  ? 
18 OD1 ? A ASP 90  ? A ASP 88   ? 1_555  ZN ? B ZN . ? A ZN 201 ? 1_555 OE2 ? A GLU 109 ? A GLU 107  ? 1_555  141.6 ? 
19 NE2 ? A HIS 88  ? A HIS 86   ? 1_555  ZN ? B ZN . ? A ZN 201 ? 1_555 NE2 ? A HIS 126 ? A HIS 124  ? 1_555  90.7  ? 
20 OD2 ? A ASP 90  ? A ASP 88   ? 1_555  ZN ? B ZN . ? A ZN 201 ? 1_555 NE2 ? A HIS 126 ? A HIS 124  ? 1_555  146.7 ? 
21 OD1 ? A ASP 90  ? A ASP 88   ? 1_555  ZN ? B ZN . ? A ZN 201 ? 1_555 NE2 ? A HIS 126 ? A HIS 124  ? 1_555  95.8  ? 
22 OE2 ? A GLU 109 ? A GLU 107  ? 1_555  ZN ? B ZN . ? A ZN 201 ? 1_555 NE2 ? A HIS 126 ? A HIS 124  ? 1_555  122.1 ? 
23 NE2 ? A HIS 88  ? A HIS 86   ? 1_555  ZN ? B ZN . ? A ZN 201 ? 1_555 O   ? F HOH .   ? A HOH 1086 ? 1_555  176.1 ? 
24 OD2 ? A ASP 90  ? A ASP 88   ? 1_555  ZN ? B ZN . ? A ZN 201 ? 1_555 O   ? F HOH .   ? A HOH 1086 ? 1_555  78.3  ? 
25 OD1 ? A ASP 90  ? A ASP 88   ? 1_555  ZN ? B ZN . ? A ZN 201 ? 1_555 O   ? F HOH .   ? A HOH 1086 ? 1_555  92.4  ? 
26 OE2 ? A GLU 109 ? A GLU 107  ? 1_555  ZN ? B ZN . ? A ZN 201 ? 1_555 O   ? F HOH .   ? A HOH 1086 ? 1_555  84.1  ? 
27 NE2 ? A HIS 126 ? A HIS 124  ? 1_555  ZN ? B ZN . ? A ZN 201 ? 1_555 O   ? F HOH .   ? A HOH 1086 ? 1_555  88.2  ? 
28 OE2 ? A GLU 107 ? A GLU 105  ? 1_555  ZN ? E ZN . ? A ZN 204 ? 1_555 OE2 ? A GLU 107 ? A GLU 105  ? 10_655 132.0 ? 
29 OE2 ? A GLU 107 ? A GLU 105  ? 1_555  ZN ? E ZN . ? A ZN 204 ? 1_555 O   ? F HOH .   ? A HOH 1088 ? 1_555  114.3 ? 
30 OE2 ? A GLU 107 ? A GLU 105  ? 10_655 ZN ? E ZN . ? A ZN 204 ? 1_555 O   ? F HOH .   ? A HOH 1088 ? 1_555  113.6 ? 
31 OE2 ? A GLU 107 ? A GLU 105  ? 1_555  ZN ? E ZN . ? A ZN 204 ? 1_555 O   ? F HOH .   ? A HOH 1088 ? 10_655 115.8 ? 
32 OE2 ? A GLU 107 ? A GLU 105  ? 10_655 ZN ? E ZN . ? A ZN 204 ? 1_555 O   ? F HOH .   ? A HOH 1088 ? 10_655 112.0 ? 
33 O   ? F HOH .   ? A HOH 1088 ? 1_555  ZN ? E ZN . ? A ZN 204 ? 1_555 O   ? F HOH .   ? A HOH 1088 ? 10_655 2.4   ? 
# 
loop_
_struct_sheet.id 
_struct_sheet.type 
_struct_sheet.number_strands 
_struct_sheet.details 
A ? 2 ? 
B ? 3 ? 
# 
loop_
_struct_sheet_order.sheet_id 
_struct_sheet_order.range_id_1 
_struct_sheet_order.range_id_2 
_struct_sheet_order.offset 
_struct_sheet_order.sense 
A 1 2 ? anti-parallel 
B 1 2 ? anti-parallel 
B 2 3 ? parallel      
# 
loop_
_struct_sheet_range.sheet_id 
_struct_sheet_range.id 
_struct_sheet_range.beg_label_comp_id 
_struct_sheet_range.beg_label_asym_id 
_struct_sheet_range.beg_label_seq_id 
_struct_sheet_range.pdbx_beg_PDB_ins_code 
_struct_sheet_range.end_label_comp_id 
_struct_sheet_range.end_label_asym_id 
_struct_sheet_range.end_label_seq_id 
_struct_sheet_range.pdbx_end_PDB_ins_code 
_struct_sheet_range.beg_auth_comp_id 
_struct_sheet_range.beg_auth_asym_id 
_struct_sheet_range.beg_auth_seq_id 
_struct_sheet_range.end_auth_comp_id 
_struct_sheet_range.end_auth_asym_id 
_struct_sheet_range.end_auth_seq_id 
A 1 VAL A 69  ? HIS A 72  ? VAL A 67  HIS A 70  
A 2 VAL A 80  ? LEU A 83  ? VAL A 78  LEU A 81  
B 1 VAL A 100 ? PHE A 103 ? VAL A 98  PHE A 101 
B 2 ASP A 90  ? CYS A 94  ? ASP A 88  CYS A 92  
B 3 VAL A 129 ? VAL A 132 ? VAL A 127 VAL A 130 
# 
loop_
_pdbx_struct_sheet_hbond.sheet_id 
_pdbx_struct_sheet_hbond.range_id_1 
_pdbx_struct_sheet_hbond.range_id_2 
_pdbx_struct_sheet_hbond.range_1_label_atom_id 
_pdbx_struct_sheet_hbond.range_1_label_comp_id 
_pdbx_struct_sheet_hbond.range_1_label_asym_id 
_pdbx_struct_sheet_hbond.range_1_label_seq_id 
_pdbx_struct_sheet_hbond.range_1_PDB_ins_code 
_pdbx_struct_sheet_hbond.range_1_auth_atom_id 
_pdbx_struct_sheet_hbond.range_1_auth_comp_id 
_pdbx_struct_sheet_hbond.range_1_auth_asym_id 
_pdbx_struct_sheet_hbond.range_1_auth_seq_id 
_pdbx_struct_sheet_hbond.range_2_label_atom_id 
_pdbx_struct_sheet_hbond.range_2_label_comp_id 
_pdbx_struct_sheet_hbond.range_2_label_asym_id 
_pdbx_struct_sheet_hbond.range_2_label_seq_id 
_pdbx_struct_sheet_hbond.range_2_PDB_ins_code 
_pdbx_struct_sheet_hbond.range_2_auth_atom_id 
_pdbx_struct_sheet_hbond.range_2_auth_comp_id 
_pdbx_struct_sheet_hbond.range_2_auth_asym_id 
_pdbx_struct_sheet_hbond.range_2_auth_seq_id 
A 1 2 N HIS A 72  ? N HIS A 70 O VAL A 80  ? O VAL A 78  
B 1 2 O ILE A 101 ? O ILE A 99 N MET A 92  ? N MET A 90  
B 2 3 N VAL A 93  ? N VAL A 91 O VAL A 132 ? O VAL A 130 
# 
loop_
_struct_site.id 
_struct_site.pdbx_evidence_code 
_struct_site.pdbx_auth_asym_id 
_struct_site.pdbx_auth_comp_id 
_struct_site.pdbx_auth_seq_id 
_struct_site.pdbx_auth_ins_code 
_struct_site.pdbx_num_residues 
_struct_site.details 
AC1 Software A ZN 201 ? 5 'BINDING SITE FOR RESIDUE ZN A 201' 
AC2 Software A ZN 202 ? 4 'BINDING SITE FOR RESIDUE ZN A 202' 
AC3 Software A ZN 203 ? 4 'BINDING SITE FOR RESIDUE ZN A 203' 
AC4 Software A ZN 204 ? 4 'BINDING SITE FOR RESIDUE ZN A 204' 
# 
loop_
_struct_site_gen.id 
_struct_site_gen.site_id 
_struct_site_gen.pdbx_num_res 
_struct_site_gen.label_comp_id 
_struct_site_gen.label_asym_id 
_struct_site_gen.label_seq_id 
_struct_site_gen.pdbx_auth_ins_code 
_struct_site_gen.auth_comp_id 
_struct_site_gen.auth_asym_id 
_struct_site_gen.auth_seq_id 
_struct_site_gen.label_atom_id 
_struct_site_gen.label_alt_id 
_struct_site_gen.symmetry 
_struct_site_gen.details 
1  AC1 5 HIS A 88  ? HIS A 86   . ? 1_555  ? 
2  AC1 5 ASP A 90  ? ASP A 88   . ? 1_555  ? 
3  AC1 5 GLU A 109 ? GLU A 107  . ? 1_555  ? 
4  AC1 5 HIS A 126 ? HIS A 124  . ? 1_555  ? 
5  AC1 5 HOH F .   ? HOH A 1086 . ? 1_555  ? 
6  AC2 4 HIS A 34  ? HIS A 32   . ? 1_555  ? 
7  AC2 4 GLU A 82  ? GLU A 80   . ? 1_555  ? 
8  AC2 4 HIS A 91  ? HIS A 89   . ? 1_555  ? 
9  AC2 4 GLU A 102 ? GLU A 100  . ? 1_555  ? 
10 AC3 4 GLU A 38  ? GLU A 36   . ? 7_545  ? 
11 AC3 4 ASP A 75  ? ASP A 73   . ? 1_555  ? 
12 AC3 4 HIS A 78  ? HIS A 76   . ? 1_555  ? 
13 AC3 4 HOH F .   ? HOH A 1087 . ? 7_545  ? 
14 AC4 4 GLU A 107 ? GLU A 105  . ? 10_655 ? 
15 AC4 4 GLU A 107 ? GLU A 105  . ? 1_555  ? 
16 AC4 4 HOH F .   ? HOH A 1088 . ? 10_655 ? 
17 AC4 4 HOH F .   ? HOH A 1088 . ? 1_555  ? 
# 
_pdbx_validate_torsion.id              1 
_pdbx_validate_torsion.PDB_model_num   1 
_pdbx_validate_torsion.auth_comp_id    ALA 
_pdbx_validate_torsion.auth_asym_id    A 
_pdbx_validate_torsion.auth_seq_id     45 
_pdbx_validate_torsion.PDB_ins_code    ? 
_pdbx_validate_torsion.label_alt_id    ? 
_pdbx_validate_torsion.phi             -72.63 
_pdbx_validate_torsion.psi             21.06 
# 
loop_
_pdbx_struct_special_symmetry.id 
_pdbx_struct_special_symmetry.PDB_model_num 
_pdbx_struct_special_symmetry.auth_asym_id 
_pdbx_struct_special_symmetry.auth_comp_id 
_pdbx_struct_special_symmetry.auth_seq_id 
_pdbx_struct_special_symmetry.PDB_ins_code 
_pdbx_struct_special_symmetry.label_asym_id 
_pdbx_struct_special_symmetry.label_comp_id 
_pdbx_struct_special_symmetry.label_seq_id 
1 1 A ZN  204  ? E ZN  . 
2 1 A HOH 1088 ? F HOH . 
# 
loop_
_pdbx_unobs_or_zero_occ_residues.id 
_pdbx_unobs_or_zero_occ_residues.PDB_model_num 
_pdbx_unobs_or_zero_occ_residues.polymer_flag 
_pdbx_unobs_or_zero_occ_residues.occupancy_flag 
_pdbx_unobs_or_zero_occ_residues.auth_asym_id 
_pdbx_unobs_or_zero_occ_residues.auth_comp_id 
_pdbx_unobs_or_zero_occ_residues.auth_seq_id 
_pdbx_unobs_or_zero_occ_residues.PDB_ins_code 
_pdbx_unobs_or_zero_occ_residues.label_asym_id 
_pdbx_unobs_or_zero_occ_residues.label_comp_id 
_pdbx_unobs_or_zero_occ_residues.label_seq_id 
1 1 Y 1 A GLY -1 ? A GLY 1  
2 1 Y 1 A SER 0  ? A SER 2  
3 1 Y 1 A GLU 29 ? A GLU 31 
# 
loop_
_chem_comp_atom.comp_id 
_chem_comp_atom.atom_id 
_chem_comp_atom.type_symbol 
_chem_comp_atom.pdbx_aromatic_flag 
_chem_comp_atom.pdbx_stereo_config 
_chem_comp_atom.pdbx_ordinal 
ALA N    N  N N 1   
ALA CA   C  N S 2   
ALA C    C  N N 3   
ALA O    O  N N 4   
ALA CB   C  N N 5   
ALA OXT  O  N N 6   
ALA H    H  N N 7   
ALA H2   H  N N 8   
ALA HA   H  N N 9   
ALA HB1  H  N N 10  
ALA HB2  H  N N 11  
ALA HB3  H  N N 12  
ALA HXT  H  N N 13  
ARG N    N  N N 14  
ARG CA   C  N S 15  
ARG C    C  N N 16  
ARG O    O  N N 17  
ARG CB   C  N N 18  
ARG CG   C  N N 19  
ARG CD   C  N N 20  
ARG NE   N  N N 21  
ARG CZ   C  N N 22  
ARG NH1  N  N N 23  
ARG NH2  N  N N 24  
ARG OXT  O  N N 25  
ARG H    H  N N 26  
ARG H2   H  N N 27  
ARG HA   H  N N 28  
ARG HB2  H  N N 29  
ARG HB3  H  N N 30  
ARG HG2  H  N N 31  
ARG HG3  H  N N 32  
ARG HD2  H  N N 33  
ARG HD3  H  N N 34  
ARG HE   H  N N 35  
ARG HH11 H  N N 36  
ARG HH12 H  N N 37  
ARG HH21 H  N N 38  
ARG HH22 H  N N 39  
ARG HXT  H  N N 40  
ASN N    N  N N 41  
ASN CA   C  N S 42  
ASN C    C  N N 43  
ASN O    O  N N 44  
ASN CB   C  N N 45  
ASN CG   C  N N 46  
ASN OD1  O  N N 47  
ASN ND2  N  N N 48  
ASN OXT  O  N N 49  
ASN H    H  N N 50  
ASN H2   H  N N 51  
ASN HA   H  N N 52  
ASN HB2  H  N N 53  
ASN HB3  H  N N 54  
ASN HD21 H  N N 55  
ASN HD22 H  N N 56  
ASN HXT  H  N N 57  
ASP N    N  N N 58  
ASP CA   C  N S 59  
ASP C    C  N N 60  
ASP O    O  N N 61  
ASP CB   C  N N 62  
ASP CG   C  N N 63  
ASP OD1  O  N N 64  
ASP OD2  O  N N 65  
ASP OXT  O  N N 66  
ASP H    H  N N 67  
ASP H2   H  N N 68  
ASP HA   H  N N 69  
ASP HB2  H  N N 70  
ASP HB3  H  N N 71  
ASP HD2  H  N N 72  
ASP HXT  H  N N 73  
CYS N    N  N N 74  
CYS CA   C  N R 75  
CYS C    C  N N 76  
CYS O    O  N N 77  
CYS CB   C  N N 78  
CYS SG   S  N N 79  
CYS OXT  O  N N 80  
CYS H    H  N N 81  
CYS H2   H  N N 82  
CYS HA   H  N N 83  
CYS HB2  H  N N 84  
CYS HB3  H  N N 85  
CYS HG   H  N N 86  
CYS HXT  H  N N 87  
GLN N    N  N N 88  
GLN CA   C  N S 89  
GLN C    C  N N 90  
GLN O    O  N N 91  
GLN CB   C  N N 92  
GLN CG   C  N N 93  
GLN CD   C  N N 94  
GLN OE1  O  N N 95  
GLN NE2  N  N N 96  
GLN OXT  O  N N 97  
GLN H    H  N N 98  
GLN H2   H  N N 99  
GLN HA   H  N N 100 
GLN HB2  H  N N 101 
GLN HB3  H  N N 102 
GLN HG2  H  N N 103 
GLN HG3  H  N N 104 
GLN HE21 H  N N 105 
GLN HE22 H  N N 106 
GLN HXT  H  N N 107 
GLU N    N  N N 108 
GLU CA   C  N S 109 
GLU C    C  N N 110 
GLU O    O  N N 111 
GLU CB   C  N N 112 
GLU CG   C  N N 113 
GLU CD   C  N N 114 
GLU OE1  O  N N 115 
GLU OE2  O  N N 116 
GLU OXT  O  N N 117 
GLU H    H  N N 118 
GLU H2   H  N N 119 
GLU HA   H  N N 120 
GLU HB2  H  N N 121 
GLU HB3  H  N N 122 
GLU HG2  H  N N 123 
GLU HG3  H  N N 124 
GLU HE2  H  N N 125 
GLU HXT  H  N N 126 
GLY N    N  N N 127 
GLY CA   C  N N 128 
GLY C    C  N N 129 
GLY O    O  N N 130 
GLY OXT  O  N N 131 
GLY H    H  N N 132 
GLY H2   H  N N 133 
GLY HA2  H  N N 134 
GLY HA3  H  N N 135 
GLY HXT  H  N N 136 
HIS N    N  N N 137 
HIS CA   C  N S 138 
HIS C    C  N N 139 
HIS O    O  N N 140 
HIS CB   C  N N 141 
HIS CG   C  Y N 142 
HIS ND1  N  Y N 143 
HIS CD2  C  Y N 144 
HIS CE1  C  Y N 145 
HIS NE2  N  Y N 146 
HIS OXT  O  N N 147 
HIS H    H  N N 148 
HIS H2   H  N N 149 
HIS HA   H  N N 150 
HIS HB2  H  N N 151 
HIS HB3  H  N N 152 
HIS HD1  H  N N 153 
HIS HD2  H  N N 154 
HIS HE1  H  N N 155 
HIS HE2  H  N N 156 
HIS HXT  H  N N 157 
HOH O    O  N N 158 
HOH H1   H  N N 159 
HOH H2   H  N N 160 
ILE N    N  N N 161 
ILE CA   C  N S 162 
ILE C    C  N N 163 
ILE O    O  N N 164 
ILE CB   C  N S 165 
ILE CG1  C  N N 166 
ILE CG2  C  N N 167 
ILE CD1  C  N N 168 
ILE OXT  O  N N 169 
ILE H    H  N N 170 
ILE H2   H  N N 171 
ILE HA   H  N N 172 
ILE HB   H  N N 173 
ILE HG12 H  N N 174 
ILE HG13 H  N N 175 
ILE HG21 H  N N 176 
ILE HG22 H  N N 177 
ILE HG23 H  N N 178 
ILE HD11 H  N N 179 
ILE HD12 H  N N 180 
ILE HD13 H  N N 181 
ILE HXT  H  N N 182 
LEU N    N  N N 183 
LEU CA   C  N S 184 
LEU C    C  N N 185 
LEU O    O  N N 186 
LEU CB   C  N N 187 
LEU CG   C  N N 188 
LEU CD1  C  N N 189 
LEU CD2  C  N N 190 
LEU OXT  O  N N 191 
LEU H    H  N N 192 
LEU H2   H  N N 193 
LEU HA   H  N N 194 
LEU HB2  H  N N 195 
LEU HB3  H  N N 196 
LEU HG   H  N N 197 
LEU HD11 H  N N 198 
LEU HD12 H  N N 199 
LEU HD13 H  N N 200 
LEU HD21 H  N N 201 
LEU HD22 H  N N 202 
LEU HD23 H  N N 203 
LEU HXT  H  N N 204 
LYS N    N  N N 205 
LYS CA   C  N S 206 
LYS C    C  N N 207 
LYS O    O  N N 208 
LYS CB   C  N N 209 
LYS CG   C  N N 210 
LYS CD   C  N N 211 
LYS CE   C  N N 212 
LYS NZ   N  N N 213 
LYS OXT  O  N N 214 
LYS H    H  N N 215 
LYS H2   H  N N 216 
LYS HA   H  N N 217 
LYS HB2  H  N N 218 
LYS HB3  H  N N 219 
LYS HG2  H  N N 220 
LYS HG3  H  N N 221 
LYS HD2  H  N N 222 
LYS HD3  H  N N 223 
LYS HE2  H  N N 224 
LYS HE3  H  N N 225 
LYS HZ1  H  N N 226 
LYS HZ2  H  N N 227 
LYS HZ3  H  N N 228 
LYS HXT  H  N N 229 
MET N    N  N N 230 
MET CA   C  N S 231 
MET C    C  N N 232 
MET O    O  N N 233 
MET CB   C  N N 234 
MET CG   C  N N 235 
MET SD   S  N N 236 
MET CE   C  N N 237 
MET OXT  O  N N 238 
MET H    H  N N 239 
MET H2   H  N N 240 
MET HA   H  N N 241 
MET HB2  H  N N 242 
MET HB3  H  N N 243 
MET HG2  H  N N 244 
MET HG3  H  N N 245 
MET HE1  H  N N 246 
MET HE2  H  N N 247 
MET HE3  H  N N 248 
MET HXT  H  N N 249 
PHE N    N  N N 250 
PHE CA   C  N S 251 
PHE C    C  N N 252 
PHE O    O  N N 253 
PHE CB   C  N N 254 
PHE CG   C  Y N 255 
PHE CD1  C  Y N 256 
PHE CD2  C  Y N 257 
PHE CE1  C  Y N 258 
PHE CE2  C  Y N 259 
PHE CZ   C  Y N 260 
PHE OXT  O  N N 261 
PHE H    H  N N 262 
PHE H2   H  N N 263 
PHE HA   H  N N 264 
PHE HB2  H  N N 265 
PHE HB3  H  N N 266 
PHE HD1  H  N N 267 
PHE HD2  H  N N 268 
PHE HE1  H  N N 269 
PHE HE2  H  N N 270 
PHE HZ   H  N N 271 
PHE HXT  H  N N 272 
PRO N    N  N N 273 
PRO CA   C  N S 274 
PRO C    C  N N 275 
PRO O    O  N N 276 
PRO CB   C  N N 277 
PRO CG   C  N N 278 
PRO CD   C  N N 279 
PRO OXT  O  N N 280 
PRO H    H  N N 281 
PRO HA   H  N N 282 
PRO HB2  H  N N 283 
PRO HB3  H  N N 284 
PRO HG2  H  N N 285 
PRO HG3  H  N N 286 
PRO HD2  H  N N 287 
PRO HD3  H  N N 288 
PRO HXT  H  N N 289 
SER N    N  N N 290 
SER CA   C  N S 291 
SER C    C  N N 292 
SER O    O  N N 293 
SER CB   C  N N 294 
SER OG   O  N N 295 
SER OXT  O  N N 296 
SER H    H  N N 297 
SER H2   H  N N 298 
SER HA   H  N N 299 
SER HB2  H  N N 300 
SER HB3  H  N N 301 
SER HG   H  N N 302 
SER HXT  H  N N 303 
THR N    N  N N 304 
THR CA   C  N S 305 
THR C    C  N N 306 
THR O    O  N N 307 
THR CB   C  N R 308 
THR OG1  O  N N 309 
THR CG2  C  N N 310 
THR OXT  O  N N 311 
THR H    H  N N 312 
THR H2   H  N N 313 
THR HA   H  N N 314 
THR HB   H  N N 315 
THR HG1  H  N N 316 
THR HG21 H  N N 317 
THR HG22 H  N N 318 
THR HG23 H  N N 319 
THR HXT  H  N N 320 
TYR N    N  N N 321 
TYR CA   C  N S 322 
TYR C    C  N N 323 
TYR O    O  N N 324 
TYR CB   C  N N 325 
TYR CG   C  Y N 326 
TYR CD1  C  Y N 327 
TYR CD2  C  Y N 328 
TYR CE1  C  Y N 329 
TYR CE2  C  Y N 330 
TYR CZ   C  Y N 331 
TYR OH   O  N N 332 
TYR OXT  O  N N 333 
TYR H    H  N N 334 
TYR H2   H  N N 335 
TYR HA   H  N N 336 
TYR HB2  H  N N 337 
TYR HB3  H  N N 338 
TYR HD1  H  N N 339 
TYR HD2  H  N N 340 
TYR HE1  H  N N 341 
TYR HE2  H  N N 342 
TYR HH   H  N N 343 
TYR HXT  H  N N 344 
VAL N    N  N N 345 
VAL CA   C  N S 346 
VAL C    C  N N 347 
VAL O    O  N N 348 
VAL CB   C  N N 349 
VAL CG1  C  N N 350 
VAL CG2  C  N N 351 
VAL OXT  O  N N 352 
VAL H    H  N N 353 
VAL H2   H  N N 354 
VAL HA   H  N N 355 
VAL HB   H  N N 356 
VAL HG11 H  N N 357 
VAL HG12 H  N N 358 
VAL HG13 H  N N 359 
VAL HG21 H  N N 360 
VAL HG22 H  N N 361 
VAL HG23 H  N N 362 
VAL HXT  H  N N 363 
ZN  ZN   ZN N N 364 
# 
loop_
_chem_comp_bond.comp_id 
_chem_comp_bond.atom_id_1 
_chem_comp_bond.atom_id_2 
_chem_comp_bond.value_order 
_chem_comp_bond.pdbx_aromatic_flag 
_chem_comp_bond.pdbx_stereo_config 
_chem_comp_bond.pdbx_ordinal 
ALA N   CA   sing N N 1   
ALA N   H    sing N N 2   
ALA N   H2   sing N N 3   
ALA CA  C    sing N N 4   
ALA CA  CB   sing N N 5   
ALA CA  HA   sing N N 6   
ALA C   O    doub N N 7   
ALA C   OXT  sing N N 8   
ALA CB  HB1  sing N N 9   
ALA CB  HB2  sing N N 10  
ALA CB  HB3  sing N N 11  
ALA OXT HXT  sing N N 12  
ARG N   CA   sing N N 13  
ARG N   H    sing N N 14  
ARG N   H2   sing N N 15  
ARG CA  C    sing N N 16  
ARG CA  CB   sing N N 17  
ARG CA  HA   sing N N 18  
ARG C   O    doub N N 19  
ARG C   OXT  sing N N 20  
ARG CB  CG   sing N N 21  
ARG CB  HB2  sing N N 22  
ARG CB  HB3  sing N N 23  
ARG CG  CD   sing N N 24  
ARG CG  HG2  sing N N 25  
ARG CG  HG3  sing N N 26  
ARG CD  NE   sing N N 27  
ARG CD  HD2  sing N N 28  
ARG CD  HD3  sing N N 29  
ARG NE  CZ   sing N N 30  
ARG NE  HE   sing N N 31  
ARG CZ  NH1  sing N N 32  
ARG CZ  NH2  doub N N 33  
ARG NH1 HH11 sing N N 34  
ARG NH1 HH12 sing N N 35  
ARG NH2 HH21 sing N N 36  
ARG NH2 HH22 sing N N 37  
ARG OXT HXT  sing N N 38  
ASN N   CA   sing N N 39  
ASN N   H    sing N N 40  
ASN N   H2   sing N N 41  
ASN CA  C    sing N N 42  
ASN CA  CB   sing N N 43  
ASN CA  HA   sing N N 44  
ASN C   O    doub N N 45  
ASN C   OXT  sing N N 46  
ASN CB  CG   sing N N 47  
ASN CB  HB2  sing N N 48  
ASN CB  HB3  sing N N 49  
ASN CG  OD1  doub N N 50  
ASN CG  ND2  sing N N 51  
ASN ND2 HD21 sing N N 52  
ASN ND2 HD22 sing N N 53  
ASN OXT HXT  sing N N 54  
ASP N   CA   sing N N 55  
ASP N   H    sing N N 56  
ASP N   H2   sing N N 57  
ASP CA  C    sing N N 58  
ASP CA  CB   sing N N 59  
ASP CA  HA   sing N N 60  
ASP C   O    doub N N 61  
ASP C   OXT  sing N N 62  
ASP CB  CG   sing N N 63  
ASP CB  HB2  sing N N 64  
ASP CB  HB3  sing N N 65  
ASP CG  OD1  doub N N 66  
ASP CG  OD2  sing N N 67  
ASP OD2 HD2  sing N N 68  
ASP OXT HXT  sing N N 69  
CYS N   CA   sing N N 70  
CYS N   H    sing N N 71  
CYS N   H2   sing N N 72  
CYS CA  C    sing N N 73  
CYS CA  CB   sing N N 74  
CYS CA  HA   sing N N 75  
CYS C   O    doub N N 76  
CYS C   OXT  sing N N 77  
CYS CB  SG   sing N N 78  
CYS CB  HB2  sing N N 79  
CYS CB  HB3  sing N N 80  
CYS SG  HG   sing N N 81  
CYS OXT HXT  sing N N 82  
GLN N   CA   sing N N 83  
GLN N   H    sing N N 84  
GLN N   H2   sing N N 85  
GLN CA  C    sing N N 86  
GLN CA  CB   sing N N 87  
GLN CA  HA   sing N N 88  
GLN C   O    doub N N 89  
GLN C   OXT  sing N N 90  
GLN CB  CG   sing N N 91  
GLN CB  HB2  sing N N 92  
GLN CB  HB3  sing N N 93  
GLN CG  CD   sing N N 94  
GLN CG  HG2  sing N N 95  
GLN CG  HG3  sing N N 96  
GLN CD  OE1  doub N N 97  
GLN CD  NE2  sing N N 98  
GLN NE2 HE21 sing N N 99  
GLN NE2 HE22 sing N N 100 
GLN OXT HXT  sing N N 101 
GLU N   CA   sing N N 102 
GLU N   H    sing N N 103 
GLU N   H2   sing N N 104 
GLU CA  C    sing N N 105 
GLU CA  CB   sing N N 106 
GLU CA  HA   sing N N 107 
GLU C   O    doub N N 108 
GLU C   OXT  sing N N 109 
GLU CB  CG   sing N N 110 
GLU CB  HB2  sing N N 111 
GLU CB  HB3  sing N N 112 
GLU CG  CD   sing N N 113 
GLU CG  HG2  sing N N 114 
GLU CG  HG3  sing N N 115 
GLU CD  OE1  doub N N 116 
GLU CD  OE2  sing N N 117 
GLU OE2 HE2  sing N N 118 
GLU OXT HXT  sing N N 119 
GLY N   CA   sing N N 120 
GLY N   H    sing N N 121 
GLY N   H2   sing N N 122 
GLY CA  C    sing N N 123 
GLY CA  HA2  sing N N 124 
GLY CA  HA3  sing N N 125 
GLY C   O    doub N N 126 
GLY C   OXT  sing N N 127 
GLY OXT HXT  sing N N 128 
HIS N   CA   sing N N 129 
HIS N   H    sing N N 130 
HIS N   H2   sing N N 131 
HIS CA  C    sing N N 132 
HIS CA  CB   sing N N 133 
HIS CA  HA   sing N N 134 
HIS C   O    doub N N 135 
HIS C   OXT  sing N N 136 
HIS CB  CG   sing N N 137 
HIS CB  HB2  sing N N 138 
HIS CB  HB3  sing N N 139 
HIS CG  ND1  sing Y N 140 
HIS CG  CD2  doub Y N 141 
HIS ND1 CE1  doub Y N 142 
HIS ND1 HD1  sing N N 143 
HIS CD2 NE2  sing Y N 144 
HIS CD2 HD2  sing N N 145 
HIS CE1 NE2  sing Y N 146 
HIS CE1 HE1  sing N N 147 
HIS NE2 HE2  sing N N 148 
HIS OXT HXT  sing N N 149 
HOH O   H1   sing N N 150 
HOH O   H2   sing N N 151 
ILE N   CA   sing N N 152 
ILE N   H    sing N N 153 
ILE N   H2   sing N N 154 
ILE CA  C    sing N N 155 
ILE CA  CB   sing N N 156 
ILE CA  HA   sing N N 157 
ILE C   O    doub N N 158 
ILE C   OXT  sing N N 159 
ILE CB  CG1  sing N N 160 
ILE CB  CG2  sing N N 161 
ILE CB  HB   sing N N 162 
ILE CG1 CD1  sing N N 163 
ILE CG1 HG12 sing N N 164 
ILE CG1 HG13 sing N N 165 
ILE CG2 HG21 sing N N 166 
ILE CG2 HG22 sing N N 167 
ILE CG2 HG23 sing N N 168 
ILE CD1 HD11 sing N N 169 
ILE CD1 HD12 sing N N 170 
ILE CD1 HD13 sing N N 171 
ILE OXT HXT  sing N N 172 
LEU N   CA   sing N N 173 
LEU N   H    sing N N 174 
LEU N   H2   sing N N 175 
LEU CA  C    sing N N 176 
LEU CA  CB   sing N N 177 
LEU CA  HA   sing N N 178 
LEU C   O    doub N N 179 
LEU C   OXT  sing N N 180 
LEU CB  CG   sing N N 181 
LEU CB  HB2  sing N N 182 
LEU CB  HB3  sing N N 183 
LEU CG  CD1  sing N N 184 
LEU CG  CD2  sing N N 185 
LEU CG  HG   sing N N 186 
LEU CD1 HD11 sing N N 187 
LEU CD1 HD12 sing N N 188 
LEU CD1 HD13 sing N N 189 
LEU CD2 HD21 sing N N 190 
LEU CD2 HD22 sing N N 191 
LEU CD2 HD23 sing N N 192 
LEU OXT HXT  sing N N 193 
LYS N   CA   sing N N 194 
LYS N   H    sing N N 195 
LYS N   H2   sing N N 196 
LYS CA  C    sing N N 197 
LYS CA  CB   sing N N 198 
LYS CA  HA   sing N N 199 
LYS C   O    doub N N 200 
LYS C   OXT  sing N N 201 
LYS CB  CG   sing N N 202 
LYS CB  HB2  sing N N 203 
LYS CB  HB3  sing N N 204 
LYS CG  CD   sing N N 205 
LYS CG  HG2  sing N N 206 
LYS CG  HG3  sing N N 207 
LYS CD  CE   sing N N 208 
LYS CD  HD2  sing N N 209 
LYS CD  HD3  sing N N 210 
LYS CE  NZ   sing N N 211 
LYS CE  HE2  sing N N 212 
LYS CE  HE3  sing N N 213 
LYS NZ  HZ1  sing N N 214 
LYS NZ  HZ2  sing N N 215 
LYS NZ  HZ3  sing N N 216 
LYS OXT HXT  sing N N 217 
MET N   CA   sing N N 218 
MET N   H    sing N N 219 
MET N   H2   sing N N 220 
MET CA  C    sing N N 221 
MET CA  CB   sing N N 222 
MET CA  HA   sing N N 223 
MET C   O    doub N N 224 
MET C   OXT  sing N N 225 
MET CB  CG   sing N N 226 
MET CB  HB2  sing N N 227 
MET CB  HB3  sing N N 228 
MET CG  SD   sing N N 229 
MET CG  HG2  sing N N 230 
MET CG  HG3  sing N N 231 
MET SD  CE   sing N N 232 
MET CE  HE1  sing N N 233 
MET CE  HE2  sing N N 234 
MET CE  HE3  sing N N 235 
MET OXT HXT  sing N N 236 
PHE N   CA   sing N N 237 
PHE N   H    sing N N 238 
PHE N   H2   sing N N 239 
PHE CA  C    sing N N 240 
PHE CA  CB   sing N N 241 
PHE CA  HA   sing N N 242 
PHE C   O    doub N N 243 
PHE C   OXT  sing N N 244 
PHE CB  CG   sing N N 245 
PHE CB  HB2  sing N N 246 
PHE CB  HB3  sing N N 247 
PHE CG  CD1  doub Y N 248 
PHE CG  CD2  sing Y N 249 
PHE CD1 CE1  sing Y N 250 
PHE CD1 HD1  sing N N 251 
PHE CD2 CE2  doub Y N 252 
PHE CD2 HD2  sing N N 253 
PHE CE1 CZ   doub Y N 254 
PHE CE1 HE1  sing N N 255 
PHE CE2 CZ   sing Y N 256 
PHE CE2 HE2  sing N N 257 
PHE CZ  HZ   sing N N 258 
PHE OXT HXT  sing N N 259 
PRO N   CA   sing N N 260 
PRO N   CD   sing N N 261 
PRO N   H    sing N N 262 
PRO CA  C    sing N N 263 
PRO CA  CB   sing N N 264 
PRO CA  HA   sing N N 265 
PRO C   O    doub N N 266 
PRO C   OXT  sing N N 267 
PRO CB  CG   sing N N 268 
PRO CB  HB2  sing N N 269 
PRO CB  HB3  sing N N 270 
PRO CG  CD   sing N N 271 
PRO CG  HG2  sing N N 272 
PRO CG  HG3  sing N N 273 
PRO CD  HD2  sing N N 274 
PRO CD  HD3  sing N N 275 
PRO OXT HXT  sing N N 276 
SER N   CA   sing N N 277 
SER N   H    sing N N 278 
SER N   H2   sing N N 279 
SER CA  C    sing N N 280 
SER CA  CB   sing N N 281 
SER CA  HA   sing N N 282 
SER C   O    doub N N 283 
SER C   OXT  sing N N 284 
SER CB  OG   sing N N 285 
SER CB  HB2  sing N N 286 
SER CB  HB3  sing N N 287 
SER OG  HG   sing N N 288 
SER OXT HXT  sing N N 289 
THR N   CA   sing N N 290 
THR N   H    sing N N 291 
THR N   H2   sing N N 292 
THR CA  C    sing N N 293 
THR CA  CB   sing N N 294 
THR CA  HA   sing N N 295 
THR C   O    doub N N 296 
THR C   OXT  sing N N 297 
THR CB  OG1  sing N N 298 
THR CB  CG2  sing N N 299 
THR CB  HB   sing N N 300 
THR OG1 HG1  sing N N 301 
THR CG2 HG21 sing N N 302 
THR CG2 HG22 sing N N 303 
THR CG2 HG23 sing N N 304 
THR OXT HXT  sing N N 305 
TYR N   CA   sing N N 306 
TYR N   H    sing N N 307 
TYR N   H2   sing N N 308 
TYR CA  C    sing N N 309 
TYR CA  CB   sing N N 310 
TYR CA  HA   sing N N 311 
TYR C   O    doub N N 312 
TYR C   OXT  sing N N 313 
TYR CB  CG   sing N N 314 
TYR CB  HB2  sing N N 315 
TYR CB  HB3  sing N N 316 
TYR CG  CD1  doub Y N 317 
TYR CG  CD2  sing Y N 318 
TYR CD1 CE1  sing Y N 319 
TYR CD1 HD1  sing N N 320 
TYR CD2 CE2  doub Y N 321 
TYR CD2 HD2  sing N N 322 
TYR CE1 CZ   doub Y N 323 
TYR CE1 HE1  sing N N 324 
TYR CE2 CZ   sing Y N 325 
TYR CE2 HE2  sing N N 326 
TYR CZ  OH   sing N N 327 
TYR OH  HH   sing N N 328 
TYR OXT HXT  sing N N 329 
VAL N   CA   sing N N 330 
VAL N   H    sing N N 331 
VAL N   H2   sing N N 332 
VAL CA  C    sing N N 333 
VAL CA  CB   sing N N 334 
VAL CA  HA   sing N N 335 
VAL C   O    doub N N 336 
VAL C   OXT  sing N N 337 
VAL CB  CG1  sing N N 338 
VAL CB  CG2  sing N N 339 
VAL CB  HB   sing N N 340 
VAL CG1 HG11 sing N N 341 
VAL CG1 HG12 sing N N 342 
VAL CG1 HG13 sing N N 343 
VAL CG2 HG21 sing N N 344 
VAL CG2 HG22 sing N N 345 
VAL CG2 HG23 sing N N 346 
VAL OXT HXT  sing N N 347 
# 
_atom_sites.entry_id                    1MZB 
_atom_sites.fract_transf_matrix[1][1]   -0.00657617 
_atom_sites.fract_transf_matrix[1][2]   0.00613001 
_atom_sites.fract_transf_matrix[1][3]   0.01299053 
_atom_sites.fract_transf_matrix[2][1]   0.01435194 
_atom_sites.fract_transf_matrix[2][2]   0.00221342 
_atom_sites.fract_transf_matrix[2][3]   0.00622089 
_atom_sites.fract_transf_matrix[3][1]   0.00020868 
_atom_sites.fract_transf_matrix[3][2]   0.00505752 
_atom_sites.fract_transf_matrix[3][3]   -0.00228092 
_atom_sites.fract_transf_vector[1]      0.481175 
_atom_sites.fract_transf_vector[2]      0.200519 
_atom_sites.fract_transf_vector[3]      0.193500 
# 
loop_
_atom_type.symbol 
C  
N  
O  
S  
ZN 
# 
loop_
_atom_site.group_PDB 
_atom_site.id 
_atom_site.type_symbol 
_atom_site.label_atom_id 
_atom_site.label_alt_id 
_atom_site.label_comp_id 
_atom_site.label_asym_id 
_atom_site.label_entity_id 
_atom_site.label_seq_id 
_atom_site.pdbx_PDB_ins_code 
_atom_site.Cartn_x 
_atom_site.Cartn_y 
_atom_site.Cartn_z 
_atom_site.occupancy 
_atom_site.B_iso_or_equiv 
_atom_site.pdbx_formal_charge 
_atom_site.auth_seq_id 
_atom_site.auth_comp_id 
_atom_site.auth_asym_id 
_atom_site.auth_atom_id 
_atom_site.pdbx_PDB_model_num 
ATOM   1    N  N   . MET A 1 3   ? 22.318  -0.518  -3.902  1.00 54.86 ? 1    MET A N   1 
ATOM   2    C  CA  . MET A 1 3   ? 21.439  -0.440  -2.704  1.00 52.28 ? 1    MET A CA  1 
ATOM   3    C  C   . MET A 1 3   ? 20.178  -1.263  -2.958  1.00 50.80 ? 1    MET A C   1 
ATOM   4    O  O   . MET A 1 3   ? 19.854  -1.594  -4.099  1.00 48.59 ? 1    MET A O   1 
ATOM   5    C  CB  . MET A 1 3   ? 21.077  1.017   -2.423  1.00 55.24 ? 1    MET A CB  1 
ATOM   6    C  CG  . MET A 1 3   ? 20.845  1.335   -0.954  1.00 60.17 ? 1    MET A CG  1 
ATOM   7    S  SD  . MET A 1 3   ? 20.675  3.123   -0.632  1.00 67.76 ? 1    MET A SD  1 
ATOM   8    C  CE  . MET A 1 3   ? 22.315  3.563   -0.010  1.00 65.51 ? 1    MET A CE  1 
ATOM   9    N  N   . VAL A 1 4   ? 19.467  -1.609  -1.891  1.00 47.58 ? 2    VAL A N   1 
ATOM   10   C  CA  . VAL A 1 4   ? 18.259  -2.407  -2.034  1.00 46.02 ? 2    VAL A CA  1 
ATOM   11   C  C   . VAL A 1 4   ? 17.170  -1.608  -2.719  1.00 45.14 ? 2    VAL A C   1 
ATOM   12   O  O   . VAL A 1 4   ? 16.382  -2.160  -3.481  1.00 43.47 ? 2    VAL A O   1 
ATOM   13   C  CB  . VAL A 1 4   ? 17.756  -2.914  -0.646  1.00 45.16 ? 2    VAL A CB  1 
ATOM   14   C  CG1 . VAL A 1 4   ? 16.323  -3.442  -0.749  1.00 41.81 ? 2    VAL A CG1 1 
ATOM   15   C  CG2 . VAL A 1 4   ? 18.673  -4.004  -0.152  1.00 44.86 ? 2    VAL A CG2 1 
ATOM   16   N  N   . GLU A 1 5   ? 17.117  -0.307  -2.446  1.00 44.97 ? 3    GLU A N   1 
ATOM   17   C  CA  . GLU A 1 5   ? 16.107  0.549   -3.065  1.00 47.47 ? 3    GLU A CA  1 
ATOM   18   C  C   . GLU A 1 5   ? 16.355  0.639   -4.561  1.00 47.23 ? 3    GLU A C   1 
ATOM   19   O  O   . GLU A 1 5   ? 15.423  0.639   -5.355  1.00 47.22 ? 3    GLU A O   1 
ATOM   20   C  CB  . GLU A 1 5   ? 16.133  1.964   -2.468  1.00 49.53 ? 3    GLU A CB  1 
ATOM   21   C  CG  . GLU A 1 5   ? 15.599  2.065   -1.047  1.00 52.81 ? 3    GLU A CG  1 
ATOM   22   C  CD  . GLU A 1 5   ? 16.645  1.743   -0.006  1.00 56.46 ? 3    GLU A CD  1 
ATOM   23   O  OE1 . GLU A 1 5   ? 17.514  0.902   -0.301  1.00 59.32 ? 3    GLU A OE1 1 
ATOM   24   O  OE2 . GLU A 1 5   ? 16.602  2.317   1.111   1.00 57.82 ? 3    GLU A OE2 1 
ATOM   25   N  N   . ASN A 1 6   ? 17.624  0.721   -4.945  1.00 47.39 ? 4    ASN A N   1 
ATOM   26   C  CA  . ASN A 1 6   ? 17.961  0.804   -6.362  1.00 48.03 ? 4    ASN A CA  1 
ATOM   27   C  C   . ASN A 1 6   ? 17.475  -0.427  -7.103  1.00 46.10 ? 4    ASN A C   1 
ATOM   28   O  O   . ASN A 1 6   ? 16.903  -0.313  -8.177  1.00 46.09 ? 4    ASN A O   1 
ATOM   29   C  CB  . ASN A 1 6   ? 19.471  0.956   -6.536  1.00 49.75 ? 4    ASN A CB  1 
ATOM   30   C  CG  . ASN A 1 6   ? 19.969  2.317   -6.095  1.00 51.98 ? 4    ASN A CG  1 
ATOM   31   O  OD1 . ASN A 1 6   ? 19.277  3.050   -5.374  1.00 55.57 ? 4    ASN A OD1 1 
ATOM   32   N  ND2 . ASN A 1 6   ? 21.183  2.662   -6.513  1.00 51.70 ? 4    ASN A ND2 1 
ATOM   33   N  N   . SER A 1 7   ? 17.693  -1.603  -6.522  1.00 45.18 ? 5    SER A N   1 
ATOM   34   C  CA  . SER A 1 7   ? 17.263  -2.838  -7.156  1.00 44.71 ? 5    SER A CA  1 
ATOM   35   C  C   . SER A 1 7   ? 15.752  -2.862  -7.280  1.00 44.51 ? 5    SER A C   1 
ATOM   36   O  O   . SER A 1 7   ? 15.216  -3.234  -8.319  1.00 43.16 ? 5    SER A O   1 
ATOM   37   C  CB  . SER A 1 7   ? 17.737  -4.064  -6.365  1.00 48.01 ? 5    SER A CB  1 
ATOM   38   O  OG  . SER A 1 7   ? 19.146  -4.034  -6.204  1.00 52.00 ? 5    SER A OG  1 
ATOM   39   N  N   . GLU A 1 8   ? 15.055  -2.438  -6.228  1.00 43.37 ? 6    GLU A N   1 
ATOM   40   C  CA  . GLU A 1 8   ? 13.599  -2.439  -6.278  1.00 43.82 ? 6    GLU A CA  1 
ATOM   41   C  C   . GLU A 1 8   ? 13.083  -1.567  -7.401  1.00 42.14 ? 6    GLU A C   1 
ATOM   42   O  O   . GLU A 1 8   ? 12.172  -1.956  -8.130  1.00 43.37 ? 6    GLU A O   1 
ATOM   43   C  CB  . GLU A 1 8   ? 13.033  -1.961  -4.947  1.00 45.19 ? 6    GLU A CB  1 
ATOM   44   C  CG  . GLU A 1 8   ? 13.317  -2.921  -3.822  1.00 49.84 ? 6    GLU A CG  1 
ATOM   45   C  CD  . GLU A 1 8   ? 12.652  -2.489  -2.539  1.00 51.65 ? 6    GLU A CD  1 
ATOM   46   O  OE1 . GLU A 1 8   ? 13.016  -1.411  -2.036  1.00 52.62 ? 6    GLU A OE1 1 
ATOM   47   O  OE2 . GLU A 1 8   ? 11.765  -3.222  -2.052  1.00 54.65 ? 6    GLU A OE2 1 
ATOM   48   N  N   . LEU A 1 9   ? 13.674  -0.388  -7.542  1.00 42.22 ? 7    LEU A N   1 
ATOM   49   C  CA  . LEU A 1 9   ? 13.280  0.545   -8.588  1.00 43.21 ? 7    LEU A CA  1 
ATOM   50   C  C   . LEU A 1 9   ? 13.584  0.005   -9.988  1.00 44.67 ? 7    LEU A C   1 
ATOM   51   O  O   . LEU A 1 9   ? 12.765  0.131   -10.896 1.00 45.23 ? 7    LEU A O   1 
ATOM   52   C  CB  . LEU A 1 9   ? 13.982  1.891   -8.379  1.00 41.77 ? 7    LEU A CB  1 
ATOM   53   C  CG  . LEU A 1 9   ? 13.511  2.741   -7.190  1.00 41.48 ? 7    LEU A CG  1 
ATOM   54   C  CD1 . LEU A 1 9   ? 14.353  4.013   -7.105  1.00 41.97 ? 7    LEU A CD1 1 
ATOM   55   C  CD2 . LEU A 1 9   ? 12.021  3.118   -7.370  1.00 41.39 ? 7    LEU A CD2 1 
ATOM   56   N  N   . ARG A 1 10  ? 14.756  -0.604  -10.168 1.00 45.25 ? 8    ARG A N   1 
ATOM   57   C  CA  . ARG A 1 10  ? 15.112  -1.146  -11.483 1.00 45.77 ? 8    ARG A CA  1 
ATOM   58   C  C   . ARG A 1 10  ? 14.224  -2.321  -11.856 1.00 46.48 ? 8    ARG A C   1 
ATOM   59   O  O   . ARG A 1 10  ? 13.707  -2.380  -12.972 1.00 46.17 ? 8    ARG A O   1 
ATOM   60   C  CB  . ARG A 1 10  ? 16.590  -1.537  -11.505 1.00 48.34 ? 8    ARG A CB  1 
ATOM   61   C  CG  . ARG A 1 10  ? 17.474  -0.306  -11.457 1.00 51.11 ? 8    ARG A CG  1 
ATOM   62   C  CD  . ARG A 1 10  ? 18.928  -0.605  -11.209 1.00 55.28 ? 8    ARG A CD  1 
ATOM   63   N  NE  . ARG A 1 10  ? 19.684  0.642   -11.166 1.00 56.39 ? 8    ARG A NE  1 
ATOM   64   C  CZ  . ARG A 1 10  ? 20.675  0.893   -10.316 1.00 57.68 ? 8    ARG A CZ  1 
ATOM   65   N  NH1 . ARG A 1 10  ? 21.039  -0.023  -9.425  1.00 57.26 ? 8    ARG A NH1 1 
ATOM   66   N  NH2 . ARG A 1 10  ? 21.297  2.066   -10.355 1.00 56.99 ? 8    ARG A NH2 1 
ATOM   67   N  N   . LYS A 1 11  ? 14.028  -3.245  -10.920 1.00 47.26 ? 9    LYS A N   1 
ATOM   68   C  CA  . LYS A 1 11  ? 13.161  -4.394  -11.157 1.00 50.23 ? 9    LYS A CA  1 
ATOM   69   C  C   . LYS A 1 11  ? 11.768  -3.930  -11.583 1.00 51.32 ? 9    LYS A C   1 
ATOM   70   O  O   . LYS A 1 11  ? 11.062  -4.657  -12.291 1.00 52.90 ? 9    LYS A O   1 
ATOM   71   C  CB  . LYS A 1 11  ? 13.026  -5.245  -9.896  1.00 50.26 ? 9    LYS A CB  1 
ATOM   72   C  CG  . LYS A 1 11  ? 14.038  -6.374  -9.740  1.00 54.52 ? 9    LYS A CG  1 
ATOM   73   C  CD  . LYS A 1 11  ? 15.398  -5.913  -9.203  1.00 57.21 ? 9    LYS A CD  1 
ATOM   74   C  CE  . LYS A 1 11  ? 16.281  -5.299  -10.287 1.00 58.67 ? 9    LYS A CE  1 
ATOM   75   N  NZ  . LYS A 1 11  ? 17.546  -4.720  -9.730  1.00 59.93 ? 9    LYS A NZ  1 
ATOM   76   N  N   . ALA A 1 12  ? 11.383  -2.724  -11.157 1.00 51.78 ? 10   ALA A N   1 
ATOM   77   C  CA  . ALA A 1 12  ? 10.076  -2.154  -11.479 1.00 52.14 ? 10   ALA A CA  1 
ATOM   78   C  C   . ALA A 1 12  ? 10.090  -1.289  -12.740 1.00 52.83 ? 10   ALA A C   1 
ATOM   79   O  O   . ALA A 1 12  ? 9.146   -0.542  -12.996 1.00 52.75 ? 10   ALA A O   1 
ATOM   80   C  CB  . ALA A 1 12  ? 9.558   -1.334  -10.292 1.00 52.52 ? 10   ALA A CB  1 
ATOM   81   N  N   . GLY A 1 13  ? 11.159  -1.395  -13.529 1.00 52.47 ? 11   GLY A N   1 
ATOM   82   C  CA  . GLY A 1 13  ? 11.263  -0.622  -14.756 1.00 52.14 ? 11   GLY A CA  1 
ATOM   83   C  C   . GLY A 1 13  ? 11.242  0.876   -14.549 1.00 51.94 ? 11   GLY A C   1 
ATOM   84   O  O   . GLY A 1 13  ? 10.789  1.635   -15.420 1.00 52.09 ? 11   GLY A O   1 
ATOM   85   N  N   . LEU A 1 14  ? 11.744  1.306   -13.398 1.00 50.99 ? 12   LEU A N   1 
ATOM   86   C  CA  . LEU A 1 14  ? 11.777  2.721   -13.057 1.00 50.28 ? 12   LEU A CA  1 
ATOM   87   C  C   . LEU A 1 14  ? 13.199  3.215   -12.824 1.00 49.81 ? 12   LEU A C   1 
ATOM   88   O  O   . LEU A 1 14  ? 13.943  2.642   -12.028 1.00 48.43 ? 12   LEU A O   1 
ATOM   89   C  CB  . LEU A 1 14  ? 10.956  2.977   -11.793 1.00 49.93 ? 12   LEU A CB  1 
ATOM   90   C  CG  . LEU A 1 14  ? 9.489   2.532   -11.828 1.00 49.51 ? 12   LEU A CG  1 
ATOM   91   C  CD1 . LEU A 1 14  ? 8.819   2.951   -10.512 1.00 49.50 ? 12   LEU A CD1 1 
ATOM   92   C  CD2 . LEU A 1 14  ? 8.772   3.170   -13.022 1.00 48.13 ? 12   LEU A CD2 1 
ATOM   93   N  N   . LYS A 1 15  ? 13.567  4.290   -13.517 1.00 50.33 ? 13   LYS A N   1 
ATOM   94   C  CA  . LYS A 1 15  ? 14.903  4.858   -13.381 1.00 48.91 ? 13   LYS A CA  1 
ATOM   95   C  C   . LYS A 1 15  ? 15.089  5.328   -11.951 1.00 48.92 ? 13   LYS A C   1 
ATOM   96   O  O   . LYS A 1 15  ? 14.138  5.784   -11.316 1.00 49.06 ? 13   LYS A O   1 
ATOM   97   C  CB  . LYS A 1 15  ? 15.080  6.023   -14.349 1.00 50.04 ? 13   LYS A CB  1 
ATOM   98   N  N   . VAL A 1 16  ? 16.315  5.219   -11.443 1.00 46.72 ? 14   VAL A N   1 
ATOM   99   C  CA  . VAL A 1 16  ? 16.622  5.629   -10.079 1.00 45.81 ? 14   VAL A CA  1 
ATOM   100  C  C   . VAL A 1 16  ? 16.800  7.134   -9.982  1.00 47.04 ? 14   VAL A C   1 
ATOM   101  O  O   . VAL A 1 16  ? 17.645  7.704   -10.671 1.00 47.65 ? 14   VAL A O   1 
ATOM   102  C  CB  . VAL A 1 16  ? 17.901  4.940   -9.581  1.00 44.65 ? 14   VAL A CB  1 
ATOM   103  C  CG1 . VAL A 1 16  ? 18.288  5.473   -8.211  1.00 43.66 ? 14   VAL A CG1 1 
ATOM   104  C  CG2 . VAL A 1 16  ? 17.677  3.429   -9.520  1.00 42.87 ? 14   VAL A CG2 1 
ATOM   105  N  N   . THR A 1 17  ? 16.006  7.775   -9.126  1.00 45.86 ? 15   THR A N   1 
ATOM   106  C  CA  . THR A 1 17  ? 16.073  9.219   -8.938  1.00 45.99 ? 15   THR A CA  1 
ATOM   107  C  C   . THR A 1 17  ? 16.003  9.551   -7.464  1.00 45.94 ? 15   THR A C   1 
ATOM   108  O  O   . THR A 1 17  ? 15.512  8.766   -6.648  1.00 45.15 ? 15   THR A O   1 
ATOM   109  C  CB  . THR A 1 17  ? 14.908  9.956   -9.624  1.00 46.65 ? 15   THR A CB  1 
ATOM   110  O  OG1 . THR A 1 17  ? 13.684  9.661   -8.929  1.00 43.76 ? 15   THR A OG1 1 
ATOM   111  C  CG2 . THR A 1 17  ? 14.781  9.527   -11.071 1.00 46.30 ? 15   THR A CG2 1 
ATOM   112  N  N   . LEU A 1 18  ? 16.476  10.737  -7.116  1.00 45.76 ? 16   LEU A N   1 
ATOM   113  C  CA  . LEU A 1 18  ? 16.478  11.138  -5.730  1.00 45.08 ? 16   LEU A CA  1 
ATOM   114  C  C   . LEU A 1 18  ? 15.077  11.137  -5.124  1.00 44.47 ? 16   LEU A C   1 
ATOM   115  O  O   . LEU A 1 18  ? 14.861  10.592  -4.044  1.00 42.08 ? 16   LEU A O   1 
ATOM   116  C  CB  . LEU A 1 18  ? 17.083  12.526  -5.587  1.00 48.25 ? 16   LEU A CB  1 
ATOM   117  C  CG  . LEU A 1 18  ? 17.539  12.876  -4.174  1.00 50.61 ? 16   LEU A CG  1 
ATOM   118  C  CD1 . LEU A 1 18  ? 18.805  12.093  -3.870  1.00 52.14 ? 16   LEU A CD1 1 
ATOM   119  C  CD2 . LEU A 1 18  ? 17.815  14.377  -4.067  1.00 52.41 ? 16   LEU A CD2 1 
ATOM   120  N  N   . PRO A 1 19  ? 14.106  11.768  -5.806  1.00 43.31 ? 17   PRO A N   1 
ATOM   121  C  CA  . PRO A 1 19  ? 12.752  11.781  -5.238  1.00 42.19 ? 17   PRO A CA  1 
ATOM   122  C  C   . PRO A 1 19  ? 12.195  10.373  -5.066  1.00 39.60 ? 17   PRO A C   1 
ATOM   123  O  O   . PRO A 1 19  ? 11.529  10.085  -4.072  1.00 40.85 ? 17   PRO A O   1 
ATOM   124  C  CB  . PRO A 1 19  ? 11.959  12.614  -6.251  1.00 41.52 ? 17   PRO A CB  1 
ATOM   125  C  CG  . PRO A 1 19  ? 13.033  13.551  -6.817  1.00 43.67 ? 17   PRO A CG  1 
ATOM   126  C  CD  . PRO A 1 19  ? 14.168  12.580  -7.032  1.00 43.57 ? 17   PRO A CD  1 
ATOM   127  N  N   . ARG A 1 20  ? 12.474  9.498   -6.023  1.00 38.62 ? 18   ARG A N   1 
ATOM   128  C  CA  . ARG A 1 20  ? 11.970  8.134   -5.938  1.00 38.44 ? 18   ARG A CA  1 
ATOM   129  C  C   . ARG A 1 20  ? 12.596  7.391   -4.767  1.00 38.50 ? 18   ARG A C   1 
ATOM   130  O  O   . ARG A 1 20  ? 11.926  6.643   -4.056  1.00 36.52 ? 18   ARG A O   1 
ATOM   131  C  CB  . ARG A 1 20  ? 12.186  7.391   -7.263  1.00 39.35 ? 18   ARG A CB  1 
ATOM   132  C  CG  . ARG A 1 20  ? 11.239  7.834   -8.349  1.00 38.25 ? 18   ARG A CG  1 
ATOM   133  C  CD  . ARG A 1 20  ? 11.520  7.192   -9.703  1.00 40.91 ? 18   ARG A CD  1 
ATOM   134  N  NE  . ARG A 1 20  ? 10.594  7.722   -10.698 1.00 42.39 ? 18   ARG A NE  1 
ATOM   135  C  CZ  . ARG A 1 20  ? 10.697  7.568   -12.017 1.00 47.78 ? 18   ARG A CZ  1 
ATOM   136  N  NH1 . ARG A 1 20  ? 11.703  6.880   -12.560 1.00 48.46 ? 18   ARG A NH1 1 
ATOM   137  N  NH2 . ARG A 1 20  ? 9.781   8.116   -12.805 1.00 50.75 ? 18   ARG A NH2 1 
ATOM   138  N  N   . VAL A 1 21  ? 13.883  7.616   -4.526  1.00 38.19 ? 19   VAL A N   1 
ATOM   139  C  CA  . VAL A 1 21  ? 14.529  6.957   -3.407  1.00 37.08 ? 19   VAL A CA  1 
ATOM   140  C  C   . VAL A 1 21  ? 14.048  7.456   -2.047  1.00 35.70 ? 19   VAL A C   1 
ATOM   141  O  O   . VAL A 1 21  ? 13.761  6.656   -1.139  1.00 36.70 ? 19   VAL A O   1 
ATOM   142  C  CB  . VAL A 1 21  ? 16.076  7.109   -3.501  1.00 38.75 ? 19   VAL A CB  1 
ATOM   143  C  CG1 . VAL A 1 21  ? 16.719  6.691   -2.179  1.00 40.68 ? 19   VAL A CG1 1 
ATOM   144  C  CG2 . VAL A 1 21  ? 16.589  6.263   -4.640  1.00 39.59 ? 19   VAL A CG2 1 
ATOM   145  N  N   . LYS A 1 22  ? 13.926  8.772   -1.888  1.00 34.55 ? 20   LYS A N   1 
ATOM   146  C  CA  . LYS A 1 22  ? 13.478  9.298   -0.617  1.00 34.00 ? 20   LYS A CA  1 
ATOM   147  C  C   . LYS A 1 22  ? 12.043  8.862   -0.254  1.00 32.52 ? 20   LYS A C   1 
ATOM   148  O  O   . LYS A 1 22  ? 11.751  8.552   0.898   1.00 32.84 ? 20   LYS A O   1 
ATOM   149  C  CB  . LYS A 1 22  ? 13.612  10.820  -0.603  1.00 37.65 ? 20   LYS A CB  1 
ATOM   150  C  CG  . LYS A 1 22  ? 15.066  11.268  -0.375  1.00 41.12 ? 20   LYS A CG  1 
ATOM   151  C  CD  . LYS A 1 22  ? 15.238  12.780  -0.382  1.00 48.34 ? 20   LYS A CD  1 
ATOM   152  C  CE  . LYS A 1 22  ? 16.711  13.142  -0.073  1.00 49.41 ? 20   LYS A CE  1 
ATOM   153  N  NZ  . LYS A 1 22  ? 17.236  12.277  1.036   1.00 53.00 ? 20   LYS A NZ  1 
ATOM   154  N  N   . ILE A 1 23  ? 11.159  8.829   -1.241  1.00 33.87 ? 21   ILE A N   1 
ATOM   155  C  CA  . ILE A 1 23  ? 9.775   8.426   -0.965  1.00 32.52 ? 21   ILE A CA  1 
ATOM   156  C  C   . ILE A 1 23  ? 9.689   6.943   -0.588  1.00 32.78 ? 21   ILE A C   1 
ATOM   157  O  O   . ILE A 1 23  ? 8.972   6.555   0.345   1.00 31.31 ? 21   ILE A O   1 
ATOM   158  C  CB  . ILE A 1 23  ? 8.892   8.788   -2.175  1.00 32.88 ? 21   ILE A CB  1 
ATOM   159  C  CG1 . ILE A 1 23  ? 8.843   10.321  -2.280  1.00 33.83 ? 21   ILE A CG1 1 
ATOM   160  C  CG2 . ILE A 1 23  ? 7.494   8.145   -2.021  1.00 31.45 ? 21   ILE A CG2 1 
ATOM   161  C  CD1 . ILE A 1 23  ? 8.246   10.883  -3.560  1.00 33.40 ? 21   ILE A CD1 1 
ATOM   162  N  N   . LEU A 1 24  ? 10.437  6.103   -1.290  1.00 32.35 ? 22   LEU A N   1 
ATOM   163  C  CA  . LEU A 1 24  ? 10.447  4.698   -0.952  1.00 32.63 ? 22   LEU A CA  1 
ATOM   164  C  C   . LEU A 1 24  ? 10.999  4.491   0.478   1.00 31.83 ? 22   LEU A C   1 
ATOM   165  O  O   . LEU A 1 24  ? 10.539  3.618   1.208   1.00 31.02 ? 22   LEU A O   1 
ATOM   166  C  CB  . LEU A 1 24  ? 11.291  3.933   -1.975  1.00 35.38 ? 22   LEU A CB  1 
ATOM   167  C  CG  . LEU A 1 24  ? 11.164  2.412   -1.933  1.00 38.71 ? 22   LEU A CG  1 
ATOM   168  C  CD1 . LEU A 1 24  ? 9.734   2.002   -2.242  1.00 36.87 ? 22   LEU A CD1 1 
ATOM   169  C  CD2 . LEU A 1 24  ? 12.135  1.795   -2.958  1.00 40.61 ? 22   LEU A CD2 1 
ATOM   170  N  N   . GLN A 1 25  ? 11.967  5.305   0.892   1.00 33.51 ? 23   GLN A N   1 
ATOM   171  C  CA  . GLN A 1 25  ? 12.537  5.169   2.232   1.00 35.03 ? 23   GLN A CA  1 
ATOM   172  C  C   . GLN A 1 25  ? 11.511  5.611   3.256   1.00 35.42 ? 23   GLN A C   1 
ATOM   173  O  O   . GLN A 1 25  ? 11.399  5.019   4.335   1.00 33.40 ? 23   GLN A O   1 
ATOM   174  C  CB  . GLN A 1 25  ? 13.820  6.009   2.367   1.00 35.81 ? 23   GLN A CB  1 
ATOM   175  C  CG  . GLN A 1 25  ? 14.993  5.455   1.573   1.00 42.57 ? 23   GLN A CG  1 
ATOM   176  C  CD  . GLN A 1 25  ? 16.176  6.417   1.536   1.00 47.30 ? 23   GLN A CD  1 
ATOM   177  O  OE1 . GLN A 1 25  ? 16.018  7.616   1.771   1.00 48.26 ? 23   GLN A OE1 1 
ATOM   178  N  NE2 . GLN A 1 25  ? 17.364  5.894   1.213   1.00 47.80 ? 23   GLN A NE2 1 
ATOM   179  N  N   . MET A 1 26  ? 10.747  6.652   2.916   1.00 35.96 ? 24   MET A N   1 
ATOM   180  C  CA  . MET A 1 26  ? 9.715   7.113   3.824   1.00 36.36 ? 24   MET A CA  1 
ATOM   181  C  C   . MET A 1 26  ? 8.673   6.011   4.000   1.00 35.06 ? 24   MET A C   1 
ATOM   182  O  O   . MET A 1 26  ? 8.201   5.762   5.114   1.00 35.10 ? 24   MET A O   1 
ATOM   183  C  CB  . MET A 1 26  ? 9.045   8.376   3.292   1.00 37.39 ? 24   MET A CB  1 
ATOM   184  C  CG  . MET A 1 26  ? 8.089   8.975   4.297   1.00 44.31 ? 24   MET A CG  1 
ATOM   185  S  SD  . MET A 1 26  ? 8.946   9.192   5.885   1.00 50.72 ? 24   MET A SD  1 
ATOM   186  C  CE  . MET A 1 26  ? 10.224  10.373  5.406   1.00 48.87 ? 24   MET A CE  1 
ATOM   187  N  N   . LEU A 1 27  ? 8.298   5.356   2.906   1.00 34.39 ? 25   LEU A N   1 
ATOM   188  C  CA  . LEU A 1 27  ? 7.315   4.285   2.987   1.00 35.14 ? 25   LEU A CA  1 
ATOM   189  C  C   . LEU A 1 27  ? 7.832   3.137   3.832   1.00 36.28 ? 25   LEU A C   1 
ATOM   190  O  O   . LEU A 1 27  ? 7.076   2.525   4.600   1.00 36.05 ? 25   LEU A O   1 
ATOM   191  C  CB  . LEU A 1 27  ? 6.994   3.746   1.594   1.00 33.33 ? 25   LEU A CB  1 
ATOM   192  C  CG  . LEU A 1 27  ? 6.130   4.668   0.742   1.00 34.13 ? 25   LEU A CG  1 
ATOM   193  C  CD1 . LEU A 1 27  ? 5.942   4.051   -0.644  1.00 36.58 ? 25   LEU A CD1 1 
ATOM   194  C  CD2 . LEU A 1 27  ? 4.790   4.887   1.447   1.00 34.88 ? 25   LEU A CD2 1 
ATOM   195  N  N   . ASP A 1 28  ? 9.116   2.836   3.676   1.00 37.95 ? 26   ASP A N   1 
ATOM   196  C  CA  . ASP A 1 28  ? 9.716   1.730   4.429   1.00 41.44 ? 26   ASP A CA  1 
ATOM   197  C  C   . ASP A 1 28  ? 9.603   1.909   5.943   1.00 44.80 ? 26   ASP A C   1 
ATOM   198  O  O   . ASP A 1 28  ? 9.268   0.960   6.653   1.00 46.23 ? 26   ASP A O   1 
ATOM   199  C  CB  . ASP A 1 28  ? 11.180  1.554   4.035   1.00 39.55 ? 26   ASP A CB  1 
ATOM   200  C  CG  . ASP A 1 28  ? 11.339  0.961   2.648   1.00 40.89 ? 26   ASP A CG  1 
ATOM   201  O  OD1 . ASP A 1 28  ? 10.357  0.387   2.127   1.00 38.51 ? 26   ASP A OD1 1 
ATOM   202  O  OD2 . ASP A 1 28  ? 12.444  1.067   2.075   1.00 41.09 ? 26   ASP A OD2 1 
ATOM   203  N  N   . SER A 1 29  ? 9.897   3.113   6.425   1.00 48.16 ? 27   SER A N   1 
ATOM   204  C  CA  . SER A 1 29  ? 9.836   3.429   7.855   1.00 52.11 ? 27   SER A CA  1 
ATOM   205  C  C   . SER A 1 29  ? 8.444   3.923   8.227   1.00 54.71 ? 27   SER A C   1 
ATOM   206  O  O   . SER A 1 29  ? 7.972   4.904   7.656   1.00 56.60 ? 27   SER A O   1 
ATOM   207  C  CB  . SER A 1 29  ? 10.828  4.535   8.189   1.00 52.31 ? 27   SER A CB  1 
ATOM   208  O  OG  . SER A 1 29  ? 12.005  4.405   7.416   1.00 53.30 ? 27   SER A OG  1 
ATOM   209  N  N   . ALA A 1 30  ? 7.797   3.280   9.197   1.00 55.35 ? 28   ALA A N   1 
ATOM   210  C  CA  . ALA A 1 30  ? 6.456   3.705   9.584   1.00 56.98 ? 28   ALA A CA  1 
ATOM   211  C  C   . ALA A 1 30  ? 6.427   4.516   10.876  1.00 57.45 ? 28   ALA A C   1 
ATOM   212  O  O   . ALA A 1 30  ? 5.574   4.300   11.740  1.00 58.60 ? 28   ALA A O   1 
ATOM   213  C  CB  . ALA A 1 30  ? 5.527   2.477   9.698   1.00 57.82 ? 28   ALA A CB  1 
ATOM   214  N  N   . GLN A 1 32  ? 2.907   5.142   10.858  1.00 60.23 ? 30   GLN A N   1 
ATOM   215  C  CA  . GLN A 1 32  ? 1.675   4.913   10.114  1.00 58.77 ? 30   GLN A CA  1 
ATOM   216  C  C   . GLN A 1 32  ? 1.906   3.840   9.052   1.00 58.43 ? 30   GLN A C   1 
ATOM   217  O  O   . GLN A 1 32  ? 2.814   3.947   8.211   1.00 58.68 ? 30   GLN A O   1 
ATOM   218  C  CB  . GLN A 1 32  ? 1.211   6.222   9.466   1.00 61.14 ? 30   GLN A CB  1 
ATOM   219  C  CG  . GLN A 1 32  ? 1.118   7.396   10.447  1.00 62.95 ? 30   GLN A CG  1 
ATOM   220  C  CD  . GLN A 1 32  ? 0.569   8.666   9.811   1.00 64.71 ? 30   GLN A CD  1 
ATOM   221  O  OE1 . GLN A 1 32  ? -0.577  8.697   9.347   1.00 65.79 ? 30   GLN A OE1 1 
ATOM   222  N  NE2 . GLN A 1 32  ? 1.387   9.719   9.782   1.00 63.83 ? 30   GLN A NE2 1 
ATOM   223  N  N   . ARG A 1 33  ? 1.082   2.799   9.092   1.00 56.47 ? 31   ARG A N   1 
ATOM   224  C  CA  . ARG A 1 33  ? 1.205   1.701   8.147   1.00 52.95 ? 31   ARG A CA  1 
ATOM   225  C  C   . ARG A 1 33  ? 0.526   2.052   6.810   1.00 49.99 ? 31   ARG A C   1 
ATOM   226  O  O   . ARG A 1 33  ? 0.979   1.619   5.734   1.00 48.97 ? 31   ARG A O   1 
ATOM   227  C  CB  . ARG A 1 33  ? 0.568   0.437   8.739   1.00 56.35 ? 31   ARG A CB  1 
ATOM   228  C  CG  . ARG A 1 33  ? 0.870   0.202   10.225  1.00 59.38 ? 31   ARG A CG  1 
ATOM   229  C  CD  . ARG A 1 33  ? 0.571   -1.242  10.606  1.00 64.13 ? 31   ARG A CD  1 
ATOM   230  N  NE  . ARG A 1 33  ? 0.657   -1.481  12.046  1.00 67.80 ? 31   ARG A NE  1 
ATOM   231  C  CZ  . ARG A 1 33  ? 0.611   -2.692  12.601  1.00 69.56 ? 31   ARG A CZ  1 
ATOM   232  N  NH1 . ARG A 1 33  ? 0.485   -3.770  11.830  1.00 69.08 ? 31   ARG A NH1 1 
ATOM   233  N  NH2 . ARG A 1 33  ? 0.681   -2.826  13.925  1.00 69.03 ? 31   ARG A NH2 1 
ATOM   234  N  N   . HIS A 1 34  ? -0.540  2.852   6.903   1.00 44.45 ? 32   HIS A N   1 
ATOM   235  C  CA  . HIS A 1 34  ? -1.332  3.271   5.744   1.00 39.83 ? 32   HIS A CA  1 
ATOM   236  C  C   . HIS A 1 34  ? -1.332  4.787   5.554   1.00 38.89 ? 32   HIS A C   1 
ATOM   237  O  O   . HIS A 1 34  ? -2.240  5.503   5.979   1.00 40.05 ? 32   HIS A O   1 
ATOM   238  C  CB  . HIS A 1 34  ? -2.766  2.770   5.894   1.00 37.99 ? 32   HIS A CB  1 
ATOM   239  C  CG  . HIS A 1 34  ? -2.844  1.310   6.213   1.00 34.67 ? 32   HIS A CG  1 
ATOM   240  N  ND1 . HIS A 1 34  ? -2.937  0.864   7.510   1.00 36.23 ? 32   HIS A ND1 1 
ATOM   241  C  CD2 . HIS A 1 34  ? -2.745  0.246   5.373   1.00 36.10 ? 32   HIS A CD2 1 
ATOM   242  C  CE1 . HIS A 1 34  ? -2.885  -0.453  7.441   1.00 36.64 ? 32   HIS A CE1 1 
ATOM   243  N  NE2 . HIS A 1 34  ? -2.773  -0.882  6.166   1.00 29.84 ? 32   HIS A NE2 1 
ATOM   244  N  N   . MET A 1 35  ? -0.319  5.256   4.853   1.00 36.47 ? 33   MET A N   1 
ATOM   245  C  CA  . MET A 1 35  ? -0.156  6.662   4.622   1.00 33.56 ? 33   MET A CA  1 
ATOM   246  C  C   . MET A 1 35  ? -0.794  7.231   3.357   1.00 32.41 ? 33   MET A C   1 
ATOM   247  O  O   . MET A 1 35  ? -0.768  6.629   2.288   1.00 30.82 ? 33   MET A O   1 
ATOM   248  C  CB  . MET A 1 35  ? 1.328   6.994   4.593   1.00 36.44 ? 33   MET A CB  1 
ATOM   249  C  CG  . MET A 1 35  ? 2.023   6.909   5.978   1.00 40.89 ? 33   MET A CG  1 
ATOM   250  S  SD  . MET A 1 35  ? 3.729   7.445   5.867   1.00 50.61 ? 33   MET A SD  1 
ATOM   251  C  CE  . MET A 1 35  ? 4.283   6.398   4.652   1.00 43.01 ? 33   MET A CE  1 
ATOM   252  N  N   . SER A 1 36  ? -1.328  8.429   3.512   1.00 26.68 ? 34   SER A N   1 
ATOM   253  C  CA  . SER A 1 36  ? -1.861  9.180   2.389   1.00 27.85 ? 34   SER A CA  1 
ATOM   254  C  C   . SER A 1 36  ? -0.681  9.929   1.754   1.00 26.93 ? 34   SER A C   1 
ATOM   255  O  O   . SER A 1 36  ? 0.447   9.979   2.318   1.00 26.04 ? 34   SER A O   1 
ATOM   256  C  CB  . SER A 1 36  ? -2.872  10.220  2.881   1.00 25.01 ? 34   SER A CB  1 
ATOM   257  O  OG  . SER A 1 36  ? -2.185  11.272  3.534   1.00 25.82 ? 34   SER A OG  1 
ATOM   258  N  N   . ALA A 1 37  ? -0.918  10.524  0.589   1.00 26.12 ? 35   ALA A N   1 
ATOM   259  C  CA  . ALA A 1 37  ? 0.121   11.327  -0.074  1.00 26.67 ? 35   ALA A CA  1 
ATOM   260  C  C   . ALA A 1 37  ? 0.553   12.482  0.833   1.00 28.36 ? 35   ALA A C   1 
ATOM   261  O  O   . ALA A 1 37  ? 1.740   12.812  0.926   1.00 26.46 ? 35   ALA A O   1 
ATOM   262  C  CB  . ALA A 1 37  ? -0.403  11.877  -1.420  1.00 26.54 ? 35   ALA A CB  1 
ATOM   263  N  N   . GLU A 1 38  ? -0.406  13.082  1.535   1.00 27.64 ? 36   GLU A N   1 
ATOM   264  C  CA  . GLU A 1 38  ? -0.105  14.181  2.455   1.00 27.80 ? 36   GLU A CA  1 
ATOM   265  C  C   . GLU A 1 38  ? 0.733   13.717  3.647   1.00 27.92 ? 36   GLU A C   1 
ATOM   266  O  O   . GLU A 1 38  ? 1.625   14.456  4.112   1.00 24.11 ? 36   GLU A O   1 
ATOM   267  C  CB  . GLU A 1 38  ? -1.409  14.824  2.967   1.00 27.00 ? 36   GLU A CB  1 
ATOM   268  C  CG  . GLU A 1 38  ? -1.999  15.841  1.985   1.00 33.82 ? 36   GLU A CG  1 
ATOM   269  C  CD  . GLU A 1 38  ? -3.168  16.571  2.617   1.00 35.14 ? 36   GLU A CD  1 
ATOM   270  O  OE1 . GLU A 1 38  ? -2.903  17.380  3.547   1.00 33.83 ? 36   GLU A OE1 1 
ATOM   271  O  OE2 . GLU A 1 38  ? -4.328  16.313  2.191   1.00 31.88 ? 36   GLU A OE2 1 
ATOM   272  N  N   . ASP A 1 39  ? 0.435   12.517  4.159   1.00 28.53 ? 37   ASP A N   1 
ATOM   273  C  CA  . ASP A 1 39  ? 1.215   11.968  5.275   1.00 28.43 ? 37   ASP A CA  1 
ATOM   274  C  C   . ASP A 1 39  ? 2.663   11.811  4.831   1.00 28.57 ? 37   ASP A C   1 
ATOM   275  O  O   . ASP A 1 39  ? 3.587   12.131  5.588   1.00 27.70 ? 37   ASP A O   1 
ATOM   276  C  CB  . ASP A 1 39  ? 0.704   10.596  5.730   1.00 29.19 ? 37   ASP A CB  1 
ATOM   277  C  CG  . ASP A 1 39  ? -0.684  10.641  6.389   1.00 32.89 ? 37   ASP A CG  1 
ATOM   278  O  OD1 . ASP A 1 39  ? -1.022  11.652  7.061   1.00 31.25 ? 37   ASP A OD1 1 
ATOM   279  O  OD2 . ASP A 1 39  ? -1.430  9.639   6.244   1.00 31.71 ? 37   ASP A OD2 1 
ATOM   280  N  N   . VAL A 1 40  ? 2.874   11.298  3.617   1.00 28.70 ? 38   VAL A N   1 
ATOM   281  C  CA  . VAL A 1 40  ? 4.248   11.135  3.126   1.00 28.45 ? 38   VAL A CA  1 
ATOM   282  C  C   . VAL A 1 40  ? 4.913   12.509  3.009   1.00 29.69 ? 38   VAL A C   1 
ATOM   283  O  O   . VAL A 1 40  ? 6.048   12.729  3.509   1.00 26.91 ? 38   VAL A O   1 
ATOM   284  C  CB  . VAL A 1 40  ? 4.273   10.382  1.759   1.00 29.01 ? 38   VAL A CB  1 
ATOM   285  C  CG1 . VAL A 1 40  ? 5.697   10.298  1.219   1.00 30.93 ? 38   VAL A CG1 1 
ATOM   286  C  CG2 . VAL A 1 40  ? 3.713   8.975   1.916   1.00 29.64 ? 38   VAL A CG2 1 
ATOM   287  N  N   . TYR A 1 41  ? 4.227   13.441  2.354   1.00 27.98 ? 39   TYR A N   1 
ATOM   288  C  CA  . TYR A 1 41  ? 4.727   14.821  2.189   1.00 28.89 ? 39   TYR A CA  1 
ATOM   289  C  C   . TYR A 1 41  ? 5.082   15.487  3.529   1.00 29.37 ? 39   TYR A C   1 
ATOM   290  O  O   . TYR A 1 41  ? 6.189   16.082  3.694   1.00 29.93 ? 39   TYR A O   1 
ATOM   291  C  CB  . TYR A 1 41  ? 3.650   15.653  1.448   1.00 25.95 ? 39   TYR A CB  1 
ATOM   292  C  CG  . TYR A 1 41  ? 3.908   17.134  1.436   1.00 31.62 ? 39   TYR A CG  1 
ATOM   293  C  CD1 . TYR A 1 41  ? 4.878   17.683  0.607   1.00 27.20 ? 39   TYR A CD1 1 
ATOM   294  C  CD2 . TYR A 1 41  ? 3.176   17.988  2.266   1.00 31.32 ? 39   TYR A CD2 1 
ATOM   295  C  CE1 . TYR A 1 41  ? 5.113   19.076  0.598   1.00 30.54 ? 39   TYR A CE1 1 
ATOM   296  C  CE2 . TYR A 1 41  ? 3.406   19.365  2.269   1.00 32.96 ? 39   TYR A CE2 1 
ATOM   297  C  CZ  . TYR A 1 41  ? 4.373   19.897  1.438   1.00 32.40 ? 39   TYR A CZ  1 
ATOM   298  O  OH  . TYR A 1 41  ? 4.613   21.254  1.492   1.00 32.95 ? 39   TYR A OH  1 
ATOM   299  N  N   . LYS A 1 42  ? 4.183   15.375  4.500   1.00 28.39 ? 40   LYS A N   1 
ATOM   300  C  CA  . LYS A 1 42  ? 4.411   15.966  5.818   1.00 33.43 ? 40   LYS A CA  1 
ATOM   301  C  C   . LYS A 1 42  ? 5.620   15.326  6.491   1.00 34.65 ? 40   LYS A C   1 
ATOM   302  O  O   . LYS A 1 42  ? 6.441   16.036  7.102   1.00 35.60 ? 40   LYS A O   1 
ATOM   303  C  CB  . LYS A 1 42  ? 3.191   15.806  6.714   1.00 34.95 ? 40   LYS A CB  1 
ATOM   304  C  CG  . LYS A 1 42  ? 2.043   16.750  6.340   1.00 45.67 ? 40   LYS A CG  1 
ATOM   305  C  CD  . LYS A 1 42  ? 0.757   16.337  7.046   1.00 51.28 ? 40   LYS A CD  1 
ATOM   306  C  CE  . LYS A 1 42  ? -0.418  17.222  6.644   1.00 54.00 ? 40   LYS A CE  1 
ATOM   307  N  NZ  . LYS A 1 42  ? -1.683  16.760  7.284   1.00 58.25 ? 40   LYS A NZ  1 
ATOM   308  N  N   . ALA A 1 43  ? 5.726   14.001  6.401   1.00 34.63 ? 41   ALA A N   1 
ATOM   309  C  CA  . ALA A 1 43  ? 6.885   13.300  6.998   1.00 37.49 ? 41   ALA A CA  1 
ATOM   310  C  C   . ALA A 1 43  ? 8.159   13.806  6.341   1.00 38.82 ? 41   ALA A C   1 
ATOM   311  O  O   . ALA A 1 43  ? 9.163   14.063  7.019   1.00 41.47 ? 41   ALA A O   1 
ATOM   312  C  CB  . ALA A 1 43  ? 6.765   11.807  6.796   1.00 35.59 ? 41   ALA A CB  1 
ATOM   313  N  N   . LEU A 1 44  ? 8.136   13.946  5.023   1.00 38.55 ? 42   LEU A N   1 
ATOM   314  C  CA  . LEU A 1 44  ? 9.297   14.449  4.303   1.00 40.91 ? 42   LEU A CA  1 
ATOM   315  C  C   . LEU A 1 44  ? 9.637   15.878  4.695   1.00 42.91 ? 42   LEU A C   1 
ATOM   316  O  O   . LEU A 1 44  ? 10.817  16.221  4.838   1.00 43.20 ? 42   LEU A O   1 
ATOM   317  C  CB  . LEU A 1 44  ? 9.072   14.375  2.800   1.00 39.90 ? 42   LEU A CB  1 
ATOM   318  C  CG  . LEU A 1 44  ? 9.179   12.977  2.190   1.00 40.97 ? 42   LEU A CG  1 
ATOM   319  C  CD1 . LEU A 1 44  ? 8.740   13.027  0.744   1.00 40.56 ? 42   LEU A CD1 1 
ATOM   320  C  CD2 . LEU A 1 44  ? 10.618  12.472  2.332   1.00 41.85 ? 42   LEU A CD2 1 
ATOM   321  N  N   . MET A 1 45  ? 8.621   16.721  4.863   1.00 43.01 ? 43   MET A N   1 
ATOM   322  C  CA  . MET A 1 45  ? 8.862   18.111  5.260   1.00 45.06 ? 43   MET A CA  1 
ATOM   323  C  C   . MET A 1 45  ? 9.438   18.176  6.662   1.00 46.79 ? 43   MET A C   1 
ATOM   324  O  O   . MET A 1 45  ? 10.303  19.006  6.941   1.00 47.10 ? 43   MET A O   1 
ATOM   325  C  CB  . MET A 1 45  ? 7.581   18.937  5.212   1.00 46.08 ? 43   MET A CB  1 
ATOM   326  C  CG  . MET A 1 45  ? 7.078   19.215  3.801   1.00 46.23 ? 43   MET A CG  1 
ATOM   327  S  SD  . MET A 1 45  ? 8.210   20.100  2.671   1.00 50.60 ? 43   MET A SD  1 
ATOM   328  C  CE  . MET A 1 45  ? 8.119   21.777  3.313   1.00 51.29 ? 43   MET A CE  1 
ATOM   329  N  N   . GLU A 1 46  ? 8.949   17.317  7.551   1.00 47.81 ? 44   GLU A N   1 
ATOM   330  C  CA  . GLU A 1 46  ? 9.460   17.278  8.916   1.00 50.76 ? 44   GLU A CA  1 
ATOM   331  C  C   . GLU A 1 46  ? 10.955  16.943  8.801   1.00 52.43 ? 44   GLU A C   1 
ATOM   332  O  O   . GLU A 1 46  ? 11.797  17.559  9.454   1.00 52.99 ? 44   GLU A O   1 
ATOM   333  C  CB  . GLU A 1 46  ? 8.749   16.184  9.719   1.00 51.16 ? 44   GLU A CB  1 
ATOM   334  C  CG  . GLU A 1 46  ? 8.828   16.346  11.238  1.00 56.13 ? 44   GLU A CG  1 
ATOM   335  C  CD  . GLU A 1 46  ? 8.658   15.021  11.983  1.00 58.73 ? 44   GLU A CD  1 
ATOM   336  O  OE1 . GLU A 1 46  ? 7.910   14.134  11.493  1.00 61.34 ? 44   GLU A OE1 1 
ATOM   337  O  OE2 . GLU A 1 46  ? 9.263   14.866  13.070  1.00 60.85 ? 44   GLU A OE2 1 
ATOM   338  N  N   . ALA A 1 47  ? 11.280  15.970  7.951   1.00 53.38 ? 45   ALA A N   1 
ATOM   339  C  CA  . ALA A 1 47  ? 12.668  15.566  7.752   1.00 54.28 ? 45   ALA A CA  1 
ATOM   340  C  C   . ALA A 1 47  ? 13.434  16.621  6.963   1.00 54.13 ? 45   ALA A C   1 
ATOM   341  O  O   . ALA A 1 47  ? 14.475  16.340  6.364   1.00 55.57 ? 45   ALA A O   1 
ATOM   342  C  CB  . ALA A 1 47  ? 12.719  14.218  7.028   1.00 54.36 ? 45   ALA A CB  1 
ATOM   343  N  N   . GLY A 1 48  ? 12.919  17.842  6.969   1.00 53.92 ? 46   GLY A N   1 
ATOM   344  C  CA  . GLY A 1 48  ? 13.560  18.927  6.248   1.00 54.31 ? 46   GLY A CA  1 
ATOM   345  C  C   . GLY A 1 48  ? 13.850  18.679  4.776   1.00 54.71 ? 46   GLY A C   1 
ATOM   346  O  O   . GLY A 1 48  ? 14.709  19.351  4.197   1.00 55.29 ? 46   GLY A O   1 
ATOM   347  N  N   . GLU A 1 49  ? 13.148  17.734  4.154   1.00 54.55 ? 47   GLU A N   1 
ATOM   348  C  CA  . GLU A 1 49  ? 13.387  17.436  2.743   1.00 54.04 ? 47   GLU A CA  1 
ATOM   349  C  C   . GLU A 1 49  ? 12.786  18.479  1.800   1.00 54.31 ? 47   GLU A C   1 
ATOM   350  O  O   . GLU A 1 49  ? 12.046  19.377  2.224   1.00 55.27 ? 47   GLU A O   1 
ATOM   351  C  CB  . GLU A 1 49  ? 12.864  16.039  2.390   1.00 54.23 ? 47   GLU A CB  1 
ATOM   352  C  CG  . GLU A 1 49  ? 13.608  14.881  3.083   1.00 55.11 ? 47   GLU A CG  1 
ATOM   353  C  CD  . GLU A 1 49  ? 15.057  14.703  2.604   1.00 56.66 ? 47   GLU A CD  1 
ATOM   354  O  OE1 . GLU A 1 49  ? 15.432  15.287  1.564   1.00 56.00 ? 47   GLU A OE1 1 
ATOM   355  O  OE2 . GLU A 1 49  ? 15.816  13.955  3.258   1.00 56.26 ? 47   GLU A OE2 1 
ATOM   356  N  N   . ASP A 1 50  ? 13.106  18.348  0.515   1.00 53.14 ? 48   ASP A N   1 
ATOM   357  C  CA  . ASP A 1 50  ? 12.647  19.283  -0.502  1.00 52.15 ? 48   ASP A CA  1 
ATOM   358  C  C   . ASP A 1 50  ? 11.832  18.645  -1.639  1.00 49.71 ? 48   ASP A C   1 
ATOM   359  O  O   . ASP A 1 50  ? 12.164  18.799  -2.821  1.00 49.83 ? 48   ASP A O   1 
ATOM   360  C  CB  . ASP A 1 50  ? 13.875  20.015  -1.067  1.00 55.46 ? 48   ASP A CB  1 
ATOM   361  C  CG  . ASP A 1 50  ? 13.517  21.040  -2.118  1.00 58.03 ? 48   ASP A CG  1 
ATOM   362  O  OD1 . ASP A 1 50  ? 12.737  21.971  -1.805  1.00 60.34 ? 48   ASP A OD1 1 
ATOM   363  O  OD2 . ASP A 1 50  ? 14.017  20.909  -3.261  1.00 60.56 ? 48   ASP A OD2 1 
ATOM   364  N  N   . VAL A 1 51  ? 10.772  17.922  -1.289  1.00 45.47 ? 49   VAL A N   1 
ATOM   365  C  CA  . VAL A 1 51  ? 9.944   17.285  -2.309  1.00 41.09 ? 49   VAL A CA  1 
ATOM   366  C  C   . VAL A 1 51  ? 8.533   17.867  -2.185  1.00 38.80 ? 49   VAL A C   1 
ATOM   367  O  O   . VAL A 1 51  ? 7.923   17.765  -1.123  1.00 38.01 ? 49   VAL A O   1 
ATOM   368  C  CB  . VAL A 1 51  ? 9.870   15.755  -2.095  1.00 40.93 ? 49   VAL A CB  1 
ATOM   369  C  CG1 . VAL A 1 51  ? 9.185   15.103  -3.281  1.00 40.51 ? 49   VAL A CG1 1 
ATOM   370  C  CG2 . VAL A 1 51  ? 11.280  15.184  -1.888  1.00 41.77 ? 49   VAL A CG2 1 
ATOM   371  N  N   . GLY A 1 52  ? 8.041   18.481  -3.255  1.00 36.67 ? 50   GLY A N   1 
ATOM   372  C  CA  . GLY A 1 52  ? 6.716   19.084  -3.205  1.00 32.82 ? 50   GLY A CA  1 
ATOM   373  C  C   . GLY A 1 52  ? 5.628   18.026  -3.193  1.00 31.46 ? 50   GLY A C   1 
ATOM   374  O  O   . GLY A 1 52  ? 5.856   16.888  -3.611  1.00 28.49 ? 50   GLY A O   1 
ATOM   375  N  N   . LEU A 1 53  ? 4.435   18.414  -2.735  1.00 29.63 ? 51   LEU A N   1 
ATOM   376  C  CA  . LEU A 1 53  ? 3.294   17.484  -2.653  1.00 30.25 ? 51   LEU A CA  1 
ATOM   377  C  C   . LEU A 1 53  ? 2.925   16.822  -3.979  1.00 28.88 ? 51   LEU A C   1 
ATOM   378  O  O   . LEU A 1 53  ? 2.648   15.615  -4.014  1.00 30.23 ? 51   LEU A O   1 
ATOM   379  C  CB  . LEU A 1 53  ? 2.072   18.220  -2.065  1.00 28.00 ? 51   LEU A CB  1 
ATOM   380  C  CG  . LEU A 1 53  ? 0.793   17.403  -1.822  1.00 27.18 ? 51   LEU A CG  1 
ATOM   381  C  CD1 . LEU A 1 53  ? 1.138   16.197  -0.906  1.00 24.65 ? 51   LEU A CD1 1 
ATOM   382  C  CD2 . LEU A 1 53  ? -0.266  18.298  -1.168  1.00 25.62 ? 51   LEU A CD2 1 
ATOM   383  N  N   . ALA A 1 54  ? 2.857   17.611  -5.055  1.00 29.39 ? 52   ALA A N   1 
ATOM   384  C  CA  . ALA A 1 54  ? 2.525   17.083  -6.375  1.00 30.17 ? 52   ALA A CA  1 
ATOM   385  C  C   . ALA A 1 54  ? 3.540   16.041  -6.785  1.00 30.27 ? 52   ALA A C   1 
ATOM   386  O  O   . ALA A 1 54  ? 3.202   15.035  -7.404  1.00 29.13 ? 52   ALA A O   1 
ATOM   387  C  CB  . ALA A 1 54  ? 2.476   18.216  -7.423  1.00 32.42 ? 52   ALA A CB  1 
ATOM   388  N  N   . THR A 1 55  ? 4.800   16.262  -6.430  1.00 29.76 ? 53   THR A N   1 
ATOM   389  C  CA  . THR A 1 55  ? 5.800   15.265  -6.789  1.00 30.74 ? 53   THR A CA  1 
ATOM   390  C  C   . THR A 1 55  ? 5.576   13.986  -5.951  1.00 28.11 ? 53   THR A C   1 
ATOM   391  O  O   . THR A 1 55  ? 5.721   12.883  -6.452  1.00 29.81 ? 53   THR A O   1 
ATOM   392  C  CB  . THR A 1 55  ? 7.212   15.806  -6.526  1.00 32.71 ? 53   THR A CB  1 
ATOM   393  O  OG1 . THR A 1 55  ? 7.441   16.900  -7.424  1.00 34.94 ? 53   THR A OG1 1 
ATOM   394  C  CG2 . THR A 1 55  ? 8.287   14.693  -6.739  1.00 34.69 ? 53   THR A CG2 1 
ATOM   395  N  N   . VAL A 1 56  ? 5.218   14.144  -4.687  1.00 26.53 ? 54   VAL A N   1 
ATOM   396  C  CA  . VAL A 1 56  ? 4.985   12.983  -3.828  1.00 26.59 ? 54   VAL A CA  1 
ATOM   397  C  C   . VAL A 1 56  ? 3.844   12.175  -4.417  1.00 27.36 ? 54   VAL A C   1 
ATOM   398  O  O   . VAL A 1 56  ? 3.936   10.959  -4.557  1.00 26.16 ? 54   VAL A O   1 
ATOM   399  C  CB  . VAL A 1 56  ? 4.618   13.392  -2.358  1.00 27.23 ? 54   VAL A CB  1 
ATOM   400  C  CG1 . VAL A 1 56  ? 4.093   12.151  -1.602  1.00 26.90 ? 54   VAL A CG1 1 
ATOM   401  C  CG2 . VAL A 1 56  ? 5.895   13.998  -1.613  1.00 26.89 ? 54   VAL A CG2 1 
ATOM   402  N  N   . TYR A 1 57  ? 2.762   12.844  -4.789  1.00 26.63 ? 55   TYR A N   1 
ATOM   403  C  CA  . TYR A 1 57  ? 1.623   12.115  -5.351  1.00 27.34 ? 55   TYR A CA  1 
ATOM   404  C  C   . TYR A 1 57  ? 2.008   11.404  -6.658  1.00 29.30 ? 55   TYR A C   1 
ATOM   405  O  O   . TYR A 1 57  ? 1.648   10.261  -6.897  1.00 27.97 ? 55   TYR A O   1 
ATOM   406  C  CB  . TYR A 1 57  ? 0.463   13.054  -5.635  1.00 27.29 ? 55   TYR A CB  1 
ATOM   407  C  CG  . TYR A 1 57  ? -0.750  12.303  -6.168  1.00 27.20 ? 55   TYR A CG  1 
ATOM   408  C  CD1 . TYR A 1 57  ? -1.533  11.517  -5.328  1.00 28.91 ? 55   TYR A CD1 1 
ATOM   409  C  CD2 . TYR A 1 57  ? -1.065  12.324  -7.529  1.00 31.59 ? 55   TYR A CD2 1 
ATOM   410  C  CE1 . TYR A 1 57  ? -2.618  10.759  -5.837  1.00 29.28 ? 55   TYR A CE1 1 
ATOM   411  C  CE2 . TYR A 1 57  ? -2.131  11.575  -8.045  1.00 28.74 ? 55   TYR A CE2 1 
ATOM   412  C  CZ  . TYR A 1 57  ? -2.890  10.806  -7.205  1.00 29.81 ? 55   TYR A CZ  1 
ATOM   413  O  OH  . TYR A 1 57  ? -3.925  10.057  -7.707  1.00 31.35 ? 55   TYR A OH  1 
ATOM   414  N  N   . ARG A 1 58  ? 2.735   12.112  -7.506  1.00 29.10 ? 56   ARG A N   1 
ATOM   415  C  CA  . ARG A 1 58  ? 3.158   11.539  -8.773  1.00 30.70 ? 56   ARG A CA  1 
ATOM   416  C  C   . ARG A 1 58  ? 3.994   10.290  -8.569  1.00 28.46 ? 56   ARG A C   1 
ATOM   417  O  O   . ARG A 1 58  ? 3.754   9.269   -9.205  1.00 27.52 ? 56   ARG A O   1 
ATOM   418  C  CB  . ARG A 1 58  ? 3.955   12.583  -9.563  1.00 33.24 ? 56   ARG A CB  1 
ATOM   419  C  CG  . ARG A 1 58  ? 3.094   13.738  -9.968  1.00 46.41 ? 56   ARG A CG  1 
ATOM   420  C  CD  . ARG A 1 58  ? 2.468   13.489  -11.299 1.00 50.08 ? 56   ARG A CD  1 
ATOM   421  N  NE  . ARG A 1 58  ? 3.404   13.813  -12.381 1.00 57.32 ? 56   ARG A NE  1 
ATOM   422  C  CZ  . ARG A 1 58  ? 3.609   15.040  -12.853 1.00 60.65 ? 56   ARG A CZ  1 
ATOM   423  N  NH1 . ARG A 1 58  ? 2.943   16.065  -12.333 1.00 62.82 ? 56   ARG A NH1 1 
ATOM   424  N  NH2 . ARG A 1 58  ? 4.464   15.244  -13.857 1.00 61.40 ? 56   ARG A NH2 1 
ATOM   425  N  N   . VAL A 1 59  ? 4.997   10.383  -7.701  1.00 28.33 ? 57   VAL A N   1 
ATOM   426  C  CA  . VAL A 1 59  ? 5.852   9.234   -7.440  1.00 27.16 ? 57   VAL A CA  1 
ATOM   427  C  C   . VAL A 1 59  ? 5.076   8.062   -6.841  1.00 26.72 ? 57   VAL A C   1 
ATOM   428  O  O   . VAL A 1 59  ? 5.271   6.925   -7.230  1.00 24.93 ? 57   VAL A O   1 
ATOM   429  C  CB  . VAL A 1 59  ? 7.001   9.579   -6.493  1.00 28.99 ? 57   VAL A CB  1 
ATOM   430  C  CG1 . VAL A 1 59  ? 7.773   8.289   -6.123  1.00 29.74 ? 57   VAL A CG1 1 
ATOM   431  C  CG2 . VAL A 1 59  ? 7.941   10.591  -7.129  1.00 30.41 ? 57   VAL A CG2 1 
ATOM   432  N  N   . LEU A 1 60  ? 4.193   8.327   -5.872  1.00 23.54 ? 58   LEU A N   1 
ATOM   433  C  CA  . LEU A 1 60  ? 3.432   7.242   -5.309  1.00 25.08 ? 58   LEU A CA  1 
ATOM   434  C  C   . LEU A 1 60  ? 2.565   6.598   -6.407  1.00 24.04 ? 58   LEU A C   1 
ATOM   435  O  O   . LEU A 1 60  ? 2.362   5.392   -6.394  1.00 23.93 ? 58   LEU A O   1 
ATOM   436  C  CB  . LEU A 1 60  ? 2.542   7.762   -4.146  1.00 22.57 ? 58   LEU A CB  1 
ATOM   437  C  CG  . LEU A 1 60  ? 3.301   8.245   -2.899  1.00 23.13 ? 58   LEU A CG  1 
ATOM   438  C  CD1 . LEU A 1 60  ? 2.332   8.998   -1.875  1.00 22.97 ? 58   LEU A CD1 1 
ATOM   439  C  CD2 . LEU A 1 60  ? 3.863   6.973   -2.213  1.00 25.30 ? 58   LEU A CD2 1 
ATOM   440  N  N   . THR A 1 61  ? 2.068   7.398   -7.358  1.00 25.65 ? 59   THR A N   1 
ATOM   441  C  CA  . THR A 1 61  ? 1.240   6.826   -8.438  1.00 25.42 ? 59   THR A CA  1 
ATOM   442  C  C   . THR A 1 61  ? 2.130   5.997   -9.395  1.00 27.72 ? 59   THR A C   1 
ATOM   443  O  O   . THR A 1 61  ? 1.713   4.951   -9.909  1.00 27.16 ? 59   THR A O   1 
ATOM   444  C  CB  . THR A 1 61  ? 0.476   7.921   -9.210  1.00 26.87 ? 59   THR A CB  1 
ATOM   445  O  OG1 . THR A 1 61  ? -0.493  8.512   -8.312  1.00 28.68 ? 59   THR A OG1 1 
ATOM   446  C  CG2 . THR A 1 61  ? -0.287  7.315   -10.396 1.00 28.76 ? 59   THR A CG2 1 
ATOM   447  N  N   . GLN A 1 62  ? 3.369   6.441   -9.560  1.00 28.98 ? 60   GLN A N   1 
ATOM   448  C  CA  . GLN A 1 62  ? 4.342   5.708   -10.404 1.00 30.41 ? 60   GLN A CA  1 
ATOM   449  C  C   . GLN A 1 62  ? 4.608   4.366   -9.715  1.00 30.15 ? 60   GLN A C   1 
ATOM   450  O  O   . GLN A 1 62  ? 4.630   3.315   -10.376 1.00 28.61 ? 60   GLN A O   1 
ATOM   451  C  CB  . GLN A 1 62  ? 5.647   6.517   -10.554 1.00 30.01 ? 60   GLN A CB  1 
ATOM   452  C  CG  . GLN A 1 62  ? 5.498   7.880   -11.257 1.00 36.00 ? 60   GLN A CG  1 
ATOM   453  C  CD  . GLN A 1 62  ? 6.808   8.613   -11.541 1.00 42.20 ? 60   GLN A CD  1 
ATOM   454  O  OE1 . GLN A 1 62  ? 7.695   8.716   -10.676 1.00 43.72 ? 60   GLN A OE1 1 
ATOM   455  N  NE2 . GLN A 1 62  ? 6.936   9.141   -12.772 1.00 43.34 ? 60   GLN A NE2 1 
ATOM   456  N  N   . PHE A 1 63  ? 4.795   4.398   -8.388  1.00 29.77 ? 61   PHE A N   1 
ATOM   457  C  CA  . PHE A 1 63  ? 5.055   3.183   -7.609  1.00 28.80 ? 61   PHE A CA  1 
ATOM   458  C  C   . PHE A 1 63  ? 3.881   2.226   -7.650  1.00 29.90 ? 61   PHE A C   1 
ATOM   459  O  O   . PHE A 1 63  ? 4.043   1.013   -7.684  1.00 28.42 ? 61   PHE A O   1 
ATOM   460  C  CB  . PHE A 1 63  ? 5.339   3.520   -6.133  1.00 27.39 ? 61   PHE A CB  1 
ATOM   461  C  CG  . PHE A 1 63  ? 6.694   4.100   -5.887  1.00 28.62 ? 61   PHE A CG  1 
ATOM   462  C  CD1 . PHE A 1 63  ? 7.574   4.327   -6.934  1.00 29.95 ? 61   PHE A CD1 1 
ATOM   463  C  CD2 . PHE A 1 63  ? 7.077   4.442   -4.605  1.00 28.33 ? 61   PHE A CD2 1 
ATOM   464  C  CE1 . PHE A 1 63  ? 8.821   4.884   -6.697  1.00 30.82 ? 61   PHE A CE1 1 
ATOM   465  C  CE2 . PHE A 1 63  ? 8.333   5.010   -4.363  1.00 29.07 ? 61   PHE A CE2 1 
ATOM   466  C  CZ  . PHE A 1 63  ? 9.196   5.230   -5.408  1.00 31.74 ? 61   PHE A CZ  1 
ATOM   467  N  N   . GLU A 1 64  ? 2.675   2.783   -7.643  1.00 28.92 ? 62   GLU A N   1 
ATOM   468  C  CA  . GLU A 1 64  ? 1.490   1.963   -7.657  1.00 30.71 ? 62   GLU A CA  1 
ATOM   469  C  C   . GLU A 1 64  ? 1.343   1.203   -8.981  1.00 31.41 ? 62   GLU A C   1 
ATOM   470  O  O   . GLU A 1 64  ? 1.053   0.006   -9.000  1.00 31.46 ? 62   GLU A O   1 
ATOM   471  C  CB  . GLU A 1 64  ? 0.270   2.849   -7.435  1.00 34.59 ? 62   GLU A CB  1 
ATOM   472  C  CG  . GLU A 1 64  ? -1.015  2.087   -7.393  1.00 41.53 ? 62   GLU A CG  1 
ATOM   473  C  CD  . GLU A 1 64  ? -2.020  2.709   -8.323  1.00 49.72 ? 62   GLU A CD  1 
ATOM   474  O  OE1 . GLU A 1 64  ? -2.644  3.728   -7.928  1.00 51.28 ? 62   GLU A OE1 1 
ATOM   475  O  OE2 . GLU A 1 64  ? -2.145  2.199   -9.472  1.00 51.06 ? 62   GLU A OE2 1 
ATOM   476  N  N   . ALA A 1 65  ? 1.513   1.922   -10.068 1.00 31.25 ? 63   ALA A N   1 
ATOM   477  C  CA  . ALA A 1 65  ? 1.386   1.338   -11.405 1.00 34.91 ? 63   ALA A CA  1 
ATOM   478  C  C   . ALA A 1 65  ? 2.423   0.243   -11.622 1.00 36.51 ? 63   ALA A C   1 
ATOM   479  O  O   . ALA A 1 65  ? 2.151   -0.779  -12.275 1.00 37.12 ? 63   ALA A O   1 
ATOM   480  C  CB  . ALA A 1 65  ? 1.553   2.415   -12.434 1.00 32.82 ? 63   ALA A CB  1 
ATOM   481  N  N   . ALA A 1 66  ? 3.604   0.475   -11.064 1.00 36.81 ? 64   ALA A N   1 
ATOM   482  C  CA  . ALA A 1 66  ? 4.728   -0.444  -11.160 1.00 36.50 ? 64   ALA A CA  1 
ATOM   483  C  C   . ALA A 1 66  ? 4.582   -1.663  -10.275 1.00 37.57 ? 64   ALA A C   1 
ATOM   484  O  O   . ALA A 1 66  ? 5.276   -2.664  -10.474 1.00 37.76 ? 64   ALA A O   1 
ATOM   485  C  CB  . ALA A 1 66  ? 6.025   0.308   -10.815 1.00 35.54 ? 64   ALA A CB  1 
ATOM   486  N  N   . GLY A 1 67  ? 3.696   -1.590  -9.289  1.00 32.72 ? 65   GLY A N   1 
ATOM   487  C  CA  . GLY A 1 67  ? 3.517   -2.716  -8.401  1.00 34.67 ? 65   GLY A CA  1 
ATOM   488  C  C   . GLY A 1 67  ? 4.330   -2.634  -7.119  1.00 31.19 ? 65   GLY A C   1 
ATOM   489  O  O   . GLY A 1 67  ? 4.292   -3.562  -6.317  1.00 33.39 ? 65   GLY A O   1 
ATOM   490  N  N   . LEU A 1 68  ? 5.064   -1.553  -6.918  1.00 30.20 ? 66   LEU A N   1 
ATOM   491  C  CA  . LEU A 1 68  ? 5.825   -1.413  -5.677  1.00 29.86 ? 66   LEU A CA  1 
ATOM   492  C  C   . LEU A 1 68  ? 4.876   -1.065  -4.514  1.00 29.38 ? 66   LEU A C   1 
ATOM   493  O  O   . LEU A 1 68  ? 5.180   -1.341  -3.353  1.00 28.67 ? 66   LEU A O   1 
ATOM   494  C  CB  . LEU A 1 68  ? 6.855   -0.308  -5.808  1.00 31.08 ? 66   LEU A CB  1 
ATOM   495  C  CG  . LEU A 1 68  ? 8.036   -0.692  -6.693  1.00 36.39 ? 66   LEU A CG  1 
ATOM   496  C  CD1 . LEU A 1 68  ? 8.956   0.515   -6.813  1.00 38.78 ? 66   LEU A CD1 1 
ATOM   497  C  CD2 . LEU A 1 68  ? 8.761   -1.898  -6.064  1.00 35.23 ? 66   LEU A CD2 1 
ATOM   498  N  N   . VAL A 1 69  ? 3.766   -0.399  -4.817  1.00 27.26 ? 67   VAL A N   1 
ATOM   499  C  CA  . VAL A 1 69  ? 2.802   -0.079  -3.739  1.00 27.82 ? 67   VAL A CA  1 
ATOM   500  C  C   . VAL A 1 69  ? 1.403   -0.403  -4.224  1.00 29.23 ? 67   VAL A C   1 
ATOM   501  O  O   . VAL A 1 69  ? 1.188   -0.568  -5.426  1.00 26.93 ? 67   VAL A O   1 
ATOM   502  C  CB  . VAL A 1 69  ? 2.828   1.419   -3.272  1.00 28.79 ? 67   VAL A CB  1 
ATOM   503  C  CG1 . VAL A 1 69  ? 4.243   1.848   -2.917  1.00 26.76 ? 67   VAL A CG1 1 
ATOM   504  C  CG2 . VAL A 1 69  ? 2.192   2.327   -4.275  1.00 31.00 ? 67   VAL A CG2 1 
ATOM   505  N  N   . VAL A 1 70  ? 0.473   -0.535  -3.280  1.00 24.89 ? 68   VAL A N   1 
ATOM   506  C  CA  . VAL A 1 70  ? -0.915  -0.807  -3.602  1.00 29.26 ? 68   VAL A CA  1 
ATOM   507  C  C   . VAL A 1 70  ? -1.644  0.423   -3.071  1.00 30.50 ? 68   VAL A C   1 
ATOM   508  O  O   . VAL A 1 70  ? -1.271  0.944   -2.025  1.00 30.63 ? 68   VAL A O   1 
ATOM   509  C  CB  . VAL A 1 70  ? -1.441  -2.035  -2.838  1.00 31.50 ? 68   VAL A CB  1 
ATOM   510  C  CG1 . VAL A 1 70  ? -2.921  -2.214  -3.119  1.00 36.04 ? 68   VAL A CG1 1 
ATOM   511  C  CG2 . VAL A 1 70  ? -0.669  -3.315  -3.282  1.00 39.46 ? 68   VAL A CG2 1 
ATOM   512  N  N   . ARG A 1 71  ? -2.656  0.879   -3.790  1.00 28.72 ? 69   ARG A N   1 
ATOM   513  C  CA  . ARG A 1 71  ? -3.441  2.026   -3.363  1.00 30.08 ? 69   ARG A CA  1 
ATOM   514  C  C   . ARG A 1 71  ? -4.791  1.471   -2.919  1.00 31.19 ? 69   ARG A C   1 
ATOM   515  O  O   . ARG A 1 71  ? -5.404  0.629   -3.593  1.00 29.42 ? 69   ARG A O   1 
ATOM   516  C  CB  . ARG A 1 71  ? -3.590  3.001   -4.536  1.00 30.97 ? 69   ARG A CB  1 
ATOM   517  C  CG  . ARG A 1 71  ? -4.585  4.135   -4.340  1.00 32.64 ? 69   ARG A CG  1 
ATOM   518  C  CD  . ARG A 1 71  ? -4.862  4.807   -5.688  1.00 34.45 ? 69   ARG A CD  1 
ATOM   519  N  NE  . ARG A 1 71  ? -5.514  6.101   -5.575  1.00 40.84 ? 69   ARG A NE  1 
ATOM   520  C  CZ  . ARG A 1 71  ? -5.010  7.227   -6.073  1.00 40.15 ? 69   ARG A CZ  1 
ATOM   521  N  NH1 . ARG A 1 71  ? -3.839  7.214   -6.719  1.00 44.98 ? 69   ARG A NH1 1 
ATOM   522  N  NH2 . ARG A 1 71  ? -5.678  8.359   -5.930  1.00 44.80 ? 69   ARG A NH2 1 
ATOM   523  N  N   . HIS A 1 72  ? -5.259  1.955   -1.778  1.00 27.77 ? 70   HIS A N   1 
ATOM   524  C  CA  . HIS A 1 72  ? -6.518  1.540   -1.196  1.00 28.64 ? 70   HIS A CA  1 
ATOM   525  C  C   . HIS A 1 72  ? -7.298  2.813   -0.826  1.00 26.09 ? 70   HIS A C   1 
ATOM   526  O  O   . HIS A 1 72  ? -6.707  3.856   -0.641  1.00 28.07 ? 70   HIS A O   1 
ATOM   527  C  CB  . HIS A 1 72  ? -6.277  0.799   0.128   1.00 29.16 ? 70   HIS A CB  1 
ATOM   528  C  CG  . HIS A 1 72  ? -5.775  -0.607  -0.020  1.00 35.19 ? 70   HIS A CG  1 
ATOM   529  N  ND1 . HIS A 1 72  ? -4.524  -0.992  0.415   1.00 38.68 ? 70   HIS A ND1 1 
ATOM   530  C  CD2 . HIS A 1 72  ? -6.400  -1.738  -0.416  1.00 35.99 ? 70   HIS A CD2 1 
ATOM   531  C  CE1 . HIS A 1 72  ? -4.403  -2.301  0.301   1.00 37.57 ? 70   HIS A CE1 1 
ATOM   532  N  NE2 . HIS A 1 72  ? -5.527  -2.782  -0.197  1.00 39.72 ? 70   HIS A NE2 1 
ATOM   533  N  N   . ASN A 1 73  ? -8.623  2.717   -0.763  1.00 27.37 ? 71   ASN A N   1 
ATOM   534  C  CA  . ASN A 1 73  ? -9.415  3.875   -0.333  1.00 27.40 ? 71   ASN A CA  1 
ATOM   535  C  C   . ASN A 1 73  ? -10.354 3.231   0.680   1.00 28.86 ? 71   ASN A C   1 
ATOM   536  O  O   . ASN A 1 73  ? -11.372 2.608   0.322   1.00 28.77 ? 71   ASN A O   1 
ATOM   537  C  CB  . ASN A 1 73  ? -10.210 4.484   -1.472  1.00 30.66 ? 71   ASN A CB  1 
ATOM   538  C  CG  . ASN A 1 73  ? -10.905 5.747   -1.051  1.00 31.71 ? 71   ASN A CG  1 
ATOM   539  O  OD1 . ASN A 1 73  ? -11.339 5.851   0.097   1.00 31.61 ? 71   ASN A OD1 1 
ATOM   540  N  ND2 . ASN A 1 73  ? -11.000 6.726   -1.961  1.00 34.86 ? 71   ASN A ND2 1 
ATOM   541  N  N   . PHE A 1 74  ? -10.006 3.352   1.949   1.00 27.80 ? 72   PHE A N   1 
ATOM   542  C  CA  . PHE A 1 74  ? -10.814 2.721   2.994   1.00 27.64 ? 72   PHE A CA  1 
ATOM   543  C  C   . PHE A 1 74  ? -11.966 3.534   3.560   1.00 27.52 ? 72   PHE A C   1 
ATOM   544  O  O   . PHE A 1 74  ? -12.986 2.951   3.967   1.00 26.87 ? 72   PHE A O   1 
ATOM   545  C  CB  . PHE A 1 74  ? -9.921  2.312   4.174   1.00 27.28 ? 72   PHE A CB  1 
ATOM   546  C  CG  . PHE A 1 74  ? -8.830  1.326   3.809   1.00 28.82 ? 72   PHE A CG  1 
ATOM   547  C  CD1 . PHE A 1 74  ? -9.148  0.080   3.269   1.00 28.79 ? 72   PHE A CD1 1 
ATOM   548  C  CD2 . PHE A 1 74  ? -7.494  1.619   4.099   1.00 30.09 ? 72   PHE A CD2 1 
ATOM   549  C  CE1 . PHE A 1 74  ? -8.124  -0.888  3.029   1.00 29.11 ? 72   PHE A CE1 1 
ATOM   550  C  CE2 . PHE A 1 74  ? -6.482  0.674   3.858   1.00 30.68 ? 72   PHE A CE2 1 
ATOM   551  C  CZ  . PHE A 1 74  ? -6.794  -0.571  3.331   1.00 28.23 ? 72   PHE A CZ  1 
ATOM   552  N  N   . ASP A 1 75  ? -11.828 4.855   3.605   1.00 26.63 ? 73   ASP A N   1 
ATOM   553  C  CA  . ASP A 1 75  ? -12.920 5.647   4.171   1.00 29.10 ? 73   ASP A CA  1 
ATOM   554  C  C   . ASP A 1 75  ? -13.701 6.356   3.093   1.00 30.27 ? 73   ASP A C   1 
ATOM   555  O  O   . ASP A 1 75  ? -14.635 7.102   3.393   1.00 30.52 ? 73   ASP A O   1 
ATOM   556  C  CB  . ASP A 1 75  ? -12.410 6.623   5.243   1.00 27.81 ? 73   ASP A CB  1 
ATOM   557  C  CG  . ASP A 1 75  ? -11.595 7.791   4.682   1.00 27.67 ? 73   ASP A CG  1 
ATOM   558  O  OD1 . ASP A 1 75  ? -11.498 7.982   3.439   1.00 27.09 ? 73   ASP A OD1 1 
ATOM   559  O  OD2 . ASP A 1 75  ? -11.047 8.556   5.520   1.00 26.14 ? 73   ASP A OD2 1 
ATOM   560  N  N   . GLY A 1 76  ? -13.346 6.088   1.829   1.00 27.83 ? 74   GLY A N   1 
ATOM   561  C  CA  . GLY A 1 76  ? -14.048 6.699   0.715   1.00 27.77 ? 74   GLY A CA  1 
ATOM   562  C  C   . GLY A 1 76  ? -13.516 8.054   0.267   1.00 28.47 ? 74   GLY A C   1 
ATOM   563  O  O   . GLY A 1 76  ? -13.619 8.408   -0.910  1.00 29.82 ? 74   GLY A O   1 
ATOM   564  N  N   . GLY A 1 77  ? -12.889 8.781   1.191   1.00 27.19 ? 75   GLY A N   1 
ATOM   565  C  CA  . GLY A 1 77  ? -12.432 10.117  0.892   1.00 25.43 ? 75   GLY A CA  1 
ATOM   566  C  C   . GLY A 1 77  ? -10.947 10.365  0.709   1.00 26.39 ? 75   GLY A C   1 
ATOM   567  O  O   . GLY A 1 77  ? -10.571 11.484  0.328   1.00 23.87 ? 75   GLY A O   1 
ATOM   568  N  N   . HIS A 1 78  ? -10.102 9.377   0.998   1.00 25.76 ? 76   HIS A N   1 
ATOM   569  C  CA  . HIS A 1 78  ? -8.669  9.589   0.705   1.00 24.41 ? 76   HIS A CA  1 
ATOM   570  C  C   . HIS A 1 78  ? -7.992  8.281   0.337   1.00 24.16 ? 76   HIS A C   1 
ATOM   571  O  O   . HIS A 1 78  ? -8.433  7.207   0.737   1.00 22.60 ? 76   HIS A O   1 
ATOM   572  C  CB  . HIS A 1 78  ? -7.915  10.291  1.838   1.00 28.27 ? 76   HIS A CB  1 
ATOM   573  C  CG  . HIS A 1 78  ? -7.476  9.386   2.938   1.00 29.21 ? 76   HIS A CG  1 
ATOM   574  N  ND1 . HIS A 1 78  ? -8.254  9.078   4.027   1.00 31.22 ? 76   HIS A ND1 1 
ATOM   575  C  CD2 . HIS A 1 78  ? -6.301  8.724   3.119   1.00 26.72 ? 76   HIS A CD2 1 
ATOM   576  C  CE1 . HIS A 1 78  ? -7.555  8.268   4.845   1.00 28.18 ? 76   HIS A CE1 1 
ATOM   577  N  NE2 . HIS A 1 78  ? -6.358  8.007   4.342   1.00 31.99 ? 76   HIS A NE2 1 
ATOM   578  N  N   . ALA A 1 79  ? -6.935  8.389   -0.466  1.00 22.82 ? 77   ALA A N   1 
ATOM   579  C  CA  . ALA A 1 79  ? -6.206  7.214   -0.920  1.00 22.70 ? 77   ALA A CA  1 
ATOM   580  C  C   . ALA A 1 79  ? -5.084  6.919   0.064   1.00 22.47 ? 77   ALA A C   1 
ATOM   581  O  O   . ALA A 1 79  ? -4.454  7.846   0.540   1.00 23.59 ? 77   ALA A O   1 
ATOM   582  C  CB  . ALA A 1 79  ? -5.602  7.486   -2.265  1.00 23.43 ? 77   ALA A CB  1 
ATOM   583  N  N   . VAL A 1 80  ? -4.867  5.638   0.351   1.00 23.91 ? 78   VAL A N   1 
ATOM   584  C  CA  . VAL A 1 80  ? -3.806  5.207   1.232   1.00 26.31 ? 78   VAL A CA  1 
ATOM   585  C  C   . VAL A 1 80  ? -2.825  4.453   0.348   1.00 27.98 ? 78   VAL A C   1 
ATOM   586  O  O   . VAL A 1 80  ? -3.267  3.715   -0.511  1.00 27.14 ? 78   VAL A O   1 
ATOM   587  C  CB  . VAL A 1 80  ? -4.362  4.236   2.280   1.00 29.20 ? 78   VAL A CB  1 
ATOM   588  C  CG1 . VAL A 1 80  ? -3.286  3.308   2.798   1.00 35.34 ? 78   VAL A CG1 1 
ATOM   589  C  CG2 . VAL A 1 80  ? -4.977  5.056   3.409   1.00 34.89 ? 78   VAL A CG2 1 
ATOM   590  N  N   . PHE A 1 81  ? -1.512  4.613   0.571   1.00 26.73 ? 79   PHE A N   1 
ATOM   591  C  CA  . PHE A 1 81  ? -0.543  3.893   -0.253  1.00 26.30 ? 79   PHE A CA  1 
ATOM   592  C  C   . PHE A 1 81  ? 0.297   3.063   0.700   1.00 30.30 ? 79   PHE A C   1 
ATOM   593  O  O   . PHE A 1 81  ? 0.742   3.585   1.712   1.00 30.30 ? 79   PHE A O   1 
ATOM   594  C  CB  . PHE A 1 81  ? 0.364   4.873   -0.994  1.00 29.29 ? 79   PHE A CB  1 
ATOM   595  C  CG  . PHE A 1 81  ? -0.349  5.703   -2.026  1.00 28.67 ? 79   PHE A CG  1 
ATOM   596  C  CD1 . PHE A 1 81  ? -0.974  6.900   -1.681  1.00 27.78 ? 79   PHE A CD1 1 
ATOM   597  C  CD2 . PHE A 1 81  ? -0.379  5.300   -3.365  1.00 27.39 ? 79   PHE A CD2 1 
ATOM   598  C  CE1 . PHE A 1 81  ? -1.623  7.703   -2.679  1.00 28.73 ? 79   PHE A CE1 1 
ATOM   599  C  CE2 . PHE A 1 81  ? -1.014  6.080   -4.354  1.00 26.72 ? 79   PHE A CE2 1 
ATOM   600  C  CZ  . PHE A 1 81  ? -1.634  7.286   -4.012  1.00 30.06 ? 79   PHE A CZ  1 
ATOM   601  N  N   . GLU A 1 82  ? 0.485   1.789   0.414   1.00 28.53 ? 80   GLU A N   1 
ATOM   602  C  CA  . GLU A 1 82  ? 1.304   0.966   1.308   1.00 30.34 ? 80   GLU A CA  1 
ATOM   603  C  C   . GLU A 1 82  ? 2.145   0.048   0.454   1.00 31.69 ? 80   GLU A C   1 
ATOM   604  O  O   . GLU A 1 82  ? 1.799   -0.229  -0.672  1.00 28.29 ? 80   GLU A O   1 
ATOM   605  C  CB  . GLU A 1 82  ? 0.438   0.157   2.280   1.00 32.99 ? 80   GLU A CB  1 
ATOM   606  C  CG  . GLU A 1 82  ? -0.623  -0.741  1.616   1.00 37.60 ? 80   GLU A CG  1 
ATOM   607  C  CD  . GLU A 1 82  ? -1.607  -1.352  2.635   1.00 40.60 ? 80   GLU A CD  1 
ATOM   608  O  OE1 . GLU A 1 82  ? -1.199  -2.200  3.447   1.00 42.54 ? 80   GLU A OE1 1 
ATOM   609  O  OE2 . GLU A 1 82  ? -2.794  -0.974  2.613   1.00 45.74 ? 80   GLU A OE2 1 
ATOM   610  N  N   . LEU A 1 83  ? 3.284   -0.368  0.970   1.00 31.32 ? 81   LEU A N   1 
ATOM   611  C  CA  . LEU A 1 83  ? 4.125   -1.255  0.205   1.00 34.22 ? 81   LEU A CA  1 
ATOM   612  C  C   . LEU A 1 83  ? 3.393   -2.549  -0.141  1.00 38.20 ? 81   LEU A C   1 
ATOM   613  O  O   . LEU A 1 83  ? 2.472   -2.996  0.571   1.00 38.36 ? 81   LEU A O   1 
ATOM   614  C  CB  . LEU A 1 83  ? 5.384   -1.568  1.001   1.00 31.64 ? 81   LEU A CB  1 
ATOM   615  C  CG  . LEU A 1 83  ? 6.251   -0.345  1.248   1.00 31.73 ? 81   LEU A CG  1 
ATOM   616  C  CD1 . LEU A 1 83  ? 7.364   -0.738  2.224   1.00 36.05 ? 81   LEU A CD1 1 
ATOM   617  C  CD2 . LEU A 1 83  ? 6.839   0.178   -0.100  1.00 33.12 ? 81   LEU A CD2 1 
ATOM   618  N  N   . ALA A 1 84  ? 3.807   -3.136  -1.257  1.00 40.65 ? 82   ALA A N   1 
ATOM   619  C  CA  . ALA A 1 84  ? 3.246   -4.383  -1.733  1.00 46.39 ? 82   ALA A CA  1 
ATOM   620  C  C   . ALA A 1 84  ? 4.161   -5.498  -1.211  1.00 50.49 ? 82   ALA A C   1 
ATOM   621  O  O   . ALA A 1 84  ? 3.679   -6.528  -0.746  1.00 51.41 ? 82   ALA A O   1 
ATOM   622  C  CB  . ALA A 1 84  ? 3.207   -4.391  -3.278  1.00 45.42 ? 82   ALA A CB  1 
ATOM   623  N  N   . ASP A 1 85  ? 5.477   -5.247  -1.250  1.00 54.23 ? 83   ASP A N   1 
ATOM   624  C  CA  . ASP A 1 85  ? 6.505   -6.210  -0.812  1.00 57.73 ? 83   ASP A CA  1 
ATOM   625  C  C   . ASP A 1 85  ? 6.288   -6.847  0.565   1.00 59.56 ? 83   ASP A C   1 
ATOM   626  O  O   . ASP A 1 85  ? 6.646   -8.014  0.775   1.00 60.59 ? 83   ASP A O   1 
ATOM   627  C  CB  . ASP A 1 85  ? 7.919   -5.574  -0.870  1.00 59.36 ? 83   ASP A CB  1 
ATOM   628  C  CG  . ASP A 1 85  ? 8.030   -4.276  -0.067  1.00 61.17 ? 83   ASP A CG  1 
ATOM   629  O  OD1 . ASP A 1 85  ? 7.234   -3.345  -0.319  1.00 64.59 ? 83   ASP A OD1 1 
ATOM   630  O  OD2 . ASP A 1 85  ? 8.916   -4.171  0.811   1.00 62.49 ? 83   ASP A OD2 1 
ATOM   631  N  N   . SER A 1 86  ? 5.700   -6.092  1.493   1.00 60.68 ? 84   SER A N   1 
ATOM   632  C  CA  . SER A 1 86  ? 5.443   -6.578  2.846   1.00 61.78 ? 84   SER A CA  1 
ATOM   633  C  C   . SER A 1 86  ? 4.593   -7.849  2.823   1.00 61.54 ? 84   SER A C   1 
ATOM   634  O  O   . SER A 1 86  ? 3.940   -8.150  1.815   1.00 62.22 ? 84   SER A O   1 
ATOM   635  C  CB  . SER A 1 86  ? 4.723   -5.495  3.662   1.00 62.80 ? 84   SER A CB  1 
ATOM   636  O  OG  . SER A 1 86  ? 3.456   -5.194  3.091   1.00 62.97 ? 84   SER A OG  1 
ATOM   637  N  N   . GLY A 1 87  ? 4.597   -8.591  3.930   1.00 60.39 ? 85   GLY A N   1 
ATOM   638  C  CA  . GLY A 1 87  ? 3.789   -9.795  3.986   1.00 59.11 ? 85   GLY A CA  1 
ATOM   639  C  C   . GLY A 1 87  ? 2.375   -9.412  3.577   1.00 57.83 ? 85   GLY A C   1 
ATOM   640  O  O   . GLY A 1 87  ? 1.976   -8.252  3.740   1.00 58.56 ? 85   GLY A O   1 
ATOM   641  N  N   . HIS A 1 88  ? 1.619   -10.358 3.034   1.00 55.90 ? 86   HIS A N   1 
ATOM   642  C  CA  . HIS A 1 88  ? 0.248   -10.069 2.610   1.00 52.91 ? 86   HIS A CA  1 
ATOM   643  C  C   . HIS A 1 88  ? -0.647  -9.764  3.799   1.00 51.93 ? 86   HIS A C   1 
ATOM   644  O  O   . HIS A 1 88  ? -0.477  -10.321 4.897   1.00 52.19 ? 86   HIS A O   1 
ATOM   645  C  CB  . HIS A 1 88  ? -0.338  -11.251 1.831   1.00 51.65 ? 86   HIS A CB  1 
ATOM   646  C  CG  . HIS A 1 88  ? -1.824  -11.167 1.609   1.00 46.56 ? 86   HIS A CG  1 
ATOM   647  N  ND1 . HIS A 1 88  ? -2.401  -10.276 0.727   1.00 47.13 ? 86   HIS A ND1 1 
ATOM   648  C  CD2 . HIS A 1 88  ? -2.841  -11.910 2.113   1.00 45.23 ? 86   HIS A CD2 1 
ATOM   649  C  CE1 . HIS A 1 88  ? -3.707  -10.484 0.694   1.00 47.37 ? 86   HIS A CE1 1 
ATOM   650  N  NE2 . HIS A 1 88  ? -4.003  -11.474 1.525   1.00 32.19 ? 86   HIS A NE2 1 
ATOM   651  N  N   . HIS A 1 89  ? -1.609  -8.880  3.563   1.00 49.60 ? 87   HIS A N   1 
ATOM   652  C  CA  . HIS A 1 89  ? -2.558  -8.482  4.584   1.00 45.58 ? 87   HIS A CA  1 
ATOM   653  C  C   . HIS A 1 89  ? -3.834  -7.965  3.927   1.00 41.97 ? 87   HIS A C   1 
ATOM   654  O  O   . HIS A 1 89  ? -3.800  -7.273  2.913   1.00 43.22 ? 87   HIS A O   1 
ATOM   655  C  CB  . HIS A 1 89  ? -1.944  -7.396  5.481   1.00 48.26 ? 87   HIS A CB  1 
ATOM   656  N  N   . ASP A 1 90  ? -4.968  -8.357  4.481   1.00 37.77 ? 88   ASP A N   1 
ATOM   657  C  CA  . ASP A 1 90  ? -6.245  -7.867  3.984   1.00 32.70 ? 88   ASP A CA  1 
ATOM   658  C  C   . ASP A 1 90  ? -6.610  -6.892  5.091   1.00 29.25 ? 88   ASP A C   1 
ATOM   659  O  O   . ASP A 1 90  ? -5.809  -6.695  5.983   1.00 31.49 ? 88   ASP A O   1 
ATOM   660  C  CB  . ASP A 1 90  ? -7.205  -9.003  3.881   1.00 27.87 ? 88   ASP A CB  1 
ATOM   661  C  CG  . ASP A 1 90  ? -6.707  -10.058 2.887   1.00 28.13 ? 88   ASP A CG  1 
ATOM   662  O  OD1 . ASP A 1 90  ? -6.358  -9.696  1.758   1.00 37.79 ? 88   ASP A OD1 1 
ATOM   663  O  OD2 . ASP A 1 90  ? -6.680  -11.189 3.252   1.00 30.62 ? 88   ASP A OD2 1 
ATOM   664  N  N   . HIS A 1 91  ? -7.787  -6.303  5.065   1.00 27.23 ? 89   HIS A N   1 
ATOM   665  C  CA  . HIS A 1 91  ? -8.053  -5.276  6.079   1.00 24.33 ? 89   HIS A CA  1 
ATOM   666  C  C   . HIS A 1 91  ? -9.440  -5.261  6.652   1.00 27.30 ? 89   HIS A C   1 
ATOM   667  O  O   . HIS A 1 91  ? -10.407 -5.536  5.946   1.00 25.55 ? 89   HIS A O   1 
ATOM   668  C  CB  . HIS A 1 91  ? -7.828  -3.861  5.457   1.00 24.71 ? 89   HIS A CB  1 
ATOM   669  C  CG  . HIS A 1 91  ? -6.464  -3.625  4.886   1.00 25.88 ? 89   HIS A CG  1 
ATOM   670  N  ND1 . HIS A 1 91  ? -6.092  -4.105  3.652   1.00 25.90 ? 89   HIS A ND1 1 
ATOM   671  C  CD2 . HIS A 1 91  ? -5.409  -2.992  5.446   1.00 25.07 ? 89   HIS A CD2 1 
ATOM   672  C  CE1 . HIS A 1 91  ? -4.834  -3.759  3.501   1.00 28.00 ? 89   HIS A CE1 1 
ATOM   673  N  NE2 . HIS A 1 91  ? -4.385  -3.094  4.544   1.00 23.88 ? 89   HIS A NE2 1 
ATOM   674  N  N   . MET A 1 92  ? -9.529  -4.933  7.942   1.00 26.32 ? 90   MET A N   1 
ATOM   675  C  CA  . MET A 1 92  ? -10.809 -4.691  8.579   1.00 26.87 ? 90   MET A CA  1 
ATOM   676  C  C   . MET A 1 92  ? -10.815 -3.146  8.736   1.00 26.81 ? 90   MET A C   1 
ATOM   677  O  O   . MET A 1 92  ? -9.780  -2.532  9.056   1.00 28.83 ? 90   MET A O   1 
ATOM   678  C  CB  . MET A 1 92  ? -10.872 -5.326  9.970   1.00 27.07 ? 90   MET A CB  1 
ATOM   679  C  CG  . MET A 1 92  ? -11.259 -6.774  9.893   1.00 33.04 ? 90   MET A CG  1 
ATOM   680  S  SD  . MET A 1 92  ? -11.147 -7.526  11.482  1.00 38.01 ? 90   MET A SD  1 
ATOM   681  C  CE  . MET A 1 92  ? -12.124 -6.516  12.383  1.00 38.28 ? 90   MET A CE  1 
ATOM   682  N  N   . VAL A 1 93  ? -11.948 -2.519  8.442   1.00 26.97 ? 91   VAL A N   1 
ATOM   683  C  CA  . VAL A 1 93  ? -12.041 -1.058  8.579   1.00 27.06 ? 91   VAL A CA  1 
ATOM   684  C  C   . VAL A 1 93  ? -13.228 -0.742  9.494   1.00 27.09 ? 91   VAL A C   1 
ATOM   685  O  O   . VAL A 1 93  ? -14.348 -1.203  9.244   1.00 25.66 ? 91   VAL A O   1 
ATOM   686  C  CB  . VAL A 1 93  ? -12.272 -0.404  7.207   1.00 26.99 ? 91   VAL A CB  1 
ATOM   687  C  CG1 . VAL A 1 93  ? -12.318 1.115   7.350   1.00 30.53 ? 91   VAL A CG1 1 
ATOM   688  C  CG2 . VAL A 1 93  ? -11.148 -0.776  6.265   1.00 28.36 ? 91   VAL A CG2 1 
ATOM   689  N  N   . CYS A 1 94  ? -12.975 0.032   10.546  1.00 29.08 ? 92   CYS A N   1 
ATOM   690  C  CA  . CYS A 1 94  ? -14.010 0.439   11.502  1.00 30.75 ? 92   CYS A CA  1 
ATOM   691  C  C   . CYS A 1 94  ? -14.758 1.560   10.812  1.00 29.34 ? 92   CYS A C   1 
ATOM   692  O  O   . CYS A 1 94  ? -14.224 2.647   10.622  1.00 28.82 ? 92   CYS A O   1 
ATOM   693  C  CB  . CYS A 1 94  ? -13.364 0.940   12.787  1.00 32.69 ? 92   CYS A CB  1 
ATOM   694  S  SG  . CYS A 1 94  ? -12.590 -0.396  13.673  1.00 42.12 ? 92   CYS A SG  1 
ATOM   695  N  N   . VAL A 1 95  ? -16.002 1.289   10.434  1.00 26.78 ? 93   VAL A N   1 
ATOM   696  C  CA  . VAL A 1 95  ? -16.757 2.260   9.683   1.00 30.04 ? 93   VAL A CA  1 
ATOM   697  C  C   . VAL A 1 95  ? -16.972 3.563   10.400  1.00 28.80 ? 93   VAL A C   1 
ATOM   698  O  O   . VAL A 1 95  ? -16.935 4.613   9.784   1.00 30.08 ? 93   VAL A O   1 
ATOM   699  C  CB  . VAL A 1 95  ? -18.142 1.717   9.235   1.00 29.84 ? 93   VAL A CB  1 
ATOM   700  C  CG1 . VAL A 1 95  ? -17.980 0.422   8.441   1.00 31.99 ? 93   VAL A CG1 1 
ATOM   701  C  CG2 . VAL A 1 95  ? -19.034 1.493   10.427  1.00 32.77 ? 93   VAL A CG2 1 
ATOM   702  N  N   . ASP A 1 96  ? -17.162 3.498   11.708  1.00 29.40 ? 94   ASP A N   1 
ATOM   703  C  CA  . ASP A 1 96  ? -17.447 4.723   12.437  1.00 31.07 ? 94   ASP A CA  1 
ATOM   704  C  C   . ASP A 1 96  ? -16.247 5.617   12.716  1.00 30.78 ? 94   ASP A C   1 
ATOM   705  O  O   . ASP A 1 96  ? -16.374 6.837   12.776  1.00 29.60 ? 94   ASP A O   1 
ATOM   706  C  CB  . ASP A 1 96  ? -18.169 4.351   13.744  1.00 32.67 ? 94   ASP A CB  1 
ATOM   707  C  CG  . ASP A 1 96  ? -19.552 3.764   13.489  1.00 35.61 ? 94   ASP A CG  1 
ATOM   708  O  OD1 . ASP A 1 96  ? -20.179 4.137   12.474  1.00 38.97 ? 94   ASP A OD1 1 
ATOM   709  O  OD2 . ASP A 1 96  ? -20.026 2.931   14.304  1.00 42.06 ? 94   ASP A OD2 1 
ATOM   710  N  N   . THR A 1 97  ? -15.079 5.011   12.864  1.00 31.41 ? 95   THR A N   1 
ATOM   711  C  CA  . THR A 1 97  ? -13.867 5.764   13.168  1.00 31.69 ? 95   THR A CA  1 
ATOM   712  C  C   . THR A 1 97  ? -12.830 5.854   12.031  1.00 31.52 ? 95   THR A C   1 
ATOM   713  O  O   . THR A 1 97  ? -11.929 6.711   12.051  1.00 31.64 ? 95   THR A O   1 
ATOM   714  C  CB  . THR A 1 97  ? -13.160 5.149   14.364  1.00 33.52 ? 95   THR A CB  1 
ATOM   715  O  OG1 . THR A 1 97  ? -12.615 3.867   13.988  1.00 32.01 ? 95   THR A OG1 1 
ATOM   716  C  CG2 . THR A 1 97  ? -14.157 4.953   15.519  1.00 33.89 ? 95   THR A CG2 1 
ATOM   717  N  N   . GLY A 1 98  ? -12.927 4.939   11.077  1.00 31.34 ? 96   GLY A N   1 
ATOM   718  C  CA  . GLY A 1 98  ? -11.957 4.911   9.987   1.00 30.02 ? 96   GLY A CA  1 
ATOM   719  C  C   . GLY A 1 98  ? -10.712 4.085   10.367  1.00 30.88 ? 96   GLY A C   1 
ATOM   720  O  O   . GLY A 1 98  ? -9.825  3.922   9.522   1.00 30.28 ? 96   GLY A O   1 
ATOM   721  N  N   . GLU A 1 99  ? -10.670 3.523   11.584  1.00 30.17 ? 97   GLU A N   1 
ATOM   722  C  CA  . GLU A 1 99  ? -9.497  2.738   12.013  1.00 30.33 ? 97   GLU A CA  1 
ATOM   723  C  C   . GLU A 1 99  ? -9.332  1.519   11.081  1.00 29.39 ? 97   GLU A C   1 
ATOM   724  O  O   . GLU A 1 99  ? -10.309 0.823   10.773  1.00 28.07 ? 97   GLU A O   1 
ATOM   725  C  CB  . GLU A 1 99  ? -9.650  2.222   13.447  1.00 31.97 ? 97   GLU A CB  1 
ATOM   726  C  CG  . GLU A 1 99  ? -8.376  1.568   13.969  1.00 35.63 ? 97   GLU A CG  1 
ATOM   727  C  CD  . GLU A 1 99  ? -8.539  0.820   15.297  1.00 41.53 ? 97   GLU A CD  1 
ATOM   728  O  OE1 . GLU A 1 99  ? -9.532  1.063   16.022  1.00 42.81 ? 97   GLU A OE1 1 
ATOM   729  O  OE2 . GLU A 1 99  ? -7.645  -0.004  15.618  1.00 41.43 ? 97   GLU A OE2 1 
ATOM   730  N  N   . VAL A 1 100 ? -8.108  1.291   10.636  1.00 28.24 ? 98   VAL A N   1 
ATOM   731  C  CA  . VAL A 1 100 ? -7.813  0.156   9.735   1.00 28.00 ? 98   VAL A CA  1 
ATOM   732  C  C   . VAL A 1 100 ? -7.003  -0.866  10.496  1.00 30.47 ? 98   VAL A C   1 
ATOM   733  O  O   . VAL A 1 100 ? -5.960  -0.531  11.109  1.00 30.31 ? 98   VAL A O   1 
ATOM   734  C  CB  . VAL A 1 100 ? -7.020  0.624   8.517   1.00 29.53 ? 98   VAL A CB  1 
ATOM   735  C  CG1 . VAL A 1 100 ? -6.664  -0.549  7.613   1.00 30.29 ? 98   VAL A CG1 1 
ATOM   736  C  CG2 . VAL A 1 100 ? -7.866  1.677   7.746   1.00 32.12 ? 98   VAL A CG2 1 
ATOM   737  N  N   . ILE A 1 101 ? -7.463  -2.110  10.424  1.00 30.22 ? 99   ILE A N   1 
ATOM   738  C  CA  . ILE A 1 101 ? -6.845  -3.238  11.109  1.00 32.71 ? 99   ILE A CA  1 
ATOM   739  C  C   . ILE A 1 101 ? -6.442  -4.288  10.071  1.00 34.87 ? 99   ILE A C   1 
ATOM   740  O  O   . ILE A 1 101 ? -7.290  -4.826  9.367   1.00 33.56 ? 99   ILE A O   1 
ATOM   741  C  CB  . ILE A 1 101 ? -7.854  -3.868  12.112  1.00 33.36 ? 99   ILE A CB  1 
ATOM   742  C  CG1 . ILE A 1 101 ? -8.269  -2.818  13.154  1.00 36.96 ? 99   ILE A CG1 1 
ATOM   743  C  CG2 . ILE A 1 101 ? -7.267  -5.127  12.766  1.00 34.43 ? 99   ILE A CG2 1 
ATOM   744  C  CD1 . ILE A 1 101 ? -9.521  -3.187  13.920  1.00 39.75 ? 99   ILE A CD1 1 
ATOM   745  N  N   . GLU A 1 102 ? -5.147  -4.558  9.954   1.00 35.16 ? 100  GLU A N   1 
ATOM   746  C  CA  . GLU A 1 102 ? -4.704  -5.592  9.018   1.00 36.11 ? 100  GLU A CA  1 
ATOM   747  C  C   . GLU A 1 102 ? -4.907  -6.992  9.613   1.00 34.72 ? 100  GLU A C   1 
ATOM   748  O  O   . GLU A 1 102 ? -4.833  -7.195  10.834  1.00 35.42 ? 100  GLU A O   1 
ATOM   749  C  CB  . GLU A 1 102 ? -3.214  -5.436  8.680   1.00 41.17 ? 100  GLU A CB  1 
ATOM   750  C  CG  . GLU A 1 102 ? -2.880  -4.252  7.788   1.00 44.37 ? 100  GLU A CG  1 
ATOM   751  C  CD  . GLU A 1 102 ? -1.446  -4.291  7.271   1.00 50.69 ? 100  GLU A CD  1 
ATOM   752  O  OE1 . GLU A 1 102 ? -0.589  -4.915  7.940   1.00 52.23 ? 100  GLU A OE1 1 
ATOM   753  O  OE2 . GLU A 1 102 ? -1.169  -3.683  6.213   1.00 48.49 ? 100  GLU A OE2 1 
ATOM   754  N  N   . PHE A 1 103 ? -5.168  -7.963  8.744   1.00 33.18 ? 101  PHE A N   1 
ATOM   755  C  CA  . PHE A 1 103 ? -5.298  -9.350  9.180   1.00 32.51 ? 101  PHE A CA  1 
ATOM   756  C  C   . PHE A 1 103 ? -4.913  -10.227 8.013   1.00 32.91 ? 101  PHE A C   1 
ATOM   757  O  O   . PHE A 1 103 ? -4.839  -9.771  6.873   1.00 31.65 ? 101  PHE A O   1 
ATOM   758  C  CB  . PHE A 1 103 ? -6.711  -9.684  9.657   1.00 31.79 ? 101  PHE A CB  1 
ATOM   759  C  CG  . PHE A 1 103 ? -7.735  -9.791  8.559   1.00 30.38 ? 101  PHE A CG  1 
ATOM   760  C  CD1 . PHE A 1 103 ? -8.402  -8.653  8.081   1.00 30.52 ? 101  PHE A CD1 1 
ATOM   761  C  CD2 . PHE A 1 103 ? -8.039  -11.024 8.015   1.00 31.05 ? 101  PHE A CD2 1 
ATOM   762  C  CE1 . PHE A 1 103 ? -9.370  -8.757  7.070   1.00 28.50 ? 101  PHE A CE1 1 
ATOM   763  C  CE2 . PHE A 1 103 ? -9.000  -11.153 6.992   1.00 32.82 ? 101  PHE A CE2 1 
ATOM   764  C  CZ  . PHE A 1 103 ? -9.667  -10.015 6.524   1.00 31.68 ? 101  PHE A CZ  1 
ATOM   765  N  N   . MET A 1 104 ? -4.633  -11.485 8.303   1.00 34.04 ? 102  MET A N   1 
ATOM   766  C  CA  . MET A 1 104 ? -4.273  -12.446 7.277   1.00 36.94 ? 102  MET A CA  1 
ATOM   767  C  C   . MET A 1 104 ? -4.788  -13.773 7.813   1.00 36.86 ? 102  MET A C   1 
ATOM   768  O  O   . MET A 1 104 ? -4.316  -14.266 8.848   1.00 37.64 ? 102  MET A O   1 
ATOM   769  C  CB  . MET A 1 104 ? -2.757  -12.499 7.119   1.00 41.52 ? 102  MET A CB  1 
ATOM   770  C  CG  . MET A 1 104 ? -2.228  -13.866 6.718   1.00 53.20 ? 102  MET A CG  1 
ATOM   771  S  SD  . MET A 1 104 ? -2.314  -14.146 4.975   1.00 62.83 ? 102  MET A SD  1 
ATOM   772  C  CE  . MET A 1 104 ? -0.796  -13.338 4.456   1.00 58.86 ? 102  MET A CE  1 
ATOM   773  N  N   . ASP A 1 105 ? -5.782  -14.329 7.145   1.00 35.50 ? 103  ASP A N   1 
ATOM   774  C  CA  . ASP A 1 105 ? -6.348  -15.583 7.597   1.00 35.36 ? 103  ASP A CA  1 
ATOM   775  C  C   . ASP A 1 105 ? -5.983  -16.684 6.601   1.00 35.18 ? 103  ASP A C   1 
ATOM   776  O  O   . ASP A 1 105 ? -6.479  -16.679 5.481   1.00 32.42 ? 103  ASP A O   1 
ATOM   777  C  CB  . ASP A 1 105 ? -7.860  -15.482 7.678   1.00 35.75 ? 103  ASP A CB  1 
ATOM   778  C  CG  . ASP A 1 105 ? -8.460  -16.706 8.319   1.00 39.08 ? 103  ASP A CG  1 
ATOM   779  O  OD1 . ASP A 1 105 ? -8.058  -17.002 9.458   1.00 42.50 ? 103  ASP A OD1 1 
ATOM   780  O  OD2 . ASP A 1 105 ? -9.292  -17.378 7.702   1.00 39.96 ? 103  ASP A OD2 1 
ATOM   781  N  N   . ALA A 1 106 ? -5.156  -17.641 7.022   1.00 33.87 ? 104  ALA A N   1 
ATOM   782  C  CA  . ALA A 1 106 ? -4.741  -18.706 6.110   1.00 33.07 ? 104  ALA A CA  1 
ATOM   783  C  C   . ALA A 1 106 ? -5.937  -19.520 5.583   1.00 31.61 ? 104  ALA A C   1 
ATOM   784  O  O   . ALA A 1 106 ? -5.905  -19.994 4.460   1.00 30.72 ? 104  ALA A O   1 
ATOM   785  C  CB  . ALA A 1 106 ? -3.719  -19.636 6.814   1.00 33.94 ? 104  ALA A CB  1 
ATOM   786  N  N   . GLU A 1 107 ? -6.986  -19.674 6.372   1.00 29.73 ? 105  GLU A N   1 
ATOM   787  C  CA  . GLU A 1 107 ? -8.139  -20.455 5.916   1.00 30.64 ? 105  GLU A CA  1 
ATOM   788  C  C   . GLU A 1 107 ? -8.789  -19.789 4.696   1.00 30.15 ? 105  GLU A C   1 
ATOM   789  O  O   . GLU A 1 107 ? -9.053  -20.434 3.699   1.00 30.60 ? 105  GLU A O   1 
ATOM   790  C  CB  . GLU A 1 107 ? -9.169  -20.589 7.039   1.00 30.42 ? 105  GLU A CB  1 
ATOM   791  C  CG  . GLU A 1 107 ? -10.498 -21.261 6.630   1.00 36.68 ? 105  GLU A CG  1 
ATOM   792  C  CD  . GLU A 1 107 ? -10.311 -22.669 6.094   1.00 42.37 ? 105  GLU A CD  1 
ATOM   793  O  OE1 . GLU A 1 107 ? -9.346  -23.337 6.529   1.00 45.35 ? 105  GLU A OE1 1 
ATOM   794  O  OE2 . GLU A 1 107 ? -11.124 -23.126 5.254   1.00 46.33 ? 105  GLU A OE2 1 
ATOM   795  N  N   . ILE A 1 108 ? -9.010  -18.483 4.777   1.00 28.89 ? 106  ILE A N   1 
ATOM   796  C  CA  . ILE A 1 108 ? -9.616  -17.752 3.658   1.00 28.34 ? 106  ILE A CA  1 
ATOM   797  C  C   . ILE A 1 108 ? -8.689  -17.748 2.463   1.00 28.30 ? 106  ILE A C   1 
ATOM   798  O  O   . ILE A 1 108 ? -9.140  -17.912 1.353   1.00 25.96 ? 106  ILE A O   1 
ATOM   799  C  CB  . ILE A 1 108 ? -9.909  -16.296 4.037   1.00 29.97 ? 106  ILE A CB  1 
ATOM   800  C  CG1 . ILE A 1 108 ? -11.123 -16.267 4.949   1.00 33.74 ? 106  ILE A CG1 1 
ATOM   801  C  CG2 . ILE A 1 108 ? -10.128 -15.431 2.784   1.00 30.84 ? 106  ILE A CG2 1 
ATOM   802  C  CD1 . ILE A 1 108 ? -11.467 -14.904 5.424   1.00 35.41 ? 106  ILE A CD1 1 
ATOM   803  N  N   . GLU A 1 109 ? -7.393  -17.539 2.683   1.00 27.59 ? 107  GLU A N   1 
ATOM   804  C  CA  . GLU A 1 109 ? -6.451  -17.542 1.564   1.00 28.04 ? 107  GLU A CA  1 
ATOM   805  C  C   . GLU A 1 109 ? -6.471  -18.878 0.812   1.00 29.55 ? 107  GLU A C   1 
ATOM   806  O  O   . GLU A 1 109 ? -6.410  -18.914 -0.421  1.00 28.96 ? 107  GLU A O   1 
ATOM   807  C  CB  . GLU A 1 109 ? -5.024  -17.272 2.063   1.00 30.12 ? 107  GLU A CB  1 
ATOM   808  C  CG  . GLU A 1 109 ? -4.805  -15.921 2.755   1.00 30.10 ? 107  GLU A CG  1 
ATOM   809  C  CD  . GLU A 1 109 ? -5.165  -14.730 1.880   1.00 31.77 ? 107  GLU A CD  1 
ATOM   810  O  OE1 . GLU A 1 109 ? -4.819  -14.727 0.682   1.00 32.06 ? 107  GLU A OE1 1 
ATOM   811  O  OE2 . GLU A 1 109 ? -5.775  -13.783 2.416   1.00 32.31 ? 107  GLU A OE2 1 
ATOM   812  N  N   . LYS A 1 110 ? -6.527  -19.988 1.544   1.00 29.64 ? 108  LYS A N   1 
ATOM   813  C  CA  . LYS A 1 110 ? -6.527  -21.269 0.860   1.00 32.36 ? 108  LYS A CA  1 
ATOM   814  C  C   . LYS A 1 110 ? -7.888  -21.513 0.206   1.00 30.90 ? 108  LYS A C   1 
ATOM   815  O  O   . LYS A 1 110 ? -7.952  -22.074 -0.889  1.00 30.07 ? 108  LYS A O   1 
ATOM   816  C  CB  . LYS A 1 110 ? -6.133  -22.394 1.831   1.00 34.19 ? 108  LYS A CB  1 
ATOM   817  C  CG  . LYS A 1 110 ? -4.592  -22.501 2.059   1.00 40.96 ? 108  LYS A CG  1 
ATOM   818  C  CD  . LYS A 1 110 ? -4.286  -23.342 3.321   1.00 42.19 ? 108  LYS A CD  1 
ATOM   819  C  CE  . LYS A 1 110 ? -2.934  -24.058 3.315   1.00 45.63 ? 108  LYS A CE  1 
ATOM   820  N  NZ  . LYS A 1 110 ? -1.702  -23.245 3.531   1.00 42.55 ? 108  LYS A NZ  1 
ATOM   821  N  N   . ARG A 1 111 ? -8.963  -21.057 0.846   1.00 28.69 ? 109  ARG A N   1 
ATOM   822  C  CA  . ARG A 1 111 ? -10.301 -21.237 0.264   1.00 27.49 ? 109  ARG A CA  1 
ATOM   823  C  C   . ARG A 1 111 ? -10.427 -20.440 -1.051  1.00 28.38 ? 109  ARG A C   1 
ATOM   824  O  O   . ARG A 1 111 ? -11.060 -20.909 -2.006  1.00 27.79 ? 109  ARG A O   1 
ATOM   825  C  CB  . ARG A 1 111 ? -11.379 -20.817 1.253   1.00 26.69 ? 109  ARG A CB  1 
ATOM   826  C  CG  . ARG A 1 111 ? -12.792 -20.965 0.702   1.00 28.54 ? 109  ARG A CG  1 
ATOM   827  C  CD  . ARG A 1 111 ? -13.151 -22.457 0.554   1.00 32.17 ? 109  ARG A CD  1 
ATOM   828  N  NE  . ARG A 1 111 ? -14.526 -22.632 0.102   1.00 31.29 ? 109  ARG A NE  1 
ATOM   829  C  CZ  . ARG A 1 111 ? -15.063 -23.800 -0.205  1.00 34.41 ? 109  ARG A CZ  1 
ATOM   830  N  NH1 . ARG A 1 111 ? -14.343 -24.923 -0.105  1.00 34.41 ? 109  ARG A NH1 1 
ATOM   831  N  NH2 . ARG A 1 111 ? -16.325 -23.841 -0.614  1.00 30.99 ? 109  ARG A NH2 1 
ATOM   832  N  N   . GLN A 1 112 ? -9.872  -19.222 -1.087  1.00 26.44 ? 110  GLN A N   1 
ATOM   833  C  CA  . GLN A 1 112 ? -9.875  -18.411 -2.314  1.00 27.31 ? 110  GLN A CA  1 
ATOM   834  C  C   . GLN A 1 112 ? -9.166  -19.172 -3.439  1.00 30.91 ? 110  GLN A C   1 
ATOM   835  O  O   . GLN A 1 112 ? -9.649  -19.203 -4.568  1.00 31.33 ? 110  GLN A O   1 
ATOM   836  C  CB  . GLN A 1 112 ? -9.151  -17.079 -2.099  1.00 24.98 ? 110  GLN A CB  1 
ATOM   837  C  CG  . GLN A 1 112 ? -9.943  -16.160 -1.203  1.00 26.20 ? 110  GLN A CG  1 
ATOM   838  C  CD  . GLN A 1 112 ? -9.207  -14.897 -0.806  1.00 31.62 ? 110  GLN A CD  1 
ATOM   839  O  OE1 . GLN A 1 112 ? -9.804  -14.008 -0.217  1.00 31.89 ? 110  GLN A OE1 1 
ATOM   840  N  NE2 . GLN A 1 112 ? -7.909  -14.817 -1.108  1.00 30.26 ? 110  GLN A NE2 1 
ATOM   841  N  N   . LYS A 1 113 ? -8.014  -19.764 -3.132  1.00 30.35 ? 111  LYS A N   1 
ATOM   842  C  CA  . LYS A 1 113 ? -7.266  -20.541 -4.141  1.00 33.79 ? 111  LYS A CA  1 
ATOM   843  C  C   . LYS A 1 113 ? -8.073  -21.745 -4.627  1.00 34.66 ? 111  LYS A C   1 
ATOM   844  O  O   . LYS A 1 113 ? -8.078  -22.068 -5.821  1.00 35.17 ? 111  LYS A O   1 
ATOM   845  C  CB  . LYS A 1 113 ? -5.945  -21.058 -3.556  1.00 33.89 ? 111  LYS A CB  1 
ATOM   846  C  CG  . LYS A 1 113 ? -4.864  -20.000 -3.416  1.00 36.97 ? 111  LYS A CG  1 
ATOM   847  C  CD  . LYS A 1 113 ? -3.668  -20.572 -2.697  1.00 37.33 ? 111  LYS A CD  1 
ATOM   848  C  CE  . LYS A 1 113 ? -2.644  -19.506 -2.329  1.00 43.41 ? 111  LYS A CE  1 
ATOM   849  N  NZ  . LYS A 1 113 ? -1.683  -20.099 -1.329  1.00 47.35 ? 111  LYS A NZ  1 
ATOM   850  N  N   . GLU A 1 114 ? -8.748  -22.410 -3.701  1.00 35.28 ? 112  GLU A N   1 
ATOM   851  C  CA  . GLU A 1 114 ? -9.537  -23.593 -4.034  1.00 38.03 ? 112  GLU A CA  1 
ATOM   852  C  C   . GLU A 1 114 ? -10.694 -23.246 -4.973  1.00 37.36 ? 112  GLU A C   1 
ATOM   853  O  O   . GLU A 1 114 ? -10.930 -23.951 -5.953  1.00 36.98 ? 112  GLU A O   1 
ATOM   854  C  CB  . GLU A 1 114 ? -10.053 -24.259 -2.745  1.00 39.62 ? 112  GLU A CB  1 
ATOM   855  C  CG  . GLU A 1 114 ? -10.914 -25.517 -2.960  1.00 46.73 ? 112  GLU A CG  1 
ATOM   856  C  CD  . GLU A 1 114 ? -11.316 -26.212 -1.647  1.00 51.64 ? 112  GLU A CD  1 
ATOM   857  O  OE1 . GLU A 1 114 ? -11.419 -25.531 -0.589  1.00 51.36 ? 112  GLU A OE1 1 
ATOM   858  O  OE2 . GLU A 1 114 ? -11.548 -27.444 -1.682  1.00 53.80 ? 112  GLU A OE2 1 
ATOM   859  N  N   . ILE A 1 115 ? -11.387 -22.154 -4.660  1.00 36.03 ? 113  ILE A N   1 
ATOM   860  C  CA  . ILE A 1 115 ? -12.539 -21.643 -5.421  1.00 38.18 ? 113  ILE A CA  1 
ATOM   861  C  C   . ILE A 1 115 ? -12.126 -21.357 -6.862  1.00 37.65 ? 113  ILE A C   1 
ATOM   862  O  O   . ILE A 1 115 ? -12.805 -21.733 -7.809  1.00 37.48 ? 113  ILE A O   1 
ATOM   863  C  CB  . ILE A 1 115 ? -13.038 -20.293 -4.842  1.00 38.42 ? 113  ILE A CB  1 
ATOM   864  C  CG1 . ILE A 1 115 ? -13.873 -20.516 -3.586  1.00 44.27 ? 113  ILE A CG1 1 
ATOM   865  C  CG2 . ILE A 1 115 ? -13.875 -19.534 -5.882  1.00 43.12 ? 113  ILE A CG2 1 
ATOM   866  C  CD1 . ILE A 1 115 ? -14.310 -19.220 -2.957  1.00 37.04 ? 113  ILE A CD1 1 
ATOM   867  N  N   . VAL A 1 116 ? -11.006 -20.668 -7.002  1.00 35.20 ? 114  VAL A N   1 
ATOM   868  C  CA  . VAL A 1 116 ? -10.494 -20.280 -8.304  1.00 37.97 ? 114  VAL A CA  1 
ATOM   869  C  C   . VAL A 1 116 ? -9.935  -21.466 -9.095  1.00 38.24 ? 114  VAL A C   1 
ATOM   870  O  O   . VAL A 1 116 ? -10.234 -21.628 -10.276 1.00 39.52 ? 114  VAL A O   1 
ATOM   871  C  CB  . VAL A 1 116 ? -9.430  -19.175 -8.103  1.00 37.68 ? 114  VAL A CB  1 
ATOM   872  C  CG1 . VAL A 1 116 ? -8.760  -18.825 -9.397  1.00 41.13 ? 114  VAL A CG1 1 
ATOM   873  C  CG2 . VAL A 1 116 ? -10.135 -17.923 -7.515  1.00 36.79 ? 114  VAL A CG2 1 
ATOM   874  N  N   . ARG A 1 117 ? -9.156  -22.310 -8.437  1.00 38.00 ? 115  ARG A N   1 
ATOM   875  C  CA  . ARG A 1 117 ? -8.570  -23.464 -9.109  1.00 41.79 ? 115  ARG A CA  1 
ATOM   876  C  C   . ARG A 1 117 ? -9.607  -24.481 -9.576  1.00 42.68 ? 115  ARG A C   1 
ATOM   877  O  O   . ARG A 1 117 ? -9.453  -25.083 -10.635 1.00 43.43 ? 115  ARG A O   1 
ATOM   878  C  CB  . ARG A 1 117 ? -7.554  -24.144 -8.185  1.00 41.99 ? 115  ARG A CB  1 
ATOM   879  C  CG  . ARG A 1 117 ? -6.354  -23.267 -7.915  1.00 46.62 ? 115  ARG A CG  1 
ATOM   880  C  CD  . ARG A 1 117 ? -5.346  -23.903 -6.975  1.00 48.28 ? 115  ARG A CD  1 
ATOM   881  N  NE  . ARG A 1 117 ? -4.319  -22.932 -6.609  1.00 48.24 ? 115  ARG A NE  1 
ATOM   882  C  CZ  . ARG A 1 117 ? -3.268  -23.208 -5.845  1.00 48.49 ? 115  ARG A CZ  1 
ATOM   883  N  NH1 . ARG A 1 117 ? -3.093  -24.432 -5.358  1.00 47.89 ? 115  ARG A NH1 1 
ATOM   884  N  NH2 . ARG A 1 117 ? -2.395  -22.255 -5.561  1.00 51.53 ? 115  ARG A NH2 1 
ATOM   885  N  N   . GLU A 1 118 ? -10.664 -24.662 -8.800  1.00 44.72 ? 116  GLU A N   1 
ATOM   886  C  CA  . GLU A 1 118 ? -11.680 -25.637 -9.171  1.00 46.41 ? 116  GLU A CA  1 
ATOM   887  C  C   . GLU A 1 118 ? -12.493 -25.112 -10.380 1.00 47.61 ? 116  GLU A C   1 
ATOM   888  O  O   . GLU A 1 118 ? -13.257 -25.859 -10.998 1.00 49.13 ? 116  GLU A O   1 
ATOM   889  C  CB  . GLU A 1 118 ? -12.521 -26.033 -7.902  1.00 47.45 ? 116  GLU A CB  1 
ATOM   890  C  CG  . GLU A 1 118 ? -11.620 -26.764 -6.761  1.00 47.46 ? 116  GLU A CG  1 
ATOM   891  C  CD  . GLU A 1 118 ? -12.365 -27.342 -5.488  1.00 51.37 ? 116  GLU A CD  1 
ATOM   892  O  OE1 . GLU A 1 118 ? -13.470 -26.813 -5.173  1.00 52.49 ? 116  GLU A OE1 1 
ATOM   893  O  OE2 . GLU A 1 118 ? -11.830 -28.298 -4.786  1.00 38.10 ? 116  GLU A OE2 1 
ATOM   894  N  N   . ARG A 1 119 ? -12.286 -23.843 -10.754 1.00 47.41 ? 117  ARG A N   1 
ATOM   895  C  CA  . ARG A 1 119 ? -12.959 -23.245 -11.921 1.00 48.13 ? 117  ARG A CA  1 
ATOM   896  C  C   . ARG A 1 119 ? -12.028 -23.167 -13.140 1.00 47.41 ? 117  ARG A C   1 
ATOM   897  O  O   . ARG A 1 119 ? -12.445 -22.715 -14.212 1.00 48.20 ? 117  ARG A O   1 
ATOM   898  C  CB  . ARG A 1 119 ? -13.464 -21.828 -11.617 1.00 49.40 ? 117  ARG A CB  1 
ATOM   899  C  CG  . ARG A 1 119 ? -14.839 -21.749 -10.969 1.00 50.69 ? 117  ARG A CG  1 
ATOM   900  C  CD  . ARG A 1 119 ? -15.022 -20.354 -10.395 1.00 50.90 ? 117  ARG A CD  1 
ATOM   901  N  NE  . ARG A 1 119 ? -16.330 -20.104 -9.795  1.00 52.43 ? 117  ARG A NE  1 
ATOM   902  C  CZ  . ARG A 1 119 ? -17.429 -19.821 -10.487 1.00 54.09 ? 117  ARG A CZ  1 
ATOM   903  N  NH1 . ARG A 1 119 ? -17.392 -19.765 -11.818 1.00 53.59 ? 117  ARG A NH1 1 
ATOM   904  N  NH2 . ARG A 1 119 ? -18.558 -19.528 -9.846  1.00 56.62 ? 117  ARG A NH2 1 
ATOM   905  N  N   . GLY A 1 120 ? -10.773 -23.581 -12.956 1.00 46.68 ? 118  GLY A N   1 
ATOM   906  C  CA  . GLY A 1 120 ? -9.793  -23.568 -14.029 1.00 45.37 ? 118  GLY A CA  1 
ATOM   907  C  C   . GLY A 1 120 ? -8.932  -22.314 -14.104 1.00 45.33 ? 118  GLY A C   1 
ATOM   908  O  O   . GLY A 1 120 ? -8.228  -22.090 -15.101 1.00 45.48 ? 118  GLY A O   1 
ATOM   909  N  N   . PHE A 1 121 ? -8.971  -21.492 -13.060 1.00 42.49 ? 119  PHE A N   1 
ATOM   910  C  CA  . PHE A 1 121 ? -8.202  -20.251 -13.043 1.00 40.83 ? 119  PHE A CA  1 
ATOM   911  C  C   . PHE A 1 121 ? -7.018  -20.302 -12.101 1.00 39.56 ? 119  PHE A C   1 
ATOM   912  O  O   . PHE A 1 121 ? -6.882  -21.222 -11.303 1.00 40.59 ? 119  PHE A O   1 
ATOM   913  C  CB  . PHE A 1 121 ? -9.075  -19.075 -12.584 1.00 41.00 ? 119  PHE A CB  1 
ATOM   914  C  CG  . PHE A 1 121 ? -10.152 -18.697 -13.545 1.00 43.55 ? 119  PHE A CG  1 
ATOM   915  C  CD1 . PHE A 1 121 ? -9.839  -18.104 -14.763 1.00 46.05 ? 119  PHE A CD1 1 
ATOM   916  C  CD2 . PHE A 1 121 ? -11.480 -18.909 -13.225 1.00 45.59 ? 119  PHE A CD2 1 
ATOM   917  C  CE1 . PHE A 1 121 ? -10.843 -17.731 -15.641 1.00 48.53 ? 119  PHE A CE1 1 
ATOM   918  C  CE2 . PHE A 1 121 ? -12.485 -18.541 -14.093 1.00 47.04 ? 119  PHE A CE2 1 
ATOM   919  C  CZ  . PHE A 1 121 ? -12.168 -17.952 -15.303 1.00 48.63 ? 119  PHE A CZ  1 
ATOM   920  N  N   . GLU A 1 122 ? -6.195  -19.270 -12.186 1.00 38.48 ? 120  GLU A N   1 
ATOM   921  C  CA  . GLU A 1 122 ? -5.039  -19.095 -11.330 1.00 38.98 ? 120  GLU A CA  1 
ATOM   922  C  C   . GLU A 1 122 ? -5.318  -17.761 -10.640 1.00 37.66 ? 120  GLU A C   1 
ATOM   923  O  O   . GLU A 1 122 ? -5.792  -16.835 -11.283 1.00 35.35 ? 120  GLU A O   1 
ATOM   924  C  CB  . GLU A 1 122 ? -3.786  -18.952 -12.172 1.00 42.80 ? 120  GLU A CB  1 
ATOM   925  C  CG  . GLU A 1 122 ? -2.508  -19.169 -11.417 1.00 49.95 ? 120  GLU A CG  1 
ATOM   926  C  CD  . GLU A 1 122 ? -1.316  -19.267 -12.360 1.00 55.47 ? 120  GLU A CD  1 
ATOM   927  O  OE1 . GLU A 1 122 ? -1.391  -20.056 -13.336 1.00 56.72 ? 120  GLU A OE1 1 
ATOM   928  O  OE2 . GLU A 1 122 ? -0.309  -18.554 -12.122 1.00 57.28 ? 120  GLU A OE2 1 
ATOM   929  N  N   . LEU A 1 123 ? -5.032  -17.660 -9.347  1.00 36.27 ? 121  LEU A N   1 
ATOM   930  C  CA  . LEU A 1 123 ? -5.275  -16.411 -8.655  1.00 35.44 ? 121  LEU A CA  1 
ATOM   931  C  C   . LEU A 1 123 ? -4.100  -15.448 -8.845  1.00 34.53 ? 121  LEU A C   1 
ATOM   932  O  O   . LEU A 1 123 ? -2.958  -15.716 -8.434  1.00 37.18 ? 121  LEU A O   1 
ATOM   933  C  CB  . LEU A 1 123 ? -5.554  -16.700 -7.170  1.00 34.94 ? 121  LEU A CB  1 
ATOM   934  C  CG  . LEU A 1 123 ? -6.028  -15.579 -6.255  1.00 36.93 ? 121  LEU A CG  1 
ATOM   935  C  CD1 . LEU A 1 123 ? -7.314  -14.919 -6.773  1.00 34.98 ? 121  LEU A CD1 1 
ATOM   936  C  CD2 . LEU A 1 123 ? -6.273  -16.195 -4.878  1.00 39.19 ? 121  LEU A CD2 1 
ATOM   937  N  N   . VAL A 1 124 ? -4.371  -14.331 -9.510  1.00 32.38 ? 122  VAL A N   1 
ATOM   938  C  CA  . VAL A 1 124 ? -3.373  -13.296 -9.790  1.00 33.35 ? 122  VAL A CA  1 
ATOM   939  C  C   . VAL A 1 124 ? -3.194  -12.285 -8.648  1.00 32.49 ? 122  VAL A C   1 
ATOM   940  O  O   . VAL A 1 124 ? -2.070  -11.880 -8.293  1.00 31.53 ? 122  VAL A O   1 
ATOM   941  C  CB  . VAL A 1 124 ? -3.799  -12.522 -11.084 1.00 36.11 ? 122  VAL A CB  1 
ATOM   942  C  CG1 . VAL A 1 124 ? -2.847  -11.397 -11.397 1.00 39.14 ? 122  VAL A CG1 1 
ATOM   943  C  CG2 . VAL A 1 124 ? -3.901  -13.498 -12.238 1.00 42.15 ? 122  VAL A CG2 1 
ATOM   944  N  N   . ASP A 1 125 ? -4.307  -11.880 -8.053  1.00 29.95 ? 123  ASP A N   1 
ATOM   945  C  CA  . ASP A 1 125 ? -4.259  -10.882 -6.997  1.00 30.03 ? 123  ASP A CA  1 
ATOM   946  C  C   . ASP A 1 125 ? -5.647  -10.915 -6.378  1.00 27.31 ? 123  ASP A C   1 
ATOM   947  O  O   . ASP A 1 125 ? -6.534  -11.607 -6.873  1.00 26.71 ? 123  ASP A O   1 
ATOM   948  C  CB  . ASP A 1 125 ? -4.001  -9.525  -7.649  1.00 32.62 ? 123  ASP A CB  1 
ATOM   949  C  CG  . ASP A 1 125 ? -3.655  -8.425  -6.657  1.00 37.95 ? 123  ASP A CG  1 
ATOM   950  O  OD1 . ASP A 1 125 ? -3.445  -8.703  -5.458  1.00 40.22 ? 123  ASP A OD1 1 
ATOM   951  O  OD2 . ASP A 1 125 ? -3.590  -7.257  -7.110  1.00 44.25 ? 123  ASP A OD2 1 
ATOM   952  N  N   . HIS A 1 126 ? -5.836  -10.184 -5.290  1.00 27.39 ? 124  HIS A N   1 
ATOM   953  C  CA  . HIS A 1 126 ? -7.139  -10.121 -4.670  1.00 26.57 ? 124  HIS A CA  1 
ATOM   954  C  C   . HIS A 1 126 ? -7.187  -8.992  -3.676  1.00 28.54 ? 124  HIS A C   1 
ATOM   955  O  O   . HIS A 1 126 ? -6.143  -8.479  -3.198  1.00 26.98 ? 124  HIS A O   1 
ATOM   956  C  CB  . HIS A 1 126 ? -7.513  -11.419 -3.948  1.00 27.48 ? 124  HIS A CB  1 
ATOM   957  C  CG  . HIS A 1 126 ? -6.668  -11.716 -2.746  1.00 26.86 ? 124  HIS A CG  1 
ATOM   958  N  ND1 . HIS A 1 126 ? -5.459  -12.334 -2.867  1.00 29.66 ? 124  HIS A ND1 1 
ATOM   959  C  CD2 . HIS A 1 126 ? -6.916  -11.470 -1.436  1.00 25.38 ? 124  HIS A CD2 1 
ATOM   960  C  CE1 . HIS A 1 126 ? -4.988  -12.456 -1.641  1.00 28.92 ? 124  HIS A CE1 1 
ATOM   961  N  NE2 . HIS A 1 126 ? -5.831  -11.950 -0.737  1.00 28.84 ? 124  HIS A NE2 1 
ATOM   962  N  N   . ASN A 1 127 ? -8.416  -8.611  -3.364  1.00 25.48 ? 125  ASN A N   1 
ATOM   963  C  CA  . ASN A 1 127 ? -8.654  -7.570  -2.374  1.00 28.36 ? 125  ASN A CA  1 
ATOM   964  C  C   . ASN A 1 127 ? -9.805  -7.970  -1.477  1.00 25.39 ? 125  ASN A C   1 
ATOM   965  O  O   . ASN A 1 127 ? -10.900 -8.285  -1.960  1.00 27.48 ? 125  ASN A O   1 
ATOM   966  C  CB  . ASN A 1 127 ? -9.004  -6.255  -3.057  1.00 31.36 ? 125  ASN A CB  1 
ATOM   967  C  CG  . ASN A 1 127 ? -9.184  -5.141  -2.064  1.00 36.09 ? 125  ASN A CG  1 
ATOM   968  O  OD1 . ASN A 1 127 ? -10.235 -4.528  -2.001  1.00 43.35 ? 125  ASN A OD1 1 
ATOM   969  N  ND2 . ASN A 1 127 ? -8.149  -4.882  -1.274  1.00 38.67 ? 125  ASN A ND2 1 
ATOM   970  N  N   . LEU A 1 128 ? -9.574  -7.970  -0.176  1.00 26.89 ? 126  LEU A N   1 
ATOM   971  C  CA  . LEU A 1 128 ? -10.646 -8.308  0.764   1.00 25.05 ? 126  LEU A CA  1 
ATOM   972  C  C   . LEU A 1 128 ? -10.705 -7.227  1.842   1.00 24.53 ? 126  LEU A C   1 
ATOM   973  O  O   . LEU A 1 128 ? -9.702  -6.954  2.507   1.00 24.46 ? 126  LEU A O   1 
ATOM   974  C  CB  . LEU A 1 128 ? -10.397 -9.675  1.445   1.00 26.07 ? 126  LEU A CB  1 
ATOM   975  C  CG  . LEU A 1 128 ? -11.416 -9.985  2.554   1.00 27.52 ? 126  LEU A CG  1 
ATOM   976  C  CD1 . LEU A 1 128 ? -12.862 -10.142 1.981   1.00 28.75 ? 126  LEU A CD1 1 
ATOM   977  C  CD2 . LEU A 1 128 ? -10.992 -11.310 3.266   1.00 33.32 ? 126  LEU A CD2 1 
ATOM   978  N  N   . VAL A 1 129 ? -11.849 -6.563  1.966   1.00 22.93 ? 127  VAL A N   1 
ATOM   979  C  CA  . VAL A 1 129 ? -11.981 -5.548  3.029   1.00 23.93 ? 127  VAL A CA  1 
ATOM   980  C  C   . VAL A 1 129 ? -13.217 -5.905  3.823   1.00 23.56 ? 127  VAL A C   1 
ATOM   981  O  O   . VAL A 1 129 ? -14.284 -6.165  3.243   1.00 24.86 ? 127  VAL A O   1 
ATOM   982  C  CB  . VAL A 1 129 ? -12.141 -4.118  2.426   1.00 25.38 ? 127  VAL A CB  1 
ATOM   983  C  CG1 . VAL A 1 129 ? -12.353 -3.070  3.580   1.00 22.82 ? 127  VAL A CG1 1 
ATOM   984  C  CG2 . VAL A 1 129 ? -10.924 -3.766  1.603   1.00 29.15 ? 127  VAL A CG2 1 
ATOM   985  N  N   . LEU A 1 130 ? -13.093 -5.942  5.152   1.00 24.37 ? 128  LEU A N   1 
ATOM   986  C  CA  . LEU A 1 130 ? -14.245 -6.261  5.977   1.00 25.45 ? 128  LEU A CA  1 
ATOM   987  C  C   . LEU A 1 130 ? -14.591 -4.977  6.727   1.00 25.78 ? 128  LEU A C   1 
ATOM   988  O  O   . LEU A 1 130 ? -13.749 -4.452  7.428   1.00 28.85 ? 128  LEU A O   1 
ATOM   989  C  CB  . LEU A 1 130 ? -13.894 -7.370  6.979   1.00 24.83 ? 128  LEU A CB  1 
ATOM   990  C  CG  . LEU A 1 130 ? -13.466 -8.685  6.312   1.00 25.24 ? 128  LEU A CG  1 
ATOM   991  C  CD1 . LEU A 1 130 ? -13.171 -9.718  7.403   1.00 27.00 ? 128  LEU A CD1 1 
ATOM   992  C  CD2 . LEU A 1 130 ? -14.552 -9.162  5.370   1.00 25.48 ? 128  LEU A CD2 1 
ATOM   993  N  N   . TYR A 1 131 ? -15.798 -4.456  6.525   1.00 24.67 ? 129  TYR A N   1 
ATOM   994  C  CA  . TYR A 1 131 ? -16.186 -3.224  7.198   1.00 26.39 ? 129  TYR A CA  1 
ATOM   995  C  C   . TYR A 1 131 ? -16.844 -3.662  8.474   1.00 27.22 ? 129  TYR A C   1 
ATOM   996  O  O   . TYR A 1 131 ? -17.752 -4.478  8.445   1.00 30.63 ? 129  TYR A O   1 
ATOM   997  C  CB  . TYR A 1 131 ? -17.138 -2.393  6.336   1.00 25.54 ? 129  TYR A CB  1 
ATOM   998  C  CG  . TYR A 1 131 ? -16.463 -1.913  5.056   1.00 26.53 ? 129  TYR A CG  1 
ATOM   999  C  CD1 . TYR A 1 131 ? -15.643 -0.778  5.055   1.00 29.21 ? 129  TYR A CD1 1 
ATOM   1000 C  CD2 . TYR A 1 131 ? -16.611 -2.629  3.865   1.00 27.84 ? 129  TYR A CD2 1 
ATOM   1001 C  CE1 . TYR A 1 131 ? -14.984 -0.361  3.890   1.00 28.48 ? 129  TYR A CE1 1 
ATOM   1002 C  CE2 . TYR A 1 131 ? -15.938 -2.212  2.680   1.00 28.97 ? 129  TYR A CE2 1 
ATOM   1003 C  CZ  . TYR A 1 131 ? -15.143 -1.083  2.721   1.00 29.91 ? 129  TYR A CZ  1 
ATOM   1004 O  OH  . TYR A 1 131 ? -14.514 -0.651  1.574   1.00 36.19 ? 129  TYR A OH  1 
ATOM   1005 N  N   . VAL A 1 132 ? -16.385 -3.105  9.588   1.00 28.70 ? 130  VAL A N   1 
ATOM   1006 C  CA  . VAL A 1 132 ? -16.894 -3.556  10.879  1.00 27.51 ? 130  VAL A CA  1 
ATOM   1007 C  C   . VAL A 1 132 ? -17.292 -2.462  11.856  1.00 29.33 ? 130  VAL A C   1 
ATOM   1008 O  O   . VAL A 1 132 ? -17.003 -1.280  11.666  1.00 28.68 ? 130  VAL A O   1 
ATOM   1009 C  CB  . VAL A 1 132 ? -15.856 -4.454  11.542  1.00 25.73 ? 130  VAL A CB  1 
ATOM   1010 C  CG1 . VAL A 1 132 ? -15.548 -5.683  10.630  1.00 26.34 ? 130  VAL A CG1 1 
ATOM   1011 C  CG2 . VAL A 1 132 ? -14.576 -3.641  11.839  1.00 25.81 ? 130  VAL A CG2 1 
ATOM   1012 N  N   . ARG A 1 133 ? -17.951 -2.890  12.926  1.00 32.51 ? 131  ARG A N   1 
ATOM   1013 C  CA  . ARG A 1 133 ? -18.373 -1.955  13.974  1.00 35.93 ? 131  ARG A CA  1 
ATOM   1014 C  C   . ARG A 1 133 ? -18.253 -2.740  15.284  1.00 38.50 ? 131  ARG A C   1 
ATOM   1015 O  O   . ARG A 1 133 ? -18.553 -3.917  15.303  1.00 37.40 ? 131  ARG A O   1 
ATOM   1016 C  CB  . ARG A 1 133 ? -19.824 -1.531  13.737  1.00 38.35 ? 131  ARG A CB  1 
ATOM   1017 C  CG  . ARG A 1 133 ? -20.382 -0.641  14.864  1.00 43.53 ? 131  ARG A CG  1 
ATOM   1018 C  CD  . ARG A 1 133 ? -21.751 -0.085  14.527  1.00 44.82 ? 131  ARG A CD  1 
ATOM   1019 N  NE  . ARG A 1 133 ? -21.697 1.013   13.565  1.00 46.76 ? 131  ARG A NE  1 
ATOM   1020 C  CZ  . ARG A 1 133 ? -22.415 1.057   12.444  1.00 48.66 ? 131  ARG A CZ  1 
ATOM   1021 N  NH1 . ARG A 1 133 ? -23.237 0.053   12.146  1.00 46.37 ? 131  ARG A NH1 1 
ATOM   1022 N  NH2 . ARG A 1 133 ? -22.334 2.114   11.634  1.00 47.82 ? 131  ARG A NH2 1 
ATOM   1023 N  N   . LYS A 1 134 ? -17.778 -2.109  16.358  1.00 42.71 ? 132  LYS A N   1 
ATOM   1024 C  CA  . LYS A 1 134 ? -17.641 -2.808  17.639  1.00 47.02 ? 132  LYS A CA  1 
ATOM   1025 C  C   . LYS A 1 134 ? -19.017 -3.273  18.098  1.00 49.81 ? 132  LYS A C   1 
ATOM   1026 O  O   . LYS A 1 134 ? -19.971 -2.488  18.097  1.00 51.15 ? 132  LYS A O   1 
ATOM   1027 C  CB  . LYS A 1 134 ? -17.011 -1.883  18.691  1.00 47.63 ? 132  LYS A CB  1 
ATOM   1028 N  N   . LYS A 1 135 ? -19.120 -4.550  18.475  1.00 52.61 ? 133  LYS A N   1 
ATOM   1029 C  CA  . LYS A 1 135 ? -20.387 -5.125  18.930  1.00 55.53 ? 133  LYS A CA  1 
ATOM   1030 C  C   . LYS A 1 135 ? -20.850 -4.359  20.154  1.00 57.44 ? 133  LYS A C   1 
ATOM   1031 O  O   . LYS A 1 135 ? -22.041 -4.323  20.468  1.00 58.33 ? 133  LYS A O   1 
ATOM   1032 C  CB  . LYS A 1 135 ? -20.211 -6.600  19.274  1.00 55.37 ? 133  LYS A CB  1 
ATOM   1033 N  N   . LYS A 1 136 ? -19.888 -3.740  20.831  1.00 59.38 ? 134  LYS A N   1 
ATOM   1034 C  CA  . LYS A 1 136 ? -20.159 -2.949  22.021  1.00 61.67 ? 134  LYS A CA  1 
ATOM   1035 C  C   . LYS A 1 136 ? -20.667 -1.559  21.620  1.00 62.82 ? 134  LYS A C   1 
ATOM   1036 O  O   . LYS A 1 136 ? -21.907 -1.357  21.676  1.00 63.74 ? 134  LYS A O   1 
ATOM   1037 C  CB  . LYS A 1 136 ? -18.886 -2.828  22.859  1.00 62.21 ? 134  LYS A CB  1 
ATOM   1038 O  OXT . LYS A 1 136 ? -19.830 -0.703  21.234  1.00 62.37 ? 134  LYS A OXT 1 
HETATM 1039 ZN ZN  . ZN  B 2 .   ? -5.894  -12.046 1.421   1.00 32.17 ? 201  ZN  A ZN  1 
HETATM 1040 ZN ZN  . ZN  C 2 .   ? -2.492  -2.483  5.000   1.00 31.30 ? 202  ZN  A ZN  1 
HETATM 1041 ZN ZN  . ZN  D 2 .   ? -9.977  9.997   4.831   1.00 26.38 ? 203  ZN  A ZN  1 
HETATM 1042 ZN ZN  . ZN  E 2 .   ? -12.864 -22.117 5.313   0.50 24.59 ? 204  ZN  A ZN  1 
HETATM 1043 O  O   . HOH F 3 .   ? -3.485  10.160  -0.624  1.00 21.53 ? 1001 HOH A O   1 
HETATM 1044 O  O   . HOH F 3 .   ? -8.921  5.668   3.083   1.00 26.10 ? 1002 HOH A O   1 
HETATM 1045 O  O   . HOH F 3 .   ? -20.575 5.418   10.190  1.00 31.62 ? 1003 HOH A O   1 
HETATM 1046 O  O   . HOH F 3 .   ? -9.878  7.591   7.859   1.00 29.55 ? 1004 HOH A O   1 
HETATM 1047 O  O   . HOH F 3 .   ? -7.624  -4.916  1.683   1.00 35.31 ? 1005 HOH A O   1 
HETATM 1048 O  O   . HOH F 3 .   ? -6.951  -7.679  0.483   1.00 34.12 ? 1006 HOH A O   1 
HETATM 1049 O  O   . HOH F 3 .   ? -5.407  -16.585 -1.542  1.00 33.74 ? 1007 HOH A O   1 
HETATM 1050 O  O   . HOH F 3 .   ? -15.119 4.893   7.532   1.00 32.96 ? 1008 HOH A O   1 
HETATM 1051 O  O   . HOH F 3 .   ? -4.256  12.503  4.904   1.00 34.54 ? 1009 HOH A O   1 
HETATM 1052 O  O   . HOH F 3 .   ? -3.770  -19.900 -7.629  1.00 42.15 ? 1010 HOH A O   1 
HETATM 1053 O  O   . HOH F 3 .   ? -2.420  -6.676  -4.871  1.00 42.18 ? 1011 HOH A O   1 
HETATM 1054 O  O   . HOH F 3 .   ? -12.601 -28.775 0.072   1.00 51.75 ? 1012 HOH A O   1 
HETATM 1055 O  O   . HOH F 3 .   ? -0.143  -2.187  -7.430  1.00 48.81 ? 1013 HOH A O   1 
HETATM 1056 O  O   . HOH F 3 .   ? 7.373   -0.513  8.316   1.00 53.95 ? 1014 HOH A O   1 
HETATM 1057 O  O   . HOH F 3 .   ? -6.014  3.223   11.035  1.00 37.22 ? 1015 HOH A O   1 
HETATM 1058 O  O   . HOH F 3 .   ? -10.260 8.230   10.642  1.00 42.46 ? 1016 HOH A O   1 
HETATM 1059 O  O   . HOH F 3 .   ? -16.742 0.667   15.982  1.00 45.59 ? 1017 HOH A O   1 
HETATM 1060 O  O   . HOH F 3 .   ? -3.188  -0.448  -6.370  1.00 31.15 ? 1018 HOH A O   1 
HETATM 1061 O  O   . HOH F 3 .   ? -9.986  4.852   7.133   1.00 44.27 ? 1019 HOH A O   1 
HETATM 1062 O  O   . HOH F 3 .   ? -8.405  5.862   -4.537  1.00 50.01 ? 1020 HOH A O   1 
HETATM 1063 O  O   . HOH F 3 .   ? -9.550  0.254   -1.763  1.00 45.97 ? 1021 HOH A O   1 
HETATM 1064 O  O   . HOH F 3 .   ? -15.319 2.852   5.847   1.00 36.27 ? 1022 HOH A O   1 
HETATM 1065 O  O   . HOH F 3 .   ? 1.189   15.286  -8.889  1.00 40.95 ? 1023 HOH A O   1 
HETATM 1066 O  O   . HOH F 3 .   ? 7.126   -3.130  -2.547  1.00 41.14 ? 1024 HOH A O   1 
HETATM 1067 O  O   . HOH F 3 .   ? 1.178   3.447   4.148   1.00 54.01 ? 1025 HOH A O   1 
HETATM 1068 O  O   . HOH F 3 .   ? -4.492  4.606   -9.580  1.00 64.16 ? 1026 HOH A O   1 
HETATM 1069 O  O   . HOH F 3 .   ? 9.075   18.337  -5.986  1.00 48.20 ? 1027 HOH A O   1 
HETATM 1070 O  O   . HOH F 3 .   ? 9.620   17.702  1.334   1.00 55.76 ? 1028 HOH A O   1 
HETATM 1071 O  O   . HOH F 3 .   ? 5.423   19.096  -10.111 1.00 71.08 ? 1029 HOH A O   1 
HETATM 1072 O  O   . HOH F 3 .   ? 17.945  12.681  -8.486  1.00 56.75 ? 1030 HOH A O   1 
HETATM 1073 O  O   . HOH F 3 .   ? 15.195  15.789  -2.390  1.00 60.89 ? 1031 HOH A O   1 
HETATM 1074 O  O   . HOH F 3 .   ? -16.307 1.253   13.535  1.00 48.60 ? 1032 HOH A O   1 
HETATM 1075 O  O   . HOH F 3 .   ? 20.560  11.256  -14.933 1.00 65.68 ? 1033 HOH A O   1 
HETATM 1076 O  O   . HOH F 3 .   ? -0.996  4.639   -10.052 1.00 73.96 ? 1034 HOH A O   1 
HETATM 1077 O  O   . HOH F 3 .   ? 7.000   22.322  -0.119  1.00 45.84 ? 1035 HOH A O   1 
HETATM 1078 O  O   . HOH F 3 .   ? -3.586  -3.666  12.432  1.00 52.02 ? 1036 HOH A O   1 
HETATM 1079 O  O   . HOH F 3 .   ? -6.284  11.438  -8.447  1.00 56.93 ? 1037 HOH A O   1 
HETATM 1080 O  O   . HOH F 3 .   ? 8.532   9.764   -15.096 1.00 41.12 ? 1038 HOH A O   1 
HETATM 1081 O  O   . HOH F 3 .   ? -16.560 -20.813 -6.876  1.00 58.78 ? 1039 HOH A O   1 
HETATM 1082 O  O   . HOH F 3 .   ? 14.520  1.375   3.438   1.00 47.59 ? 1040 HOH A O   1 
HETATM 1083 O  O   . HOH F 3 .   ? -4.505  7.087   5.980   1.00 49.99 ? 1041 HOH A O   1 
HETATM 1084 O  O   . HOH F 3 .   ? -3.314  -5.217  0.883   1.00 48.23 ? 1042 HOH A O   1 
HETATM 1085 O  O   . HOH F 3 .   ? 1.725   13.472  -13.987 1.00 46.12 ? 1043 HOH A O   1 
HETATM 1086 O  O   . HOH F 3 .   ? -16.307 6.226   5.144   1.00 42.03 ? 1044 HOH A O   1 
HETATM 1087 O  O   . HOH F 3 .   ? 13.086  9.495   3.409   1.00 48.96 ? 1045 HOH A O   1 
HETATM 1088 O  O   . HOH F 3 .   ? -0.148  -16.558 -9.206  1.00 56.66 ? 1046 HOH A O   1 
HETATM 1089 O  O   . HOH F 3 .   ? -7.055  -13.356 4.753   1.00 39.70 ? 1047 HOH A O   1 
HETATM 1090 O  O   . HOH F 3 .   ? 22.739  0.422   -6.832  1.00 60.62 ? 1048 HOH A O   1 
HETATM 1091 O  O   . HOH F 3 .   ? -16.464 -19.455 -14.055 1.00 61.06 ? 1049 HOH A O   1 
HETATM 1092 O  O   . HOH F 3 .   ? -1.972  14.383  6.988   1.00 55.73 ? 1050 HOH A O   1 
HETATM 1093 O  O   . HOH F 3 .   ? 3.110   12.152  8.387   1.00 37.75 ? 1051 HOH A O   1 
HETATM 1094 O  O   . HOH F 3 .   ? -5.553  -0.271  14.041  1.00 46.55 ? 1052 HOH A O   1 
HETATM 1095 O  O   . HOH F 3 .   ? -7.002  -1.932  -3.411  1.00 59.32 ? 1053 HOH A O   1 
HETATM 1096 O  O   . HOH F 3 .   ? 3.852   22.665  3.274   1.00 52.16 ? 1054 HOH A O   1 
HETATM 1097 O  O   . HOH F 3 .   ? -7.675  4.998   5.497   1.00 30.70 ? 1055 HOH A O   1 
HETATM 1098 O  O   . HOH F 3 .   ? 0.688   17.373  -10.839 1.00 53.94 ? 1056 HOH A O   1 
HETATM 1099 O  O   . HOH F 3 .   ? -4.337  -11.739 11.296  1.00 44.86 ? 1057 HOH A O   1 
HETATM 1100 O  O   . HOH F 3 .   ? -2.321  1.167   -12.071 1.00 43.44 ? 1058 HOH A O   1 
HETATM 1101 O  O   . HOH F 3 .   ? -17.136 4.375   3.952   1.00 52.58 ? 1059 HOH A O   1 
HETATM 1102 O  O   . HOH F 3 .   ? -0.641  -6.506  1.859   1.00 41.23 ? 1060 HOH A O   1 
HETATM 1103 O  O   . HOH F 3 .   ? 7.682   -4.626  -4.296  1.00 49.57 ? 1061 HOH A O   1 
HETATM 1104 O  O   . HOH F 3 .   ? -11.434 -27.298 2.544   1.00 59.07 ? 1062 HOH A O   1 
HETATM 1105 O  O   . HOH F 3 .   ? 11.446  21.734  5.017   1.00 54.79 ? 1063 HOH A O   1 
HETATM 1106 O  O   . HOH F 3 .   ? -11.768 2.549   16.024  1.00 46.13 ? 1064 HOH A O   1 
HETATM 1107 O  O   . HOH F 3 .   ? -10.340 10.566  11.236  1.00 56.67 ? 1065 HOH A O   1 
HETATM 1108 O  O   . HOH F 3 .   ? 21.397  -2.102  -6.558  1.00 55.39 ? 1066 HOH A O   1 
HETATM 1109 O  O   . HOH F 3 .   ? -17.124 -21.984 -4.455  1.00 57.58 ? 1067 HOH A O   1 
HETATM 1110 O  O   . HOH F 3 .   ? 8.945   20.540  -7.024  1.00 60.52 ? 1068 HOH A O   1 
HETATM 1111 O  O   . HOH F 3 .   ? 13.995  3.599   4.739   1.00 46.95 ? 1069 HOH A O   1 
HETATM 1112 O  O   . HOH F 3 .   ? -18.608 2.376   16.781  1.00 47.68 ? 1070 HOH A O   1 
HETATM 1113 O  O   . HOH F 3 .   ? -0.492  19.021  -12.355 1.00 47.64 ? 1071 HOH A O   1 
HETATM 1114 O  O   . HOH F 3 .   ? 5.924   16.201  -10.381 1.00 49.26 ? 1072 HOH A O   1 
HETATM 1115 O  O   . HOH F 3 .   ? -2.984  -1.484  10.669  1.00 61.02 ? 1073 HOH A O   1 
HETATM 1116 O  O   . HOH F 3 .   ? 12.852  9.486   -14.027 1.00 66.70 ? 1074 HOH A O   1 
HETATM 1117 O  O   . HOH F 3 .   ? -12.078 -2.276  -1.403  1.00 57.51 ? 1075 HOH A O   1 
HETATM 1118 O  O   . HOH F 3 .   ? -1.505  4.763   8.734   1.00 49.51 ? 1076 HOH A O   1 
HETATM 1119 O  O   . HOH F 3 .   ? 19.970  4.555   -2.969  1.00 51.35 ? 1077 HOH A O   1 
HETATM 1120 O  O   . HOH F 3 .   ? -3.554  -0.763  -10.976 1.00 46.71 ? 1078 HOH A O   1 
HETATM 1121 O  O   . HOH F 3 .   ? -11.486 -30.060 2.238   1.00 70.45 ? 1079 HOH A O   1 
HETATM 1122 O  O   . HOH F 3 .   ? -11.096 -0.221  0.448   1.00 53.56 ? 1080 HOH A O   1 
HETATM 1123 O  O   . HOH F 3 .   ? -3.786  -13.076 -4.531  1.00 32.67 ? 1081 HOH A O   1 
HETATM 1124 O  O   . HOH F 3 .   ? -3.719  -9.184  -2.145  1.00 44.55 ? 1082 HOH A O   1 
HETATM 1125 O  O   . HOH F 3 .   ? -15.149 -22.648 -7.829  1.00 57.71 ? 1083 HOH A O   1 
HETATM 1126 O  O   . HOH F 3 .   ? -4.199  10.080  6.950   1.00 55.06 ? 1084 HOH A O   1 
HETATM 1127 O  O   . HOH F 3 .   ? -13.897 1.884   1.239   1.00 52.32 ? 1085 HOH A O   1 
HETATM 1128 O  O   . HOH F 3 .   ? -8.125  -12.563 1.260   1.00 30.36 ? 1086 HOH A O   1 
HETATM 1129 O  O   . HOH F 3 .   ? -3.837  13.206  0.492   1.00 12.50 ? 1087 HOH A O   1 
HETATM 1130 O  O   . HOH F 3 .   ? -12.773 -19.930 4.327   0.50 6.47  ? 1088 HOH A O   1 
HETATM 1131 O  O   . HOH F 3 .   ? 2.406   -3.246  4.318   1.00 34.68 ? 1089 HOH A O   1 
HETATM 1132 O  O   . HOH F 3 .   ? 13.444  0.797   -0.124  1.00 67.22 ? 1090 HOH A O   1 
HETATM 1133 O  O   . HOH F 3 .   ? -0.612  -7.217  -2.782  1.00 59.74 ? 1091 HOH A O   1 
HETATM 1134 O  O   . HOH F 3 .   ? 3.315   -1.324  3.428   1.00 56.45 ? 1092 HOH A O   1 
HETATM 1135 O  O   . HOH F 3 .   ? 11.425  11.436  -10.196 1.00 49.87 ? 1093 HOH A O   1 
HETATM 1136 O  O   . HOH F 3 .   ? 6.157   -2.433  7.213   1.00 53.20 ? 1094 HOH A O   1 
HETATM 1137 O  O   . HOH F 3 .   ? 0.344   15.592  -13.644 1.00 42.67 ? 1095 HOH A O   1 
HETATM 1138 O  O   . HOH F 3 .   ? 6.651   13.786  -11.139 1.00 54.15 ? 1096 HOH A O   1 
HETATM 1139 O  O   . HOH F 3 .   ? -4.139  -26.808 -5.765  1.00 50.66 ? 1097 HOH A O   1 
HETATM 1140 O  O   . HOH F 3 .   ? -3.454  -20.363 3.345   1.00 50.10 ? 1098 HOH A O   1 
HETATM 1141 O  O   . HOH F 3 .   ? -1.933  -10.273 -3.718  1.00 58.15 ? 1099 HOH A O   1 
HETATM 1142 O  O   . HOH F 3 .   ? -16.357 3.969   1.465   1.00 59.54 ? 1100 HOH A O   1 
HETATM 1143 O  O   . HOH F 3 .   ? -8.014  3.143   -4.517  1.00 61.64 ? 1101 HOH A O   1 
HETATM 1144 O  O   . HOH F 3 .   ? -20.519 0.679   18.269  1.00 57.29 ? 1102 HOH A O   1 
HETATM 1145 O  O   . HOH F 3 .   ? 18.136  17.273  -3.000  1.00 61.24 ? 1103 HOH A O   1 
HETATM 1146 O  O   . HOH F 3 .   ? 0.369   -12.839 -8.765  1.00 56.44 ? 1104 HOH A O   1 
HETATM 1147 O  O   . HOH F 3 .   ? -2.521  -14.275 10.810  1.00 60.42 ? 1105 HOH A O   1 
HETATM 1148 O  O   . HOH F 3 .   ? -9.173  -24.672 1.040   1.00 60.17 ? 1106 HOH A O   1 
HETATM 1149 O  O   . HOH F 3 .   ? 9.289   12.586  9.551   1.00 51.41 ? 1107 HOH A O   1 
HETATM 1150 O  O   . HOH F 3 .   ? 11.407  16.801  -6.282  1.00 49.01 ? 1108 HOH A O   1 
HETATM 1151 O  O   . HOH F 3 .   ? -2.366  15.865  -15.393 1.00 57.29 ? 1109 HOH A O   1 
HETATM 1152 O  O   . HOH F 3 .   ? -4.776  -6.012  -4.754  1.00 63.67 ? 1110 HOH A O   1 
HETATM 1153 O  O   . HOH F 3 .   ? 0.447   12.912  8.952   1.00 52.59 ? 1111 HOH A O   1 
HETATM 1154 O  O   . HOH F 3 .   ? 8.143   12.367  -14.771 1.00 67.26 ? 1112 HOH A O   1 
HETATM 1155 O  O   . HOH F 3 .   ? -7.328  7.036   8.293   1.00 65.06 ? 1113 HOH A O   1 
HETATM 1156 O  O   . HOH F 3 .   ? -9.345  -23.265 3.437   1.00 53.90 ? 1114 HOH A O   1 
HETATM 1157 O  O   . HOH F 3 .   ? -6.164  -3.985  -4.612  1.00 58.57 ? 1115 HOH A O   1 
HETATM 1158 O  O   . HOH F 3 .   ? -14.480 0.596   16.285  1.00 51.75 ? 1116 HOH A O   1 
HETATM 1159 O  O   . HOH F 3 .   ? 9.504   12.989  -10.298 1.00 64.11 ? 1117 HOH A O   1 
HETATM 1160 O  O   . HOH F 3 .   ? 3.853   0.899   4.017   1.00 47.44 ? 1118 HOH A O   1 
HETATM 1161 O  O   . HOH F 3 .   ? -10.970 -30.322 -3.299  1.00 61.37 ? 1119 HOH A O   1 
HETATM 1162 O  O   . HOH F 3 .   ? 5.866   13.098  -13.641 1.00 62.29 ? 1120 HOH A O   1 
HETATM 1163 O  O   . HOH F 3 .   ? 1.693   -7.468  0.759   1.00 54.50 ? 1121 HOH A O   1 
HETATM 1164 O  O   . HOH F 3 .   ? 3.424   -5.924  -6.863  1.00 52.51 ? 1122 HOH A O   1 
HETATM 1165 O  O   . HOH F 3 .   ? -24.308 -4.466  18.734  1.00 65.86 ? 1123 HOH A O   1 
HETATM 1166 O  O   . HOH F 3 .   ? -2.283  -0.206  -8.692  1.00 65.60 ? 1124 HOH A O   1 
HETATM 1167 O  O   . HOH F 3 .   ? -6.628  -13.089 11.219  1.00 66.12 ? 1125 HOH A O   1 
HETATM 1168 O  O   . HOH F 3 .   ? -18.024 -18.566 -16.025 1.00 64.68 ? 1136 HOH A O   1 
# 
